data_8RCN
#
_entry.id   8RCN
#
_cell.length_a   1.00
_cell.length_b   1.00
_cell.length_c   1.00
_cell.angle_alpha   90.00
_cell.angle_beta   90.00
_cell.angle_gamma   90.00
#
_symmetry.space_group_name_H-M   'P 1'
#
loop_
_entity.id
_entity.type
_entity.pdbx_description
1 polymer 'Serine/threonine-protein kinase mTOR'
2 polymer 'Regulatory-associated protein of mTOR'
3 polymer 'Eukaryotic translation initiation factor 4E-binding protein 1'
4 non-polymer 'PHOSPHOAMINOPHOSPHONIC ACID-ADENYLATE ESTER'
5 non-polymer 'MAGNESIUM ION'
#
loop_
_entity_poly.entity_id
_entity_poly.type
_entity_poly.pdbx_seq_one_letter_code
_entity_poly.pdbx_strand_id
1 'polypeptide(L)'
;MLGTGPAAATTAATTSSNVSVLQQFASGLKSRNEETRAKAAKELQHYVTMELREMSQEESTRFYDQLNHHIFELVSSSDA
NERKGGILAIASLIGVEGGNATRIGRFANYLRNLLPSNDPVVMEMASKAIGRLAMAGDTFTAEYVEFEVKRALEWLGADR
NEGRRHAAVLVLRELAISVPTFFFQQVQPFFDNIFVAVWDPKQAIREGAVAALRACLILTTQREPKEMQKPQWYRHTFEE
AEKGFDETLAKEKGMNRDDRIHGALLILNELVRISSMEGERLREEMEEITQQQLVHDKYCKDLMGFGTKPRHITPFTSFQ
AVQPQQSNALVGLLGYSSHQGLMGFGTSPSPAKSTLVESRCCRDLMEEKFDQVCQWVLKCRNSKNSLIQMTILNLLPRLA
AFRPSAFTDTQYLQDTMNHVLSCVKKEKERTAAFQALGLLSVAVRSEFKVYLPRVLDIIRAALPPKDFAHKRQKAMQVDA
TVFTCISMLARAMGPGIQQDIKELLEPMLAVGLSPALTAVLYDLSRQIPQLKKDIQDGLLKMLSLVLMHKPLRHPGMPKG
LAHQLASPGLTTLPEASDVGSITLALRTLGSFEFEGHSLTQFVRHCADHFLNSEHKEIRMEAARTCSRLLTPSIHLISGH
AHVVSQTAVQVVADVLSKLLVVGITDPDPDIRYCVLASLDERFDAHLAQAENLQALFVALNDQVFEIRELAICTVGRLSS
MNPAFVMPFLRKMLIQILTELEHSGIGRIKEQSARMLGHLVSNAPRLIRPYMEPILKALILKLKDPDPDPNPGVINNVLA
TIGELAQVSGLEMRKWVDELFIIIMDMLQDSSLLAKRQVALWTLGQLVASTGYVVEPYRKYPTLLEVLLNFLKTEQNQGT
RREAIRVLGLLGALDPYKHKVNIGMIDQSRDASAVSLSESKSSQDSSDYSTSEMLVNMGNLPLDEFYPAVSMVALMRIFR
DQSLSHHHTMVVQAITFIFKSLGLKCVQFLPQVMPTFLNVIRVCDGAIREFLFQQLGMLVSFVKSHIRPYMDEIVTLMRE
FWVMNTSIQSTIILLIEQIVVALGGEFKLYLPQLIPHMLRVFMHDNSPGRIVSIKLLAAIQLFGANLDDYLHLLLPPIVK
LFDAPEAPLPSRKAALETVDRLTESLDFTDYASRIIHPIVRTLDQSPELRSTAMDTLSSLVFQLGKKYQIFIPMVNKVLV
RHRINHQRYDVLICRIVKGYTLADEEEDPLIYQHRMLRSGQGDALASGPVETGPMKKLHVSTINLQKAWGAARRVSKDDW
LEWLRRLSLELLKDSSSPSLRSCWALAQAYNPMARDLFNAAFVSCWSELNEDQQDELIRSIELALTSQDIAEVTQTLLNL
AEFMEHSDKGPLPLRDDNGIVLLGERAAKCRAYAKALHYKELEFQKGPTPAILESLISINNKLQQPEAAAGVLEYAMKHF
GELEIQATWYEKLHEWEDALVAYDKKMDTNKDDPELMLGRMRCLEALGEWGQLHQQCCEKWTLVNDETQAKMARMAAAAA
WGLGQWDSMEEYTCMIPRDTHDGAFYRAVLALHQDLFSLAQQCIDKARDLLDAELTAMAGESYSRAYGAMVSCHMLSELE
EVIQYKLVPERREIIRQIWWERLQGCQRIVEDWQKILMVRSLVVSPHEDMRTWLKYASLCGKSGRLALAHKTLVLLLGVD
PSRQLDHPLPTVHPQVTYAYMKNMWKSARKIDAFQHMQHFVQTMQQQAQHAIATEDQQHKQELHKLMARCFLKLGEWQLN
LQGINESTIPKVLQYYSAATEHDRSWYKAWHAWAVMNFEAVLHYKHQNQARDEKKKLRHASGANITNATTAATTAATATT
TASTEGSNSESEAESTENSPTPSPLQKKVTEDLSKTLLMYTVPAVQGFFRSISLSRGNNLQDTLRVLTLWFDYGHWPDVN
EALVEGVKAIQIDTWLQVIPQLIARIDTPRPLVGRLIHQLLTDIGRYHPQALIYPLTVASKSTTTARHNAANKILKNMCE
HSNTLVQQAMMVSEELIRVAILWHEMWHEGLEEASRLYFGERNVKGMFEVLEPLHAMMERGPQTLKETSFNQAYGRDLME
AQEWCRKYMKSGNVKDLTQAWDLYYHVFRRISKQLPQLTSLELQYVSPKLLMCRDLELAVPGTYDPNQPIIRIQSIAPSL
QVITSKQRPRKLTLMGSNGHEFVFLLKGHEDLRQDERVMQLFGLVNTLLANDPTSLRKNLSIQRYAVIPLSTNSGLIGWV
PHCDTLHALIRDYREKKKILLNIEHRIMLRMAPDYDHLTLMQKVEVFEHAVNNTAGDDLAKLLWLKSPSSEVWFDRRTNY
TRSLAVMSMVGYILGLGDRHPSNLMLDRLSGKILHIDFGDCFEVAMTREKFPEKIPFRLTRMLTNAMEVTGLDGNYRITC
HTVMEVLREHKDSVMAVLEAFVYDPLLNWRLMDTNTKGNKRSRTRTDSYSAGQSVEILDGVELGEPAHKKTGTTVPESIH
SFIGDGLVKPEALNKKAIQIINRVRDKLTGRDFSHDDTLDVPTQVELLIKQATSHENLCQCYIGWCPFW
;
B
2 'polypeptide(L)'
;MESEMLQSPLLGLGEEDEADLTDWNLPLAFMKKRHCEKIEGSKSLAQSWRMKDRMKTVSVALVLCLNVGVDPPDVVKTTP
CARLECWIDPLSMGPQKALETIGANLQKQYENWQPRARYKQSLDPTVDEVKKLCTSLRRNAKEERVLFHYNGHGVPRPTV
NGEVWVFNKNYTQYIPLSIYDLQTWMGSPSIFVYDCSNAGLIVKSFKQFALQREQELEVAAINPNHPLAQMPLPPSMKNC
IQLAACEATELLPMIPDLPADLFTSCLTTPIKIALRWFCMQKCVSLVPGVTLDLIEKIPGRLNDRRTPLGELNWIFTAIT
DTIAWNVLPRDLFQKLFRQDLLVASLFRNFLLAERIMRSYNCTPVSSPRLPPTYMHAMWQAWDLAVDICLSQLPTIIEEG
TAFRHSPFFAEQLTAFQVWLTMGVENRNPPEQLPIVLQVLLSQVHRLRALDLLGRFLDLGPWAVSLALSVGIFPYVLKLL
QSSARELRPLLVFIWAKILAVDSSCQADLVKDNGHKYFLSVLADPYMPAEHRTMTAFILAVIVNSYHTGQEACLQGNLIA
ICLEQLNDPHPLLRQWVAICLGRIWQNFDSARWCGVRDSAHEKLYSLLSDPIPEVRCAAVFALGTFVGNSAERTDHSTTI
DHNVAMMLAQLVSDGSPMVRKELVVALSHLVVQYESNFCTVALQFIEEEKNYALPSPATTEGGSLTPVRDSPCTPRLRSV
SSYGNIRAVATARSLNKSLQNLSLTEESGGAVAFSPGNLSTSSSASSTLGSPENEEHILSFETIDKMRRASSYSSLNSLI
GVSFNSVYTQIWRVLLHLAADPYPEVSDVAMKVLNSIAYKATVNARPQRVLDTSSLTQSAPASPTNKGVHIHQAGGSPPA
SSTSSSSLTNDVAKQPVSRDLPSGRPGTTGPAGAQYTPHSHQFPRTRKMFDKGPEQTADDADDAAGHKSFISATVQTGFC
DWSARYFAQPVMKIPEEHDLESQIRKEREWRFLRNSRVRRQAQQVIQKGITRLDDQIFLNRNPGVPSVVKFHPFTPCIAV
ADKDSICFWDWEKGEKLDYFHNGNPRYTRVTAMEYLNGQDCSLLLTATDDGAIRVWKNFADLEKNPEMVTAWQGLSDMLP
TTRGAGMVVDWEQETGLLMSSGDVRIVRIWDTDREMKVQDIPTGADSCVTSLSCDSHRSLIVAGLGDGSIRVYDRRMALS
ECRVMTYREHTAWVVKASLQKRPDGHIVSVSVNGDVRIFDPRMPESVNVLQIVKGLTALDIHPQADLIACGSVNQFTAIY
NSSGELINNIKYYDGFMGQRVGAISCLAFHPHWPHLAVGSNDYYISVYSVEKRVR
;
Y
3 'polypeptide(L)'
;MSGGSSCSQTPSRAIPATRRVVLGDGVQLPPGDYSTTPGGTLFSTTPGGTRIIYDRKFLMECRNSPVTKTPPRDLPTIPG
VTSPSSDEPPMEASQSHLRNSPEDKRAGGEESQFEMDI
;
X
#
# COMPACT_ATOMS: atom_id res chain seq x y z
N ILE A 775 -30.08 30.74 -40.11
CA ILE A 775 -30.82 29.47 -40.32
C ILE A 775 -30.33 28.48 -39.26
N LEU A 776 -29.02 28.21 -39.28
CA LEU A 776 -28.45 27.21 -38.38
C LEU A 776 -28.77 27.52 -36.92
N LYS A 777 -28.69 28.79 -36.52
CA LYS A 777 -28.99 29.15 -35.13
C LYS A 777 -30.38 28.67 -34.73
N ALA A 778 -31.38 28.93 -35.57
CA ALA A 778 -32.73 28.50 -35.27
C ALA A 778 -32.81 26.98 -35.19
N LEU A 779 -32.12 26.29 -36.09
CA LEU A 779 -32.14 24.84 -36.09
C LEU A 779 -31.53 24.28 -34.81
N ILE A 780 -30.45 24.91 -34.34
CA ILE A 780 -29.82 24.49 -33.08
C ILE A 780 -30.78 24.72 -31.92
N LEU A 781 -31.44 25.87 -31.90
CA LEU A 781 -32.39 26.15 -30.82
C LEU A 781 -33.53 25.15 -30.82
N LYS A 782 -34.03 24.80 -32.01
CA LYS A 782 -35.10 23.81 -32.12
C LYS A 782 -34.61 22.42 -31.70
N LEU A 783 -33.34 22.11 -31.98
CA LEU A 783 -32.80 20.79 -31.65
C LEU A 783 -32.56 20.65 -30.15
N LYS A 784 -32.02 21.68 -29.51
CA LYS A 784 -31.75 21.62 -28.08
C LYS A 784 -33.04 21.52 -27.28
N ASP A 785 -34.11 22.18 -27.72
CA ASP A 785 -35.41 22.14 -27.05
C ASP A 785 -36.50 21.92 -28.09
N PRO A 786 -36.70 20.66 -28.53
CA PRO A 786 -37.65 20.40 -29.61
C PRO A 786 -39.08 20.21 -29.12
N ASN A 791 -39.75 16.11 -28.98
CA ASN A 791 -40.62 15.74 -30.08
C ASN A 791 -39.76 15.04 -31.14
N PRO A 792 -39.80 13.70 -31.23
CA PRO A 792 -39.01 13.00 -32.26
C PRO A 792 -39.19 13.53 -33.69
N GLY A 793 -40.37 14.04 -34.03
CA GLY A 793 -40.57 14.56 -35.37
C GLY A 793 -39.70 15.78 -35.63
N VAL A 794 -39.56 16.63 -34.61
CA VAL A 794 -38.77 17.83 -34.76
C VAL A 794 -37.30 17.47 -34.79
N ILE A 795 -36.87 16.56 -33.92
CA ILE A 795 -35.47 16.15 -33.91
C ILE A 795 -35.09 15.59 -35.27
N ASN A 796 -35.94 14.71 -35.81
CA ASN A 796 -35.67 14.09 -37.11
C ASN A 796 -35.55 15.13 -38.22
N ASN A 797 -36.56 16.00 -38.34
CA ASN A 797 -36.55 16.97 -39.44
C ASN A 797 -35.43 17.98 -39.27
N VAL A 798 -35.17 18.41 -38.04
CA VAL A 798 -34.12 19.39 -37.78
C VAL A 798 -32.77 18.78 -38.11
N LEU A 799 -32.52 17.54 -37.68
CA LEU A 799 -31.24 16.91 -37.99
C LEU A 799 -31.03 16.80 -39.49
N ALA A 800 -32.07 16.37 -40.22
CA ALA A 800 -31.92 16.25 -41.67
C ALA A 800 -31.63 17.60 -42.30
N THR A 801 -32.33 18.65 -41.82
CA THR A 801 -32.13 19.98 -42.35
C THR A 801 -30.72 20.46 -42.06
N ILE A 802 -30.23 20.23 -40.84
CA ILE A 802 -28.89 20.63 -40.46
C ILE A 802 -27.86 19.95 -41.36
N GLY A 803 -28.06 18.65 -41.61
CA GLY A 803 -27.15 17.93 -42.50
C GLY A 803 -27.07 18.56 -43.87
N GLU A 804 -28.23 18.76 -44.51
CA GLU A 804 -28.24 19.36 -45.83
C GLU A 804 -27.68 20.77 -45.80
N LEU A 805 -27.97 21.51 -44.71
CA LEU A 805 -27.42 22.86 -44.57
C LEU A 805 -25.91 22.82 -44.51
N ALA A 806 -25.37 21.87 -43.75
CA ALA A 806 -23.93 21.71 -43.62
C ALA A 806 -23.29 21.46 -44.97
N GLN A 807 -23.98 20.71 -45.84
CA GLN A 807 -23.42 20.41 -47.15
C GLN A 807 -23.18 21.69 -47.98
N VAL A 808 -23.88 22.77 -47.66
CA VAL A 808 -23.78 24.03 -48.39
C VAL A 808 -22.90 25.03 -47.64
N SER A 809 -23.10 25.15 -46.32
CA SER A 809 -22.40 26.16 -45.54
C SER A 809 -20.89 25.96 -45.56
N GLY A 810 -20.43 24.72 -45.48
CA GLY A 810 -19.00 24.52 -45.55
C GLY A 810 -18.26 25.04 -44.31
N LEU A 811 -17.03 25.49 -44.53
CA LEU A 811 -16.11 25.89 -43.47
C LEU A 811 -16.44 27.23 -42.84
N GLU A 812 -17.33 28.04 -43.42
CA GLU A 812 -18.01 29.07 -42.63
C GLU A 812 -19.24 28.52 -41.92
N MET A 813 -19.00 27.50 -41.09
CA MET A 813 -19.98 26.95 -40.16
C MET A 813 -19.40 26.62 -38.79
N ARG A 814 -18.08 26.52 -38.66
CA ARG A 814 -17.40 25.93 -37.51
C ARG A 814 -17.75 26.60 -36.18
N LYS A 815 -18.07 27.90 -36.18
CA LYS A 815 -18.44 28.60 -34.94
C LYS A 815 -19.52 27.85 -34.16
N TRP A 816 -20.45 27.22 -34.87
CA TRP A 816 -21.60 26.57 -34.24
C TRP A 816 -21.38 25.07 -34.06
N VAL A 817 -20.28 24.54 -34.57
CA VAL A 817 -20.07 23.09 -34.65
C VAL A 817 -19.32 22.61 -33.42
N ASP A 818 -18.21 23.26 -33.14
CA ASP A 818 -17.73 23.46 -31.77
C ASP A 818 -18.78 23.71 -30.68
N GLU A 819 -20.09 23.92 -30.95
CA GLU A 819 -21.10 23.28 -30.09
C GLU A 819 -21.91 22.12 -30.68
N LEU A 820 -22.40 22.22 -31.92
CA LEU A 820 -23.35 21.24 -32.47
C LEU A 820 -22.91 19.79 -32.30
N PHE A 821 -21.60 19.54 -32.47
CA PHE A 821 -21.04 18.20 -32.33
C PHE A 821 -21.43 17.52 -31.03
N ILE A 822 -21.26 18.20 -29.88
CA ILE A 822 -21.51 17.49 -28.63
C ILE A 822 -22.99 17.21 -28.49
N ILE A 823 -23.84 18.09 -29.02
CA ILE A 823 -25.28 17.88 -28.93
C ILE A 823 -25.61 16.59 -29.66
N ILE A 824 -25.10 16.47 -30.89
CA ILE A 824 -25.39 15.30 -31.68
C ILE A 824 -24.77 14.08 -31.01
N MET A 825 -23.54 14.20 -30.51
CA MET A 825 -22.92 13.05 -29.89
C MET A 825 -23.69 12.62 -28.65
N ASP A 826 -24.18 13.58 -27.86
CA ASP A 826 -24.98 13.19 -26.70
C ASP A 826 -26.22 12.46 -27.17
N MET A 827 -26.84 12.98 -28.24
CA MET A 827 -28.01 12.34 -28.81
C MET A 827 -27.64 10.95 -29.29
N LEU A 828 -26.49 10.83 -29.95
CA LEU A 828 -26.06 9.54 -30.46
C LEU A 828 -25.86 8.55 -29.32
N GLN A 829 -25.31 9.01 -28.20
CA GLN A 829 -25.07 8.09 -27.08
C GLN A 829 -26.37 7.50 -26.56
N ASP A 830 -27.43 8.31 -26.46
CA ASP A 830 -28.74 7.81 -26.04
C ASP A 830 -29.47 7.27 -27.26
N SER A 831 -28.92 6.19 -27.82
CA SER A 831 -29.43 5.66 -29.08
C SER A 831 -30.88 5.19 -28.96
N SER A 832 -31.29 4.74 -27.78
CA SER A 832 -32.65 4.23 -27.58
C SER A 832 -33.70 5.32 -27.51
N LEU A 833 -33.29 6.58 -27.36
CA LEU A 833 -34.20 7.72 -27.22
C LEU A 833 -34.18 8.62 -28.45
N LEU A 834 -33.46 8.24 -29.51
CA LEU A 834 -33.19 9.11 -30.64
C LEU A 834 -34.03 8.72 -31.86
N ALA A 835 -34.60 9.75 -32.49
CA ALA A 835 -35.51 9.66 -33.64
C ALA A 835 -34.79 9.20 -34.89
N LYS A 836 -34.58 7.88 -35.00
CA LYS A 836 -33.86 7.29 -36.13
C LYS A 836 -32.42 7.75 -36.18
N ARG A 837 -31.60 7.18 -35.28
CA ARG A 837 -30.20 7.53 -35.08
C ARG A 837 -29.41 7.69 -36.37
N GLN A 838 -29.77 6.93 -37.41
CA GLN A 838 -29.10 7.01 -38.71
C GLN A 838 -29.01 8.45 -39.18
N VAL A 839 -30.07 9.24 -38.94
CA VAL A 839 -30.09 10.62 -39.41
C VAL A 839 -29.07 11.44 -38.64
N ALA A 840 -29.04 11.30 -37.30
CA ALA A 840 -28.09 12.06 -36.50
C ALA A 840 -26.65 11.69 -36.86
N LEU A 841 -26.40 10.40 -37.11
CA LEU A 841 -25.04 9.97 -37.44
C LEU A 841 -24.63 10.48 -38.81
N TRP A 842 -25.55 10.42 -39.77
CA TRP A 842 -25.31 10.98 -41.10
C TRP A 842 -25.01 12.47 -40.99
N THR A 843 -25.81 13.20 -40.20
CA THR A 843 -25.57 14.62 -40.02
C THR A 843 -24.19 14.87 -39.43
N LEU A 844 -23.81 14.08 -38.41
CA LEU A 844 -22.46 14.22 -37.84
C LEU A 844 -21.40 14.06 -38.92
N GLY A 845 -21.55 13.01 -39.75
CA GLY A 845 -20.59 12.79 -40.82
C GLY A 845 -20.52 13.96 -41.77
N GLN A 846 -21.69 14.45 -42.18
CA GLN A 846 -21.75 15.59 -43.12
C GLN A 846 -21.13 16.82 -42.50
N LEU A 847 -21.29 17.00 -41.19
CA LEU A 847 -20.68 18.14 -40.52
C LEU A 847 -19.16 18.02 -40.54
N VAL A 848 -18.64 16.83 -40.20
CA VAL A 848 -17.20 16.64 -40.17
C VAL A 848 -16.60 16.87 -41.56
N ALA A 849 -17.23 16.28 -42.59
CA ALA A 849 -16.71 16.43 -43.95
C ALA A 849 -16.86 17.85 -44.46
N SER A 850 -18.07 18.40 -44.43
CA SER A 850 -18.36 19.68 -45.08
C SER A 850 -17.66 20.85 -44.40
N THR A 851 -17.57 20.85 -43.07
CA THR A 851 -17.08 22.00 -42.33
C THR A 851 -15.58 21.97 -42.07
N GLY A 852 -14.87 21.00 -42.64
CA GLY A 852 -13.43 20.99 -42.58
C GLY A 852 -12.78 20.52 -41.30
N TYR A 853 -13.41 19.60 -40.57
CA TYR A 853 -12.78 19.06 -39.38
C TYR A 853 -11.83 17.94 -39.75
N VAL A 854 -10.79 17.81 -38.93
CA VAL A 854 -9.70 16.85 -39.14
C VAL A 854 -9.55 16.03 -37.88
N VAL A 855 -8.43 15.32 -37.76
CA VAL A 855 -8.11 14.57 -36.55
C VAL A 855 -7.99 15.52 -35.38
N GLU A 856 -9.14 15.91 -34.81
CA GLU A 856 -9.17 16.87 -33.70
C GLU A 856 -10.41 16.73 -32.79
N PRO A 857 -11.66 16.60 -33.31
CA PRO A 857 -12.81 16.47 -32.39
C PRO A 857 -12.64 15.41 -31.32
N TYR A 858 -11.93 14.32 -31.62
CA TYR A 858 -11.69 13.29 -30.62
C TYR A 858 -10.92 13.86 -29.44
N ARG A 859 -9.87 14.65 -29.70
CA ARG A 859 -9.13 15.27 -28.61
C ARG A 859 -10.05 16.13 -27.76
N LYS A 860 -10.88 16.93 -28.42
CA LYS A 860 -11.83 17.81 -27.72
C LYS A 860 -12.85 17.01 -26.93
N TYR A 861 -13.30 15.87 -27.48
CA TYR A 861 -14.36 15.05 -26.90
C TYR A 861 -13.92 13.58 -26.85
N PRO A 862 -13.07 13.20 -25.87
CA PRO A 862 -12.36 11.91 -25.96
C PRO A 862 -13.23 10.69 -25.72
N THR A 863 -14.21 10.51 -26.61
CA THR A 863 -15.09 9.34 -26.57
C THR A 863 -15.74 9.01 -27.93
N LEU A 864 -15.67 9.93 -28.90
CA LEU A 864 -16.36 9.76 -30.17
C LEU A 864 -15.99 8.45 -30.87
N LEU A 865 -14.70 8.16 -31.00
CA LEU A 865 -14.29 6.95 -31.71
C LEU A 865 -14.82 5.71 -30.98
N GLU A 866 -14.82 5.75 -29.64
CA GLU A 866 -15.30 4.61 -28.87
C GLU A 866 -16.79 4.44 -29.09
N VAL A 867 -17.54 5.54 -29.14
CA VAL A 867 -18.98 5.48 -29.37
C VAL A 867 -19.27 4.89 -30.74
N LEU A 868 -18.52 5.32 -31.76
CA LEU A 868 -18.72 4.82 -33.11
C LEU A 868 -18.43 3.32 -33.17
N LEU A 869 -17.38 2.87 -32.47
CA LEU A 869 -17.09 1.45 -32.43
C LEU A 869 -18.16 0.69 -31.64
N ASN A 870 -18.71 1.30 -30.59
CA ASN A 870 -19.78 0.63 -29.85
C ASN A 870 -21.02 0.47 -30.71
N PHE A 871 -21.29 1.45 -31.58
CA PHE A 871 -22.43 1.32 -32.49
C PHE A 871 -22.15 0.20 -33.47
N LEU A 872 -20.93 0.19 -34.01
CA LEU A 872 -20.49 -0.82 -34.96
C LEU A 872 -20.66 -2.22 -34.40
N LYS A 873 -20.28 -2.42 -33.15
CA LYS A 873 -20.31 -3.74 -32.53
C LYS A 873 -21.70 -4.16 -32.04
N THR A 874 -22.43 -3.26 -31.34
CA THR A 874 -23.61 -3.68 -30.60
C THR A 874 -24.95 -3.28 -31.21
N GLU A 875 -25.01 -2.28 -32.08
CA GLU A 875 -26.31 -1.90 -32.63
C GLU A 875 -26.86 -2.98 -33.56
N GLN A 876 -25.99 -3.66 -34.31
CA GLN A 876 -26.36 -4.72 -35.25
C GLN A 876 -27.29 -4.24 -36.36
N ASN A 877 -27.36 -2.94 -36.62
CA ASN A 877 -28.14 -2.38 -37.72
C ASN A 877 -27.15 -1.80 -38.72
N GLN A 878 -26.96 -2.50 -39.85
CA GLN A 878 -25.94 -2.09 -40.82
C GLN A 878 -26.22 -0.70 -41.39
N GLY A 879 -27.48 -0.24 -41.34
CA GLY A 879 -27.85 1.07 -41.82
C GLY A 879 -27.18 2.19 -41.05
N THR A 880 -26.69 1.91 -39.85
CA THR A 880 -26.00 2.87 -39.02
C THR A 880 -24.57 2.45 -38.75
N ARG A 881 -24.30 1.14 -38.77
CA ARG A 881 -22.95 0.65 -38.54
C ARG A 881 -22.06 1.12 -39.67
N ARG A 882 -22.59 1.10 -40.90
CA ARG A 882 -21.79 1.48 -42.05
C ARG A 882 -21.56 2.98 -42.08
N GLU A 883 -22.49 3.75 -41.51
CA GLU A 883 -22.29 5.18 -41.44
C GLU A 883 -21.24 5.47 -40.38
N ALA A 884 -21.28 4.74 -39.28
CA ALA A 884 -20.26 4.90 -38.25
C ALA A 884 -18.88 4.58 -38.82
N ILE A 885 -18.81 3.57 -39.69
CA ILE A 885 -17.55 3.26 -40.36
C ILE A 885 -17.10 4.43 -41.21
N ARG A 886 -18.05 5.03 -41.95
CA ARG A 886 -17.69 6.18 -42.77
C ARG A 886 -17.18 7.33 -41.90
N VAL A 887 -17.80 7.55 -40.74
CA VAL A 887 -17.36 8.64 -39.86
C VAL A 887 -15.96 8.34 -39.31
N LEU A 888 -15.71 7.08 -38.93
CA LEU A 888 -14.39 6.71 -38.42
C LEU A 888 -13.32 6.98 -39.46
N GLY A 889 -13.58 6.55 -40.70
CA GLY A 889 -12.62 6.79 -41.77
C GLY A 889 -12.47 8.27 -42.08
N LEU A 890 -13.59 9.00 -42.03
CA LEU A 890 -13.60 10.43 -42.32
C LEU A 890 -12.74 11.19 -41.33
N LEU A 891 -12.90 10.91 -40.04
CA LEU A 891 -12.09 11.59 -39.03
C LEU A 891 -10.61 11.30 -39.24
N GLY A 892 -10.27 10.07 -39.58
CA GLY A 892 -8.92 9.67 -39.88
C GLY A 892 -8.34 8.77 -38.80
N ALA A 893 -7.49 7.83 -39.23
CA ALA A 893 -6.86 6.92 -38.30
C ALA A 893 -6.04 7.70 -37.28
N LEU A 894 -6.07 7.24 -36.03
CA LEU A 894 -5.40 7.91 -34.93
C LEU A 894 -4.26 7.04 -34.41
N ASP A 895 -3.09 7.68 -34.28
CA ASP A 895 -1.93 7.05 -33.69
C ASP A 895 -2.26 6.38 -32.34
N PRO A 896 -1.91 5.11 -32.12
CA PRO A 896 -2.19 4.48 -30.81
C PRO A 896 -1.62 5.21 -29.62
N TYR A 897 -0.58 6.03 -29.81
CA TYR A 897 0.09 6.75 -28.73
C TYR A 897 -0.31 8.22 -28.73
N LYS A 898 -1.28 8.59 -29.56
CA LYS A 898 -2.15 9.72 -29.29
C LYS A 898 -3.46 9.23 -28.71
N HIS A 899 -3.91 8.05 -29.16
CA HIS A 899 -5.17 7.47 -28.68
C HIS A 899 -5.10 7.22 -27.19
N LYS A 900 -4.07 6.48 -26.75
CA LYS A 900 -3.92 6.18 -25.32
C LYS A 900 -3.71 7.45 -24.51
N VAL A 901 -3.14 8.49 -25.12
CA VAL A 901 -2.89 9.73 -24.40
C VAL A 901 -4.20 10.48 -24.16
N ASN A 902 -5.04 10.55 -25.19
CA ASN A 902 -6.35 11.20 -25.00
C ASN A 902 -7.21 10.44 -24.01
N ILE A 903 -7.08 9.12 -23.96
CA ILE A 903 -7.81 8.29 -23.00
C ILE A 903 -6.87 7.93 -21.86
N GLU A 933 -12.11 -14.09 -9.73
CA GLU A 933 -11.15 -13.70 -8.71
C GLU A 933 -10.67 -14.87 -7.85
N MET A 934 -11.04 -16.09 -8.23
CA MET A 934 -10.66 -17.26 -7.44
C MET A 934 -9.15 -17.41 -7.33
N LEU A 935 -8.41 -17.07 -8.38
CA LEU A 935 -6.95 -17.18 -8.36
C LEU A 935 -6.27 -16.01 -7.64
N VAL A 936 -7.03 -15.02 -7.20
CA VAL A 936 -6.46 -13.87 -6.52
C VAL A 936 -5.89 -14.26 -5.15
N ASN A 937 -6.53 -15.21 -4.45
CA ASN A 937 -5.93 -15.78 -3.24
C ASN A 937 -5.98 -17.31 -3.09
N MET A 938 -6.31 -18.08 -4.15
CA MET A 938 -6.39 -19.53 -3.98
C MET A 938 -5.12 -20.11 -3.37
N GLY A 939 -3.96 -19.69 -3.86
CA GLY A 939 -2.70 -20.25 -3.45
C GLY A 939 -2.18 -19.79 -2.11
N ASN A 940 -2.91 -18.92 -1.41
CA ASN A 940 -2.50 -18.39 -0.12
C ASN A 940 -3.21 -19.01 1.07
N LEU A 941 -4.23 -19.86 0.86
CA LEU A 941 -5.02 -20.40 1.95
C LEU A 941 -5.01 -21.93 1.96
N PRO A 942 -5.07 -22.57 3.14
CA PRO A 942 -5.48 -23.97 3.19
C PRO A 942 -6.90 -24.12 2.66
N LEU A 943 -7.19 -25.29 2.08
CA LEU A 943 -8.51 -25.50 1.50
C LEU A 943 -9.60 -25.41 2.55
N ASP A 944 -9.31 -25.81 3.80
CA ASP A 944 -10.32 -25.75 4.85
C ASP A 944 -10.76 -24.32 5.13
N GLU A 945 -9.94 -23.34 4.78
CA GLU A 945 -10.24 -21.93 4.97
C GLU A 945 -10.90 -21.34 3.73
N PHE A 946 -10.72 -21.98 2.58
CA PHE A 946 -10.83 -21.35 1.27
C PHE A 946 -12.26 -21.38 0.76
N TYR A 947 -12.87 -22.55 0.77
CA TYR A 947 -14.22 -22.80 0.28
C TYR A 947 -15.22 -21.77 0.82
N PRO A 948 -15.44 -21.63 2.14
CA PRO A 948 -16.32 -20.55 2.63
C PRO A 948 -16.00 -19.15 2.11
N ALA A 949 -14.70 -18.81 2.02
CA ALA A 949 -14.30 -17.47 1.59
C ALA A 949 -14.81 -17.18 0.19
N VAL A 950 -14.73 -18.16 -0.70
CA VAL A 950 -15.18 -17.95 -2.07
C VAL A 950 -16.69 -17.77 -2.08
N SER A 951 -17.40 -18.63 -1.33
CA SER A 951 -18.86 -18.59 -1.35
C SER A 951 -19.40 -17.25 -0.89
N MET A 952 -18.82 -16.68 0.16
CA MET A 952 -19.30 -15.41 0.66
C MET A 952 -19.17 -14.33 -0.39
N VAL A 953 -18.05 -14.35 -1.14
CA VAL A 953 -17.86 -13.34 -2.17
C VAL A 953 -18.95 -13.46 -3.22
N ALA A 954 -19.22 -14.70 -3.66
CA ALA A 954 -20.23 -14.91 -4.68
C ALA A 954 -21.57 -14.40 -4.18
N LEU A 955 -21.89 -14.68 -2.92
CA LEU A 955 -23.18 -14.27 -2.38
C LEU A 955 -23.25 -12.75 -2.31
N MET A 956 -22.16 -12.11 -1.93
CA MET A 956 -22.22 -10.66 -1.80
C MET A 956 -22.37 -10.01 -3.16
N ARG A 957 -21.82 -10.63 -4.22
CA ARG A 957 -21.98 -10.05 -5.54
C ARG A 957 -23.45 -10.00 -5.90
N ILE A 958 -24.17 -11.05 -5.56
CA ILE A 958 -25.60 -11.06 -5.82
C ILE A 958 -26.29 -10.05 -4.91
N PHE A 959 -25.93 -10.09 -3.63
CA PHE A 959 -26.58 -9.27 -2.61
C PHE A 959 -26.50 -7.77 -2.92
N ARG A 960 -25.32 -7.29 -3.34
CA ARG A 960 -25.18 -5.87 -3.66
C ARG A 960 -26.01 -5.44 -4.87
N ASP A 961 -26.38 -6.36 -5.76
CA ASP A 961 -27.05 -5.99 -6.99
C ASP A 961 -28.56 -5.85 -6.75
N GLN A 962 -29.25 -5.32 -7.77
CA GLN A 962 -30.70 -5.12 -7.67
C GLN A 962 -31.48 -6.38 -8.03
N SER A 963 -30.83 -7.42 -8.56
CA SER A 963 -31.54 -8.66 -8.82
C SER A 963 -31.96 -9.31 -7.51
N LEU A 964 -31.35 -8.89 -6.40
CA LEU A 964 -31.72 -9.39 -5.08
C LEU A 964 -33.20 -9.15 -4.83
N SER A 965 -33.75 -8.09 -5.43
CA SER A 965 -35.16 -7.74 -5.21
C SER A 965 -36.09 -8.86 -5.67
N HIS A 966 -35.62 -9.78 -6.50
CA HIS A 966 -36.44 -10.91 -6.94
C HIS A 966 -36.01 -12.22 -6.29
N HIS A 967 -34.79 -12.27 -5.73
CA HIS A 967 -34.19 -13.49 -5.22
C HIS A 967 -33.83 -13.42 -3.74
N HIS A 968 -34.13 -12.28 -3.09
CA HIS A 968 -33.71 -11.88 -1.74
C HIS A 968 -33.42 -13.01 -0.79
N THR A 969 -34.23 -14.04 -0.83
CA THR A 969 -34.71 -14.72 0.33
C THR A 969 -33.82 -15.91 0.46
N MET A 970 -33.44 -16.46 -0.68
CA MET A 970 -32.59 -17.61 -0.60
C MET A 970 -31.17 -17.14 -0.29
N VAL A 971 -30.78 -15.95 -0.77
CA VAL A 971 -29.42 -15.47 -0.55
C VAL A 971 -29.16 -15.24 0.93
N VAL A 972 -30.08 -14.57 1.60
CA VAL A 972 -29.91 -14.29 3.02
C VAL A 972 -29.85 -15.61 3.79
N GLN A 973 -30.71 -16.57 3.45
CA GLN A 973 -30.71 -17.82 4.18
C GLN A 973 -29.36 -18.50 4.09
N ALA A 974 -28.75 -18.49 2.90
CA ALA A 974 -27.45 -19.13 2.75
C ALA A 974 -26.41 -18.50 3.66
N ILE A 975 -26.45 -17.17 3.77
CA ILE A 975 -25.45 -16.50 4.59
C ILE A 975 -25.57 -16.93 6.04
N THR A 976 -26.80 -16.99 6.56
CA THR A 976 -26.92 -17.35 7.97
C THR A 976 -26.52 -18.79 8.19
N PHE A 977 -26.77 -19.66 7.21
CA PHE A 977 -26.37 -21.05 7.35
C PHE A 977 -24.86 -21.13 7.50
N ILE A 978 -24.15 -20.40 6.65
CA ILE A 978 -22.69 -20.42 6.68
C ILE A 978 -22.20 -19.99 8.06
N PHE A 979 -22.79 -18.92 8.61
CA PHE A 979 -22.34 -18.46 9.93
C PHE A 979 -22.52 -19.55 10.97
N LYS A 980 -23.65 -20.25 10.93
CA LYS A 980 -23.89 -21.33 11.87
C LYS A 980 -22.82 -22.40 11.72
N SER A 981 -22.51 -22.75 10.48
CA SER A 981 -21.53 -23.80 10.24
C SER A 981 -20.14 -23.37 10.71
N LEU A 982 -19.77 -22.11 10.47
CA LEU A 982 -18.42 -21.65 10.81
C LEU A 982 -18.17 -21.62 12.31
N GLY A 983 -19.15 -21.22 13.10
CA GLY A 983 -18.91 -21.02 14.52
C GLY A 983 -18.27 -19.66 14.74
N LEU A 984 -17.51 -19.52 15.83
CA LEU A 984 -17.00 -18.21 16.23
C LEU A 984 -16.10 -17.58 15.17
N LYS A 985 -15.45 -18.40 14.34
CA LYS A 985 -14.57 -17.85 13.31
C LYS A 985 -15.33 -16.97 12.32
N CYS A 986 -16.67 -17.07 12.28
CA CYS A 986 -17.44 -16.26 11.34
C CYS A 986 -17.31 -14.78 11.63
N VAL A 987 -16.79 -14.42 12.82
CA VAL A 987 -16.62 -13.01 13.16
C VAL A 987 -15.76 -12.33 12.12
N GLN A 988 -14.81 -13.07 11.52
CA GLN A 988 -13.91 -12.46 10.53
C GLN A 988 -14.66 -11.88 9.33
N PHE A 989 -15.91 -12.28 9.09
CA PHE A 989 -16.65 -11.80 7.94
C PHE A 989 -17.52 -10.58 8.24
N LEU A 990 -17.58 -10.13 9.49
CA LEU A 990 -18.44 -8.98 9.80
C LEU A 990 -18.10 -7.71 9.03
N PRO A 991 -16.84 -7.34 8.80
CA PRO A 991 -16.58 -6.13 7.99
C PRO A 991 -17.13 -6.17 6.58
N GLN A 992 -17.42 -7.35 6.03
CA GLN A 992 -17.92 -7.47 4.67
C GLN A 992 -19.43 -7.55 4.59
N VAL A 993 -20.08 -8.20 5.56
CA VAL A 993 -21.53 -8.39 5.48
C VAL A 993 -22.24 -7.13 5.94
N MET A 994 -21.89 -6.64 7.12
CA MET A 994 -22.84 -5.84 7.91
C MET A 994 -23.14 -4.49 7.26
N PRO A 995 -22.15 -3.70 6.80
CA PRO A 995 -22.46 -2.38 6.21
C PRO A 995 -23.44 -2.44 5.04
N THR A 996 -23.51 -3.55 4.32
CA THR A 996 -24.41 -3.68 3.19
C THR A 996 -25.77 -4.19 3.65
N PHE A 997 -25.77 -5.22 4.51
CA PHE A 997 -27.00 -5.85 4.96
C PHE A 997 -27.94 -4.82 5.55
N LEU A 998 -27.43 -3.97 6.44
CA LEU A 998 -28.29 -3.00 7.10
C LEU A 998 -28.84 -2.01 6.08
N ASN A 999 -28.04 -1.64 5.09
CA ASN A 999 -28.52 -0.69 4.09
C ASN A 999 -29.59 -1.33 3.23
N VAL A 1000 -29.50 -2.66 3.03
CA VAL A 1000 -30.54 -3.35 2.28
C VAL A 1000 -31.86 -3.21 3.00
N ILE A 1001 -31.84 -3.33 4.35
CA ILE A 1001 -33.07 -3.21 5.13
C ILE A 1001 -33.76 -1.89 4.80
N ARG A 1002 -32.97 -0.81 4.69
CA ARG A 1002 -33.56 0.50 4.46
C ARG A 1002 -34.48 0.56 3.24
N VAL A 1003 -34.23 -0.25 2.20
CA VAL A 1003 -34.97 -0.08 0.94
C VAL A 1003 -35.86 -1.28 0.55
N CYS A 1004 -36.05 -2.26 1.43
CA CYS A 1004 -36.88 -3.42 1.07
C CYS A 1004 -38.35 -3.23 1.44
N ASP A 1005 -39.20 -3.99 0.75
CA ASP A 1005 -40.63 -4.06 1.06
C ASP A 1005 -40.82 -4.63 2.47
N GLY A 1006 -41.95 -4.24 3.11
CA GLY A 1006 -42.25 -4.76 4.43
C GLY A 1006 -42.29 -6.28 4.50
N ALA A 1007 -42.76 -6.91 3.42
CA ALA A 1007 -42.81 -8.38 3.37
C ALA A 1007 -41.42 -8.96 3.52
N ILE A 1008 -40.42 -8.20 3.11
CA ILE A 1008 -39.02 -8.59 3.18
C ILE A 1008 -38.43 -8.11 4.49
N ARG A 1009 -38.82 -6.90 4.93
CA ARG A 1009 -38.24 -6.32 6.13
C ARG A 1009 -38.45 -7.22 7.33
N GLU A 1010 -39.62 -7.87 7.43
CA GLU A 1010 -39.85 -8.76 8.56
C GLU A 1010 -38.86 -9.92 8.56
N PHE A 1011 -38.64 -10.49 7.38
CA PHE A 1011 -37.68 -11.59 7.23
C PHE A 1011 -36.29 -11.12 7.63
N LEU A 1012 -35.88 -9.97 7.10
CA LEU A 1012 -34.54 -9.45 7.38
C LEU A 1012 -34.34 -9.20 8.86
N PHE A 1013 -35.35 -8.67 9.56
CA PHE A 1013 -35.17 -8.46 10.99
C PHE A 1013 -34.99 -9.79 11.71
N GLN A 1014 -35.74 -10.82 11.29
CA GLN A 1014 -35.59 -12.12 11.95
C GLN A 1014 -34.19 -12.69 11.72
N GLN A 1015 -33.68 -12.54 10.49
CA GLN A 1015 -32.37 -13.08 10.19
C GLN A 1015 -31.28 -12.27 10.87
N LEU A 1016 -31.46 -10.95 10.98
CA LEU A 1016 -30.49 -10.14 11.68
C LEU A 1016 -30.39 -10.61 13.12
N GLY A 1017 -31.55 -10.85 13.74
CA GLY A 1017 -31.56 -11.34 15.11
C GLY A 1017 -30.78 -12.62 15.23
N MET A 1018 -30.90 -13.52 14.24
CA MET A 1018 -30.15 -14.76 14.30
C MET A 1018 -28.65 -14.50 14.18
N LEU A 1019 -28.26 -13.55 13.32
CA LEU A 1019 -26.83 -13.25 13.18
C LEU A 1019 -26.26 -12.71 14.48
N VAL A 1020 -27.05 -11.86 15.15
CA VAL A 1020 -26.61 -11.29 16.42
C VAL A 1020 -26.42 -12.41 17.43
N SER A 1021 -27.37 -13.36 17.46
CA SER A 1021 -27.24 -14.48 18.38
C SER A 1021 -25.95 -15.26 18.10
N PHE A 1022 -25.61 -15.41 16.82
CA PHE A 1022 -24.43 -16.20 16.48
C PHE A 1022 -23.12 -15.50 16.82
N VAL A 1023 -23.04 -14.16 16.70
CA VAL A 1023 -21.78 -13.45 16.94
C VAL A 1023 -21.63 -12.92 18.36
N LYS A 1024 -22.69 -12.91 19.16
CA LYS A 1024 -22.65 -12.51 20.57
C LYS A 1024 -22.05 -11.12 20.80
N SER A 1025 -20.97 -11.00 21.59
CA SER A 1025 -20.38 -9.70 21.91
C SER A 1025 -19.76 -9.00 20.71
N HIS A 1026 -19.43 -9.73 19.65
CA HIS A 1026 -18.80 -9.12 18.48
C HIS A 1026 -19.83 -8.43 17.58
N ILE A 1027 -20.46 -7.40 18.14
CA ILE A 1027 -21.47 -6.62 17.43
C ILE A 1027 -21.42 -5.14 17.84
N ARG A 1028 -20.68 -4.84 18.92
CA ARG A 1028 -20.52 -3.49 19.49
C ARG A 1028 -20.38 -2.38 18.45
N PRO A 1029 -19.43 -2.43 17.49
CA PRO A 1029 -19.25 -1.29 16.57
C PRO A 1029 -20.45 -1.03 15.67
N TYR A 1030 -21.41 -1.96 15.59
CA TYR A 1030 -22.58 -1.81 14.73
C TYR A 1030 -23.81 -1.39 15.51
N MET A 1031 -23.70 -1.23 16.83
CA MET A 1031 -24.81 -0.86 17.71
C MET A 1031 -24.90 0.66 17.83
N ASP A 1032 -25.15 1.30 16.72
CA ASP A 1032 -26.12 2.39 16.73
C ASP A 1032 -26.92 2.51 15.45
N GLU A 1033 -26.64 1.70 14.43
CA GLU A 1033 -27.42 1.73 13.20
C GLU A 1033 -28.65 0.85 13.36
N ILE A 1034 -28.46 -0.31 14.00
CA ILE A 1034 -29.57 -1.23 14.25
C ILE A 1034 -30.61 -0.56 15.13
N VAL A 1035 -30.15 0.14 16.18
CA VAL A 1035 -31.07 0.81 17.09
C VAL A 1035 -31.87 1.85 16.33
N THR A 1036 -31.19 2.63 15.48
CA THR A 1036 -31.85 3.64 14.69
C THR A 1036 -32.92 3.02 13.81
N LEU A 1037 -32.57 1.93 13.11
CA LEU A 1037 -33.56 1.31 12.22
C LEU A 1037 -34.76 0.80 13.01
N MET A 1038 -34.50 0.23 14.19
CA MET A 1038 -35.59 -0.27 15.02
C MET A 1038 -36.53 0.86 15.38
N ARG A 1039 -35.95 1.99 15.81
CA ARG A 1039 -36.80 3.12 16.19
C ARG A 1039 -37.58 3.64 14.99
N GLU A 1040 -36.95 3.63 13.80
CA GLU A 1040 -37.61 4.12 12.60
C GLU A 1040 -38.77 3.25 12.16
N PHE A 1041 -38.80 1.96 12.52
CA PHE A 1041 -39.83 1.06 12.01
C PHE A 1041 -40.78 0.53 13.09
N TRP A 1042 -40.56 0.83 14.36
CA TRP A 1042 -41.43 0.39 15.44
C TRP A 1042 -42.67 1.27 15.44
N VAL A 1043 -43.60 0.96 14.53
CA VAL A 1043 -44.77 1.80 14.25
C VAL A 1043 -46.04 1.19 14.84
N MET A 1044 -45.90 0.36 15.87
CA MET A 1044 -47.01 -0.27 16.60
C MET A 1044 -47.83 -1.20 15.70
N ASN A 1045 -47.20 -1.79 14.68
CA ASN A 1045 -47.81 -2.85 13.88
C ASN A 1045 -47.53 -4.16 14.62
N THR A 1046 -48.60 -4.87 15.02
CA THR A 1046 -48.51 -6.09 15.82
C THR A 1046 -47.41 -7.03 15.34
N SER A 1047 -47.31 -7.24 14.03
CA SER A 1047 -46.32 -8.17 13.49
C SER A 1047 -44.94 -7.63 13.75
N ILE A 1048 -44.74 -6.35 13.44
CA ILE A 1048 -43.45 -5.71 13.64
C ILE A 1048 -43.14 -5.70 15.12
N GLN A 1049 -44.14 -5.40 15.96
CA GLN A 1049 -43.89 -5.34 17.39
C GLN A 1049 -43.35 -6.69 17.90
N SER A 1050 -43.96 -7.79 17.44
CA SER A 1050 -43.51 -9.11 17.88
C SER A 1050 -42.08 -9.37 17.43
N THR A 1051 -41.78 -9.03 16.17
CA THR A 1051 -40.43 -9.26 15.65
C THR A 1051 -39.40 -8.42 16.39
N ILE A 1052 -39.71 -7.15 16.63
CA ILE A 1052 -38.77 -6.26 17.29
C ILE A 1052 -38.55 -6.73 18.73
N ILE A 1053 -39.61 -7.14 19.42
CA ILE A 1053 -39.46 -7.62 20.79
C ILE A 1053 -38.52 -8.82 20.84
N LEU A 1054 -38.70 -9.77 19.92
CA LEU A 1054 -37.78 -10.91 19.89
C LEU A 1054 -36.34 -10.43 19.63
N LEU A 1055 -36.17 -9.55 18.64
CA LEU A 1055 -34.85 -9.00 18.33
C LEU A 1055 -34.21 -8.39 19.58
N ILE A 1056 -35.01 -7.64 20.35
CA ILE A 1056 -34.51 -7.02 21.57
C ILE A 1056 -34.02 -8.08 22.54
N GLU A 1057 -34.80 -9.15 22.71
CA GLU A 1057 -34.38 -10.18 23.66
C GLU A 1057 -33.05 -10.78 23.23
N GLN A 1058 -32.90 -11.02 21.93
CA GLN A 1058 -31.65 -11.59 21.43
C GLN A 1058 -30.47 -10.65 21.65
N ILE A 1059 -30.69 -9.35 21.46
CA ILE A 1059 -29.61 -8.39 21.69
C ILE A 1059 -29.25 -8.34 23.17
N VAL A 1060 -30.26 -8.32 24.05
CA VAL A 1060 -30.01 -8.29 25.49
C VAL A 1060 -29.18 -9.48 25.92
N VAL A 1061 -29.50 -10.67 25.39
CA VAL A 1061 -28.71 -11.85 25.77
C VAL A 1061 -27.30 -11.74 25.18
N ALA A 1062 -27.17 -11.29 23.93
CA ALA A 1062 -25.85 -11.19 23.31
C ALA A 1062 -24.93 -10.24 24.07
N LEU A 1063 -25.47 -9.14 24.58
CA LEU A 1063 -24.68 -8.13 25.29
C LEU A 1063 -24.77 -8.34 26.80
N GLY A 1064 -23.72 -7.90 27.48
CA GLY A 1064 -23.66 -7.91 28.94
C GLY A 1064 -24.16 -6.58 29.46
N GLY A 1065 -23.51 -6.03 30.48
CA GLY A 1065 -23.91 -4.75 31.05
C GLY A 1065 -23.87 -3.59 30.07
N GLU A 1066 -23.21 -3.77 28.91
CA GLU A 1066 -23.14 -2.72 27.90
C GLU A 1066 -24.51 -2.34 27.38
N PHE A 1067 -25.51 -3.21 27.55
CA PHE A 1067 -26.86 -2.88 27.11
C PHE A 1067 -27.36 -1.60 27.77
N LYS A 1068 -26.82 -1.25 28.95
CA LYS A 1068 -27.26 -0.04 29.63
C LYS A 1068 -27.01 1.20 28.79
N LEU A 1069 -26.10 1.14 27.82
CA LEU A 1069 -25.79 2.29 27.00
C LEU A 1069 -26.84 2.55 25.94
N TYR A 1070 -27.77 1.61 25.71
CA TYR A 1070 -28.77 1.72 24.65
C TYR A 1070 -30.20 1.77 25.17
N LEU A 1071 -30.45 1.19 26.35
CA LEU A 1071 -31.79 1.16 26.93
C LEU A 1071 -32.52 2.49 26.91
N PRO A 1072 -31.89 3.64 27.24
CA PRO A 1072 -32.64 4.91 27.24
C PRO A 1072 -33.30 5.28 25.93
N GLN A 1073 -32.84 4.74 24.81
CA GLN A 1073 -33.41 5.09 23.51
C GLN A 1073 -34.61 4.24 23.14
N LEU A 1074 -34.91 3.19 23.91
CA LEU A 1074 -36.04 2.31 23.66
C LEU A 1074 -37.20 2.56 24.62
N ILE A 1075 -36.93 3.11 25.80
CA ILE A 1075 -37.93 3.35 26.84
C ILE A 1075 -39.11 4.17 26.29
N PRO A 1076 -38.89 5.23 25.50
CA PRO A 1076 -40.05 5.99 24.97
C PRO A 1076 -41.03 5.15 24.18
N HIS A 1077 -40.62 4.01 23.63
CA HIS A 1077 -41.53 3.17 22.86
C HIS A 1077 -42.21 2.13 23.74
N MET A 1078 -41.48 1.57 24.70
CA MET A 1078 -42.03 0.51 25.53
C MET A 1078 -43.19 1.03 26.37
N LEU A 1079 -43.07 2.28 26.84
CA LEU A 1079 -44.12 2.86 27.66
C LEU A 1079 -45.39 2.99 26.82
N ARG A 1080 -45.24 3.35 25.55
CA ARG A 1080 -46.40 3.52 24.69
C ARG A 1080 -47.14 2.20 24.55
N VAL A 1081 -46.40 1.09 24.52
CA VAL A 1081 -47.03 -0.23 24.40
C VAL A 1081 -48.02 -0.44 25.54
N PHE A 1082 -47.69 0.06 26.74
CA PHE A 1082 -48.54 -0.25 27.89
C PHE A 1082 -49.78 0.65 27.99
N MET A 1083 -49.90 1.66 27.13
CA MET A 1083 -51.03 2.59 27.16
C MET A 1083 -52.01 2.40 26.01
N HIS A 1084 -51.52 1.96 24.84
CA HIS A 1084 -52.30 1.92 23.60
C HIS A 1084 -52.32 0.53 23.00
N ASP A 1085 -52.31 -0.52 23.82
CA ASP A 1085 -52.29 -1.88 23.31
C ASP A 1085 -53.69 -2.30 22.89
N ASN A 1086 -53.92 -2.37 21.58
CA ASN A 1086 -55.21 -2.72 21.01
C ASN A 1086 -55.28 -4.18 20.57
N SER A 1087 -54.27 -4.98 20.92
CA SER A 1087 -54.24 -6.38 20.51
C SER A 1087 -55.24 -7.18 21.35
N PRO A 1088 -55.75 -8.30 20.83
CA PRO A 1088 -56.56 -9.19 21.66
C PRO A 1088 -55.84 -9.61 22.93
N GLY A 1089 -56.52 -9.43 24.06
CA GLY A 1089 -55.98 -9.86 25.33
C GLY A 1089 -54.77 -9.09 25.79
N ARG A 1090 -54.42 -7.99 25.09
CA ARG A 1090 -53.18 -7.27 25.33
C ARG A 1090 -52.01 -8.25 25.25
N ILE A 1091 -52.10 -9.18 24.28
CA ILE A 1091 -51.06 -10.20 24.14
C ILE A 1091 -49.70 -9.58 23.84
N VAL A 1092 -49.68 -8.46 23.13
CA VAL A 1092 -48.41 -7.79 22.84
C VAL A 1092 -47.74 -7.36 24.13
N SER A 1093 -48.53 -6.75 25.04
CA SER A 1093 -47.99 -6.33 26.32
C SER A 1093 -47.43 -7.52 27.07
N ILE A 1094 -48.10 -8.66 27.00
CA ILE A 1094 -47.62 -9.84 27.72
C ILE A 1094 -46.24 -10.23 27.20
N LYS A 1095 -46.07 -10.22 25.88
CA LYS A 1095 -44.75 -10.53 25.33
C LYS A 1095 -43.71 -9.54 25.79
N LEU A 1096 -44.09 -8.26 25.85
CA LEU A 1096 -43.15 -7.23 26.31
C LEU A 1096 -42.73 -7.51 27.74
N LEU A 1097 -43.67 -7.92 28.59
CA LEU A 1097 -43.33 -8.18 29.98
C LEU A 1097 -42.27 -9.26 30.08
N ALA A 1098 -42.36 -10.30 29.24
CA ALA A 1098 -41.37 -11.36 29.30
C ALA A 1098 -39.97 -10.81 29.01
N ALA A 1099 -39.88 -9.91 28.03
CA ALA A 1099 -38.57 -9.33 27.71
C ALA A 1099 -38.03 -8.54 28.88
N ILE A 1100 -38.91 -7.83 29.59
CA ILE A 1100 -38.46 -7.01 30.71
C ILE A 1100 -37.80 -7.89 31.76
N GLN A 1101 -38.33 -9.10 31.97
CA GLN A 1101 -37.73 -9.97 32.98
C GLN A 1101 -36.25 -10.28 32.73
N LEU A 1102 -35.77 -10.14 31.49
CA LEU A 1102 -34.37 -10.46 31.19
C LEU A 1102 -33.40 -9.32 31.44
N PHE A 1103 -33.88 -8.09 31.68
CA PHE A 1103 -32.96 -6.95 31.80
C PHE A 1103 -32.06 -7.08 33.03
N GLY A 1104 -32.60 -7.56 34.15
CA GLY A 1104 -31.83 -7.68 35.37
C GLY A 1104 -31.23 -6.37 35.87
N ALA A 1105 -29.92 -6.43 36.17
CA ALA A 1105 -29.22 -5.28 36.74
C ALA A 1105 -29.25 -4.05 35.85
N ASN A 1106 -29.55 -4.21 34.55
CA ASN A 1106 -29.60 -3.08 33.65
C ASN A 1106 -30.67 -2.07 34.06
N LEU A 1107 -31.66 -2.48 34.87
CA LEU A 1107 -32.74 -1.59 35.29
C LEU A 1107 -32.46 -0.84 36.59
N ASP A 1108 -31.24 -0.92 37.16
CA ASP A 1108 -30.95 -0.22 38.40
C ASP A 1108 -31.29 1.26 38.37
N ASP A 1109 -31.12 1.93 37.23
CA ASP A 1109 -31.34 3.36 37.11
C ASP A 1109 -32.66 3.74 36.45
N TYR A 1110 -33.56 2.77 36.19
CA TYR A 1110 -34.79 3.07 35.46
C TYR A 1110 -36.07 2.49 36.06
N LEU A 1111 -36.04 1.91 37.27
CA LEU A 1111 -37.27 1.37 37.85
C LEU A 1111 -38.33 2.46 38.05
N HIS A 1112 -37.91 3.68 38.34
CA HIS A 1112 -38.85 4.77 38.57
C HIS A 1112 -39.63 5.15 37.33
N LEU A 1113 -39.23 4.67 36.14
CA LEU A 1113 -39.93 4.94 34.90
C LEU A 1113 -40.82 3.78 34.48
N LEU A 1114 -40.42 2.54 34.76
CA LEU A 1114 -41.15 1.38 34.29
C LEU A 1114 -42.16 0.83 35.29
N LEU A 1115 -41.91 0.98 36.60
CA LEU A 1115 -42.83 0.38 37.57
C LEU A 1115 -44.27 0.88 37.51
N PRO A 1116 -44.56 2.18 37.35
CA PRO A 1116 -45.96 2.66 37.30
C PRO A 1116 -46.85 1.84 36.37
N PRO A 1117 -46.59 1.80 35.04
CA PRO A 1117 -47.51 1.02 34.19
C PRO A 1117 -47.55 -0.45 34.54
N ILE A 1118 -46.46 -0.99 35.10
CA ILE A 1118 -46.47 -2.41 35.47
C ILE A 1118 -47.48 -2.62 36.58
N VAL A 1119 -47.50 -1.71 37.55
CA VAL A 1119 -48.47 -1.82 38.65
C VAL A 1119 -49.88 -1.66 38.09
N LYS A 1120 -50.05 -0.69 37.19
CA LYS A 1120 -51.36 -0.45 36.60
C LYS A 1120 -51.91 -1.68 35.88
N LEU A 1121 -51.04 -2.49 35.27
CA LEU A 1121 -51.52 -3.66 34.55
C LEU A 1121 -52.24 -4.67 35.43
N PHE A 1122 -51.97 -4.72 36.74
CA PHE A 1122 -52.67 -5.66 37.63
C PHE A 1122 -53.62 -4.94 38.58
N ASP A 1123 -53.51 -3.63 38.72
CA ASP A 1123 -54.40 -2.91 39.62
C ASP A 1123 -55.77 -2.67 39.00
N ALA A 1124 -55.80 -2.33 37.71
CA ALA A 1124 -57.04 -2.01 37.02
C ALA A 1124 -58.01 -3.20 37.00
N PRO A 1125 -59.23 -3.07 37.54
CA PRO A 1125 -60.13 -4.25 37.61
C PRO A 1125 -60.62 -4.75 36.25
N GLU A 1126 -60.60 -3.93 35.21
CA GLU A 1126 -61.12 -4.31 33.90
C GLU A 1126 -60.13 -5.04 33.00
N ALA A 1127 -58.86 -5.15 33.38
CA ALA A 1127 -57.89 -5.75 32.49
C ALA A 1127 -58.11 -7.27 32.41
N PRO A 1128 -57.82 -7.90 31.27
CA PRO A 1128 -57.85 -9.37 31.20
C PRO A 1128 -56.95 -10.03 32.24
N LEU A 1129 -57.46 -11.10 32.83
CA LEU A 1129 -56.73 -11.81 33.89
C LEU A 1129 -55.35 -12.30 33.47
N PRO A 1130 -55.14 -12.87 32.26
CA PRO A 1130 -53.76 -13.30 31.91
C PRO A 1130 -52.74 -12.19 31.98
N SER A 1131 -53.14 -10.94 31.77
CA SER A 1131 -52.20 -9.84 31.77
C SER A 1131 -51.95 -9.37 33.19
N ARG A 1132 -52.92 -9.54 34.07
CA ARG A 1132 -52.75 -9.13 35.45
C ARG A 1132 -51.82 -10.14 36.12
N LYS A 1133 -52.03 -11.42 35.77
CA LYS A 1133 -51.18 -12.48 36.31
C LYS A 1133 -49.75 -12.28 35.84
N ALA A 1134 -49.57 -12.04 34.54
CA ALA A 1134 -48.23 -11.84 34.00
C ALA A 1134 -47.55 -10.65 34.67
N ALA A 1135 -48.28 -9.56 34.90
CA ALA A 1135 -47.68 -8.40 35.55
C ALA A 1135 -47.22 -8.74 36.96
N LEU A 1136 -48.03 -9.53 37.68
CA LEU A 1136 -47.64 -9.92 39.04
C LEU A 1136 -46.39 -10.79 38.99
N GLU A 1137 -46.32 -11.71 38.04
CA GLU A 1137 -45.15 -12.58 37.94
C GLU A 1137 -43.90 -11.77 37.62
N THR A 1138 -44.04 -10.77 36.76
CA THR A 1138 -42.90 -9.93 36.41
C THR A 1138 -42.39 -9.20 37.64
N VAL A 1139 -43.31 -8.60 38.40
CA VAL A 1139 -42.90 -7.86 39.60
C VAL A 1139 -42.21 -8.80 40.57
N ASP A 1140 -42.76 -10.00 40.75
CA ASP A 1140 -42.15 -10.97 41.66
C ASP A 1140 -40.73 -11.31 41.23
N ARG A 1141 -40.57 -11.69 39.96
CA ARG A 1141 -39.26 -12.12 39.47
C ARG A 1141 -38.22 -11.02 39.54
N LEU A 1142 -38.61 -9.76 39.36
CA LEU A 1142 -37.62 -8.68 39.44
C LEU A 1142 -36.98 -8.55 40.83
N THR A 1143 -37.65 -9.02 41.89
CA THR A 1143 -37.13 -8.85 43.25
C THR A 1143 -35.88 -9.67 43.52
N GLU A 1144 -35.56 -10.64 42.67
CA GLU A 1144 -34.37 -11.46 42.86
C GLU A 1144 -33.07 -10.69 42.66
N SER A 1145 -33.08 -9.58 41.91
CA SER A 1145 -31.86 -8.85 41.59
C SER A 1145 -31.89 -7.35 41.92
N LEU A 1146 -33.06 -6.73 42.07
CA LEU A 1146 -33.15 -5.29 42.27
C LEU A 1146 -33.64 -4.96 43.68
N ASP A 1147 -33.25 -3.79 44.16
CA ASP A 1147 -33.62 -3.29 45.49
C ASP A 1147 -34.93 -2.51 45.39
N PHE A 1148 -36.01 -3.07 45.93
CA PHE A 1148 -37.33 -2.43 45.87
C PHE A 1148 -37.73 -1.79 47.20
N THR A 1149 -36.75 -1.57 48.11
CA THR A 1149 -37.06 -1.01 49.42
C THR A 1149 -37.79 0.33 49.31
N ASP A 1150 -37.30 1.22 48.45
CA ASP A 1150 -37.81 2.58 48.38
C ASP A 1150 -39.14 2.67 47.68
N TYR A 1151 -39.61 1.56 47.11
CA TYR A 1151 -40.86 1.49 46.39
C TYR A 1151 -41.87 0.62 47.12
N ALA A 1152 -41.54 0.17 48.35
CA ALA A 1152 -42.39 -0.80 49.03
C ALA A 1152 -43.82 -0.30 49.19
N SER A 1153 -43.98 0.99 49.53
CA SER A 1153 -45.33 1.49 49.76
C SER A 1153 -46.10 1.59 48.46
N ARG A 1154 -45.40 1.71 47.34
CA ARG A 1154 -46.07 1.83 46.06
C ARG A 1154 -46.43 0.44 45.55
N ILE A 1155 -45.68 -0.58 45.96
CA ILE A 1155 -45.99 -1.95 45.58
C ILE A 1155 -47.05 -2.56 46.49
N ILE A 1156 -46.90 -2.38 47.80
CA ILE A 1156 -47.79 -3.06 48.76
C ILE A 1156 -49.24 -2.61 48.59
N HIS A 1157 -49.49 -1.30 48.55
CA HIS A 1157 -50.87 -0.82 48.47
C HIS A 1157 -51.66 -1.42 47.29
N PRO A 1158 -51.17 -1.36 46.05
CA PRO A 1158 -51.84 -2.09 44.95
C PRO A 1158 -52.09 -3.57 45.21
N ILE A 1159 -51.18 -4.26 45.91
CA ILE A 1159 -51.40 -5.66 46.23
C ILE A 1159 -52.67 -5.81 47.06
N VAL A 1160 -52.85 -4.94 48.05
CA VAL A 1160 -53.81 -5.23 49.11
C VAL A 1160 -55.21 -5.11 48.57
N ARG A 1161 -55.47 -4.09 47.75
CA ARG A 1161 -56.77 -3.95 47.12
C ARG A 1161 -57.07 -5.18 46.27
N THR A 1162 -56.05 -5.69 45.57
CA THR A 1162 -56.26 -6.86 44.72
C THR A 1162 -56.70 -8.04 45.56
N LEU A 1163 -56.16 -8.16 46.79
CA LEU A 1163 -56.51 -9.30 47.64
C LEU A 1163 -58.01 -9.32 47.86
N ASP A 1164 -58.61 -8.14 48.05
CA ASP A 1164 -60.05 -8.04 48.20
C ASP A 1164 -60.78 -8.21 46.88
N GLN A 1165 -60.21 -7.71 45.78
CA GLN A 1165 -60.90 -7.76 44.49
C GLN A 1165 -61.24 -9.17 44.03
N SER A 1166 -60.29 -10.12 44.13
CA SER A 1166 -60.60 -11.47 43.67
C SER A 1166 -59.61 -12.54 44.15
N PRO A 1167 -60.06 -13.73 44.58
CA PRO A 1167 -59.10 -14.77 44.97
C PRO A 1167 -58.23 -15.28 43.82
N GLU A 1168 -58.67 -15.06 42.58
CA GLU A 1168 -57.95 -15.58 41.41
C GLU A 1168 -56.56 -14.98 41.33
N LEU A 1169 -56.43 -13.69 41.66
CA LEU A 1169 -55.13 -13.04 41.59
C LEU A 1169 -54.46 -13.14 42.94
N ARG A 1170 -55.25 -13.24 44.01
CA ARG A 1170 -54.73 -13.45 45.36
C ARG A 1170 -53.79 -14.64 45.40
N SER A 1171 -54.13 -15.68 44.63
CA SER A 1171 -53.36 -16.93 44.60
C SER A 1171 -51.90 -16.72 44.22
N THR A 1172 -51.55 -15.61 43.57
CA THR A 1172 -50.17 -15.28 43.23
C THR A 1172 -49.73 -14.01 43.94
N ALA A 1173 -50.69 -13.14 44.30
CA ALA A 1173 -50.34 -11.90 44.97
C ALA A 1173 -49.67 -12.23 46.28
N MET A 1174 -50.11 -13.31 46.94
CA MET A 1174 -49.49 -13.68 48.21
C MET A 1174 -48.05 -14.10 48.03
N ASP A 1175 -47.68 -14.60 46.85
CA ASP A 1175 -46.28 -14.98 46.63
C ASP A 1175 -45.45 -13.76 46.27
N THR A 1176 -46.04 -12.83 45.52
CA THR A 1176 -45.32 -11.61 45.19
C THR A 1176 -45.04 -10.84 46.49
N LEU A 1177 -46.05 -10.78 47.35
CA LEU A 1177 -45.92 -10.14 48.64
C LEU A 1177 -44.85 -10.83 49.46
N SER A 1178 -44.91 -12.17 49.53
CA SER A 1178 -43.94 -12.89 50.35
C SER A 1178 -42.51 -12.60 49.90
N SER A 1179 -42.28 -12.55 48.59
CA SER A 1179 -40.93 -12.24 48.09
C SER A 1179 -40.52 -10.83 48.50
N LEU A 1180 -41.44 -9.88 48.40
CA LEU A 1180 -41.12 -8.51 48.81
C LEU A 1180 -40.78 -8.46 50.30
N VAL A 1181 -41.60 -9.14 51.12
CA VAL A 1181 -41.38 -9.16 52.56
C VAL A 1181 -40.02 -9.76 52.86
N PHE A 1182 -39.68 -10.84 52.16
CA PHE A 1182 -38.38 -11.48 52.34
C PHE A 1182 -37.26 -10.48 52.14
N GLN A 1183 -37.30 -9.74 51.02
CA GLN A 1183 -36.26 -8.75 50.77
C GLN A 1183 -36.24 -7.66 51.83
N LEU A 1184 -37.42 -7.17 52.24
CA LEU A 1184 -37.52 -6.08 53.21
C LEU A 1184 -37.06 -6.48 54.62
N GLY A 1185 -37.32 -7.72 55.02
CA GLY A 1185 -37.00 -8.16 56.37
C GLY A 1185 -37.74 -7.38 57.44
N LYS A 1186 -37.02 -6.86 58.44
CA LYS A 1186 -37.65 -6.13 59.54
C LYS A 1186 -38.41 -4.88 59.13
N LYS A 1187 -38.11 -4.33 57.94
CA LYS A 1187 -38.76 -3.09 57.50
C LYS A 1187 -40.25 -3.26 57.24
N TYR A 1188 -40.76 -4.49 57.12
CA TYR A 1188 -42.17 -4.74 56.87
C TYR A 1188 -43.03 -4.74 58.14
N GLN A 1189 -42.40 -4.67 59.33
CA GLN A 1189 -43.19 -4.69 60.55
C GLN A 1189 -44.08 -3.47 60.65
N ILE A 1190 -43.73 -2.38 59.96
CA ILE A 1190 -44.58 -1.20 59.92
C ILE A 1190 -45.93 -1.56 59.30
N PHE A 1191 -45.91 -2.43 58.29
CA PHE A 1191 -47.11 -2.75 57.53
C PHE A 1191 -47.88 -3.95 58.07
N ILE A 1192 -47.25 -4.83 58.87
CA ILE A 1192 -47.96 -6.04 59.34
C ILE A 1192 -49.33 -5.69 59.97
N PRO A 1193 -49.43 -4.69 60.88
CA PRO A 1193 -50.73 -4.38 61.49
C PRO A 1193 -51.80 -3.97 60.48
N MET A 1194 -51.43 -3.58 59.26
CA MET A 1194 -52.45 -3.22 58.29
C MET A 1194 -52.95 -4.51 57.67
N VAL A 1195 -52.03 -5.36 57.24
CA VAL A 1195 -52.39 -6.34 56.22
C VAL A 1195 -53.05 -7.51 56.92
N ASN A 1196 -52.77 -7.66 58.23
CA ASN A 1196 -53.43 -8.72 58.96
C ASN A 1196 -54.94 -8.56 58.92
N LYS A 1197 -55.44 -7.31 58.85
CA LYS A 1197 -56.88 -7.11 58.83
C LYS A 1197 -57.50 -7.76 57.60
N VAL A 1198 -56.77 -7.75 56.48
CA VAL A 1198 -57.27 -8.38 55.27
C VAL A 1198 -57.15 -9.89 55.42
N LEU A 1199 -56.02 -10.34 55.97
CA LEU A 1199 -55.80 -11.77 56.12
C LEU A 1199 -56.81 -12.40 57.08
N VAL A 1200 -57.37 -11.60 57.99
CA VAL A 1200 -58.43 -12.06 58.90
C VAL A 1200 -59.80 -11.98 58.23
N ARG A 1201 -60.12 -10.85 57.57
CA ARG A 1201 -61.44 -10.73 56.94
C ARG A 1201 -61.69 -11.85 55.92
N HIS A 1202 -60.66 -12.23 55.16
CA HIS A 1202 -60.76 -13.32 54.20
C HIS A 1202 -59.91 -14.47 54.71
N ARG A 1203 -60.39 -15.70 54.54
CA ARG A 1203 -59.71 -16.88 55.09
C ARG A 1203 -58.47 -17.19 54.25
N ILE A 1204 -57.43 -16.38 54.46
CA ILE A 1204 -56.19 -16.46 53.68
C ILE A 1204 -55.13 -17.12 54.54
N ASN A 1205 -54.65 -18.28 54.11
CA ASN A 1205 -53.67 -19.08 54.84
C ASN A 1205 -52.52 -19.42 53.89
N HIS A 1206 -51.31 -18.94 54.21
CA HIS A 1206 -50.14 -19.15 53.36
C HIS A 1206 -48.96 -19.47 54.27
N GLN A 1207 -48.49 -20.72 54.21
CA GLN A 1207 -47.44 -21.16 55.13
C GLN A 1207 -46.15 -20.36 54.96
N ARG A 1208 -45.75 -20.10 53.71
CA ARG A 1208 -44.54 -19.33 53.45
C ARG A 1208 -44.60 -17.97 54.14
N TYR A 1209 -45.70 -17.24 53.89
CA TYR A 1209 -45.85 -15.90 54.46
C TYR A 1209 -45.88 -15.97 55.98
N ASP A 1210 -46.70 -16.88 56.52
CA ASP A 1210 -46.84 -16.98 57.97
C ASP A 1210 -45.50 -17.25 58.66
N VAL A 1211 -44.72 -18.17 58.10
CA VAL A 1211 -43.41 -18.48 58.68
C VAL A 1211 -42.49 -17.26 58.57
N LEU A 1212 -42.48 -16.62 57.40
CA LEU A 1212 -41.64 -15.44 57.19
C LEU A 1212 -41.95 -14.37 58.23
N ILE A 1213 -43.25 -14.06 58.41
CA ILE A 1213 -43.64 -13.02 59.34
C ILE A 1213 -43.30 -13.43 60.77
N CYS A 1214 -43.57 -14.68 61.16
CA CYS A 1214 -43.27 -15.08 62.52
C CYS A 1214 -41.78 -14.95 62.81
N ARG A 1215 -40.94 -15.40 61.87
CA ARG A 1215 -39.49 -15.31 62.10
C ARG A 1215 -39.05 -13.85 62.19
N ILE A 1216 -39.58 -12.99 61.33
CA ILE A 1216 -39.21 -11.57 61.36
C ILE A 1216 -39.60 -10.95 62.70
N VAL A 1217 -40.83 -11.20 63.14
CA VAL A 1217 -41.31 -10.65 64.41
C VAL A 1217 -40.46 -11.14 65.57
N LYS A 1218 -40.04 -12.41 65.54
CA LYS A 1218 -39.23 -12.99 66.59
C LYS A 1218 -37.75 -12.62 66.51
N GLY A 1219 -37.34 -11.88 65.48
CA GLY A 1219 -35.96 -11.48 65.35
C GLY A 1219 -35.04 -12.48 64.69
N TYR A 1220 -35.59 -13.50 64.03
CA TYR A 1220 -34.78 -14.52 63.38
C TYR A 1220 -34.53 -14.12 61.92
N THR A 1221 -33.35 -14.48 61.42
CA THR A 1221 -33.01 -14.26 60.02
C THR A 1221 -33.52 -15.40 59.17
N LEU A 1222 -33.50 -15.18 57.86
CA LEU A 1222 -33.86 -16.20 56.87
C LEU A 1222 -32.78 -16.31 55.81
N SER A 1261 -22.15 -38.25 -3.98
CA SER A 1261 -21.00 -37.75 -4.70
C SER A 1261 -20.74 -38.55 -5.99
N THR A 1262 -21.26 -39.77 -6.06
CA THR A 1262 -21.09 -40.58 -7.25
C THR A 1262 -21.81 -40.01 -8.46
N ILE A 1263 -22.87 -39.21 -8.24
CA ILE A 1263 -23.59 -38.59 -9.36
C ILE A 1263 -22.66 -37.72 -10.18
N ASN A 1264 -21.61 -37.18 -9.53
CA ASN A 1264 -20.67 -36.27 -10.17
C ASN A 1264 -19.97 -36.95 -11.33
N LEU A 1265 -19.94 -38.27 -11.32
CA LEU A 1265 -19.30 -39.12 -12.30
C LEU A 1265 -20.36 -39.82 -13.14
N GLN A 1266 -21.41 -40.34 -12.47
CA GLN A 1266 -22.40 -41.17 -13.14
C GLN A 1266 -23.09 -40.40 -14.26
N LYS A 1267 -23.32 -39.11 -14.06
CA LYS A 1267 -23.97 -38.26 -15.06
C LYS A 1267 -22.95 -37.57 -15.95
N ALA A 1268 -21.72 -37.36 -15.44
CA ALA A 1268 -20.67 -36.76 -16.25
C ALA A 1268 -20.37 -37.63 -17.47
N TRP A 1269 -20.47 -38.95 -17.29
CA TRP A 1269 -20.17 -39.88 -18.37
C TRP A 1269 -21.21 -39.82 -19.48
N GLY A 1270 -22.26 -39.01 -19.30
CA GLY A 1270 -23.20 -38.80 -20.36
C GLY A 1270 -22.61 -38.00 -21.50
N ALA A 1271 -21.38 -37.50 -21.32
CA ALA A 1271 -20.67 -36.82 -22.39
C ALA A 1271 -20.62 -37.73 -23.60
N ALA A 1272 -20.51 -39.05 -23.37
CA ALA A 1272 -20.41 -39.99 -24.48
C ALA A 1272 -21.65 -39.95 -25.37
N ARG A 1273 -22.79 -39.47 -24.87
CA ARG A 1273 -24.05 -39.48 -25.60
C ARG A 1273 -24.44 -38.11 -26.14
N ARG A 1274 -23.56 -37.10 -26.06
CA ARG A 1274 -23.88 -35.75 -26.51
C ARG A 1274 -23.45 -35.57 -27.96
N VAL A 1275 -24.27 -34.85 -28.73
CA VAL A 1275 -23.99 -34.63 -30.15
C VAL A 1275 -23.88 -33.14 -30.50
N SER A 1276 -24.94 -32.37 -30.24
CA SER A 1276 -24.97 -30.97 -30.65
C SER A 1276 -24.27 -30.08 -29.62
N LYS A 1277 -24.02 -28.83 -30.02
CA LYS A 1277 -23.41 -27.87 -29.10
C LYS A 1277 -24.31 -27.62 -27.90
N ASP A 1278 -25.64 -27.57 -28.13
CA ASP A 1278 -26.56 -27.36 -27.01
C ASP A 1278 -26.48 -28.52 -26.03
N ASP A 1279 -26.33 -29.74 -26.57
CA ASP A 1279 -26.20 -30.92 -25.71
C ASP A 1279 -24.98 -30.77 -24.81
N TRP A 1280 -23.88 -30.23 -25.34
CA TRP A 1280 -22.67 -30.07 -24.54
C TRP A 1280 -22.82 -28.96 -23.53
N LEU A 1281 -23.55 -27.89 -23.88
CA LEU A 1281 -23.78 -26.81 -22.93
C LEU A 1281 -24.62 -27.31 -21.76
N GLU A 1282 -25.63 -28.13 -22.07
CA GLU A 1282 -26.45 -28.68 -21.00
C GLU A 1282 -25.66 -29.69 -20.19
N TRP A 1283 -24.76 -30.44 -20.83
CA TRP A 1283 -23.90 -31.36 -20.11
C TRP A 1283 -23.06 -30.61 -19.08
N LEU A 1284 -22.44 -29.50 -19.50
CA LEU A 1284 -21.61 -28.72 -18.57
C LEU A 1284 -22.46 -28.16 -17.44
N ARG A 1285 -23.60 -27.56 -17.77
CA ARG A 1285 -24.47 -26.96 -16.74
C ARG A 1285 -24.88 -28.02 -15.73
N ARG A 1286 -25.36 -29.16 -16.22
CA ARG A 1286 -25.80 -30.24 -15.34
C ARG A 1286 -24.66 -30.68 -14.44
N LEU A 1287 -23.46 -30.85 -15.03
CA LEU A 1287 -22.32 -31.28 -14.23
C LEU A 1287 -22.04 -30.28 -13.11
N SER A 1288 -22.07 -28.98 -13.43
CA SER A 1288 -21.78 -27.97 -12.42
C SER A 1288 -22.76 -28.10 -11.25
N LEU A 1289 -24.05 -28.29 -11.59
CA LEU A 1289 -25.06 -28.39 -10.54
C LEU A 1289 -24.84 -29.64 -9.72
N GLU A 1290 -24.49 -30.75 -10.37
CA GLU A 1290 -24.28 -32.00 -9.65
C GLU A 1290 -23.08 -31.88 -8.72
N LEU A 1291 -22.03 -31.20 -9.17
CA LEU A 1291 -20.84 -31.04 -8.34
C LEU A 1291 -21.17 -30.25 -7.09
N LEU A 1292 -22.01 -29.22 -7.21
CA LEU A 1292 -22.39 -28.46 -6.03
C LEU A 1292 -23.32 -29.26 -5.12
N LYS A 1293 -24.27 -30.01 -5.70
CA LYS A 1293 -25.29 -30.73 -4.93
C LYS A 1293 -24.69 -31.62 -3.84
N ASP A 1294 -23.71 -32.45 -4.18
CA ASP A 1294 -23.12 -33.42 -3.27
C ASP A 1294 -21.73 -33.04 -2.77
N SER A 1295 -21.36 -31.75 -2.84
CA SER A 1295 -20.06 -31.33 -2.34
C SER A 1295 -19.87 -31.75 -0.88
N SER A 1296 -18.66 -32.20 -0.55
CA SER A 1296 -18.39 -32.66 0.81
C SER A 1296 -18.37 -31.53 1.84
N SER A 1297 -18.11 -30.28 1.43
CA SER A 1297 -18.11 -29.16 2.35
C SER A 1297 -19.52 -28.54 2.45
N PRO A 1298 -20.05 -28.25 3.65
CA PRO A 1298 -21.38 -27.61 3.73
C PRO A 1298 -21.45 -26.20 3.16
N SER A 1299 -20.32 -25.51 3.06
CA SER A 1299 -20.32 -24.13 2.57
C SER A 1299 -20.63 -24.06 1.09
N LEU A 1300 -20.54 -25.18 0.38
CA LEU A 1300 -20.84 -25.27 -1.03
C LEU A 1300 -22.19 -25.94 -1.23
N ARG A 1301 -22.52 -26.95 -0.40
CA ARG A 1301 -23.82 -27.60 -0.54
C ARG A 1301 -24.93 -26.58 -0.31
N SER A 1302 -24.69 -25.65 0.62
CA SER A 1302 -25.70 -24.64 0.94
C SER A 1302 -26.02 -23.73 -0.24
N CYS A 1303 -25.16 -23.71 -1.26
CA CYS A 1303 -25.35 -22.88 -2.44
C CYS A 1303 -26.05 -23.61 -3.57
N TRP A 1304 -26.34 -24.92 -3.42
CA TRP A 1304 -26.94 -25.67 -4.50
C TRP A 1304 -28.29 -25.10 -4.91
N ALA A 1305 -29.15 -24.81 -3.92
CA ALA A 1305 -30.47 -24.29 -4.24
C ALA A 1305 -30.35 -22.99 -5.01
N LEU A 1306 -29.35 -22.19 -4.66
CA LEU A 1306 -29.10 -20.93 -5.36
C LEU A 1306 -28.67 -21.24 -6.79
N ALA A 1307 -27.81 -22.25 -6.94
CA ALA A 1307 -27.24 -22.66 -8.22
C ALA A 1307 -28.28 -23.14 -9.21
N GLN A 1308 -29.46 -23.58 -8.73
CA GLN A 1308 -30.54 -24.00 -9.62
C GLN A 1308 -30.95 -22.89 -10.60
N ALA A 1309 -30.60 -21.65 -10.26
CA ALA A 1309 -30.82 -20.46 -11.06
C ALA A 1309 -29.54 -19.66 -10.86
N TYR A 1310 -29.56 -18.38 -11.17
CA TYR A 1310 -28.41 -17.49 -11.03
C TYR A 1310 -27.19 -18.02 -11.78
N ASN A 1311 -27.41 -18.60 -13.00
CA ASN A 1311 -26.39 -19.23 -13.89
C ASN A 1311 -24.97 -18.78 -13.55
N PRO A 1312 -24.61 -17.48 -13.74
CA PRO A 1312 -23.22 -17.06 -13.46
C PRO A 1312 -22.71 -17.56 -12.12
N MET A 1313 -23.56 -17.67 -11.10
CA MET A 1313 -23.10 -18.15 -9.80
C MET A 1313 -22.64 -19.58 -9.91
N ALA A 1314 -23.39 -20.40 -10.65
CA ALA A 1314 -23.01 -21.80 -10.82
C ALA A 1314 -21.67 -21.87 -11.53
N ARG A 1315 -21.47 -20.98 -12.49
CA ARG A 1315 -20.19 -20.94 -13.21
C ARG A 1315 -19.04 -20.58 -12.27
N ASP A 1316 -19.25 -19.56 -11.43
CA ASP A 1316 -18.19 -19.07 -10.55
C ASP A 1316 -17.69 -20.12 -9.56
N LEU A 1317 -18.56 -20.98 -9.08
CA LEU A 1317 -18.19 -22.00 -8.09
C LEU A 1317 -17.73 -23.32 -8.71
N PHE A 1318 -17.72 -23.41 -10.05
CA PHE A 1318 -17.40 -24.66 -10.72
C PHE A 1318 -16.03 -25.21 -10.33
N ASN A 1319 -14.98 -24.38 -10.40
CA ASN A 1319 -13.63 -24.89 -10.18
C ASN A 1319 -13.41 -25.34 -8.75
N ALA A 1320 -13.96 -24.61 -7.77
CA ALA A 1320 -13.78 -25.02 -6.37
C ALA A 1320 -14.46 -26.35 -6.11
N ALA A 1321 -15.69 -26.50 -6.62
CA ALA A 1321 -16.41 -27.76 -6.42
C ALA A 1321 -15.68 -28.89 -7.10
N PHE A 1322 -15.17 -28.65 -8.31
CA PHE A 1322 -14.46 -29.69 -9.05
C PHE A 1322 -13.28 -30.18 -8.22
N VAL A 1323 -12.48 -29.25 -7.72
CA VAL A 1323 -11.29 -29.63 -6.96
C VAL A 1323 -11.69 -30.43 -5.72
N SER A 1324 -12.74 -29.99 -5.03
CA SER A 1324 -13.20 -30.70 -3.84
C SER A 1324 -13.58 -32.13 -4.19
N CYS A 1325 -14.39 -32.31 -5.25
CA CYS A 1325 -14.82 -33.65 -5.61
C CYS A 1325 -13.62 -34.50 -6.04
N TRP A 1326 -12.73 -33.90 -6.83
CA TRP A 1326 -11.54 -34.57 -7.35
C TRP A 1326 -10.71 -35.19 -6.23
N SER A 1327 -10.48 -34.45 -5.16
CA SER A 1327 -9.58 -34.94 -4.12
C SER A 1327 -10.07 -36.21 -3.43
N GLU A 1328 -11.35 -36.56 -3.55
CA GLU A 1328 -11.92 -37.74 -2.89
C GLU A 1328 -12.13 -38.94 -3.81
N LEU A 1329 -11.72 -38.88 -5.08
CA LEU A 1329 -11.95 -39.95 -6.02
C LEU A 1329 -10.77 -40.91 -6.10
N ASN A 1330 -11.07 -42.17 -6.49
CA ASN A 1330 -10.04 -43.16 -6.73
C ASN A 1330 -9.54 -43.11 -8.19
N GLU A 1331 -8.60 -44.00 -8.52
CA GLU A 1331 -7.95 -43.95 -9.82
C GLU A 1331 -8.92 -44.21 -10.99
N ASP A 1332 -9.85 -45.15 -10.84
CA ASP A 1332 -10.75 -45.46 -11.95
C ASP A 1332 -11.72 -44.32 -12.19
N GLN A 1333 -12.20 -43.70 -11.11
CA GLN A 1333 -13.13 -42.59 -11.25
C GLN A 1333 -12.46 -41.40 -11.93
N GLN A 1334 -11.22 -41.12 -11.54
CA GLN A 1334 -10.50 -40.02 -12.16
C GLN A 1334 -10.23 -40.34 -13.62
N ASP A 1335 -9.91 -41.61 -13.92
CA ASP A 1335 -9.61 -41.98 -15.30
C ASP A 1335 -10.81 -41.71 -16.19
N GLU A 1336 -11.99 -42.20 -15.78
CA GLU A 1336 -13.16 -42.00 -16.62
C GLU A 1336 -13.54 -40.53 -16.72
N LEU A 1337 -13.36 -39.76 -15.63
CA LEU A 1337 -13.68 -38.34 -15.69
C LEU A 1337 -12.78 -37.64 -16.70
N ILE A 1338 -11.48 -37.95 -16.67
CA ILE A 1338 -10.55 -37.38 -17.63
C ILE A 1338 -10.94 -37.76 -19.06
N ARG A 1339 -11.35 -39.02 -19.27
CA ARG A 1339 -11.75 -39.42 -20.62
C ARG A 1339 -12.93 -38.59 -21.10
N SER A 1340 -13.87 -38.30 -20.20
CA SER A 1340 -15.01 -37.46 -20.57
C SER A 1340 -14.55 -36.06 -20.93
N ILE A 1341 -13.58 -35.53 -20.17
CA ILE A 1341 -13.06 -34.19 -20.46
C ILE A 1341 -12.38 -34.17 -21.83
N GLU A 1342 -11.57 -35.18 -22.13
CA GLU A 1342 -10.88 -35.24 -23.41
C GLU A 1342 -11.89 -35.33 -24.55
N LEU A 1343 -12.97 -36.08 -24.34
CA LEU A 1343 -14.02 -36.17 -25.35
C LEU A 1343 -14.59 -34.78 -25.61
N ALA A 1344 -14.95 -34.07 -24.53
CA ALA A 1344 -15.52 -32.73 -24.70
C ALA A 1344 -14.55 -31.80 -25.42
N LEU A 1345 -13.26 -31.90 -25.09
CA LEU A 1345 -12.24 -31.05 -25.70
C LEU A 1345 -12.05 -31.32 -27.19
N THR A 1346 -12.26 -32.56 -27.64
CA THR A 1346 -12.00 -32.94 -29.03
C THR A 1346 -13.26 -33.05 -29.88
N SER A 1347 -14.45 -33.10 -29.27
CA SER A 1347 -15.67 -33.28 -30.04
C SER A 1347 -15.96 -32.11 -30.96
N GLN A 1348 -15.94 -30.88 -30.43
CA GLN A 1348 -16.31 -29.73 -31.26
C GLN A 1348 -15.96 -28.43 -30.55
N ASP A 1349 -15.83 -27.37 -31.36
CA ASP A 1349 -15.37 -26.04 -30.94
C ASP A 1349 -16.49 -25.22 -30.32
N ILE A 1350 -16.70 -25.41 -29.02
CA ILE A 1350 -17.67 -24.64 -28.23
C ILE A 1350 -16.88 -23.67 -27.37
N ALA A 1351 -17.07 -22.37 -27.61
CA ALA A 1351 -16.26 -21.36 -26.94
C ALA A 1351 -16.42 -21.41 -25.42
N GLU A 1352 -17.66 -21.55 -24.94
CA GLU A 1352 -17.90 -21.53 -23.50
C GLU A 1352 -17.26 -22.74 -22.82
N VAL A 1353 -17.45 -23.93 -23.40
CA VAL A 1353 -16.92 -25.13 -22.78
C VAL A 1353 -15.40 -25.11 -22.83
N THR A 1354 -14.85 -24.69 -23.97
CA THR A 1354 -13.41 -24.64 -24.12
C THR A 1354 -12.79 -23.70 -23.09
N GLN A 1355 -13.35 -22.48 -22.95
CA GLN A 1355 -12.79 -21.53 -22.01
C GLN A 1355 -12.92 -22.04 -20.57
N THR A 1356 -14.03 -22.69 -20.27
CA THR A 1356 -14.22 -23.23 -18.92
C THR A 1356 -13.16 -24.28 -18.61
N LEU A 1357 -12.94 -25.21 -19.55
CA LEU A 1357 -11.99 -26.28 -19.31
C LEU A 1357 -10.56 -25.73 -19.26
N LEU A 1358 -10.25 -24.74 -20.09
CA LEU A 1358 -8.91 -24.15 -20.06
C LEU A 1358 -8.66 -23.48 -18.71
N ASN A 1359 -9.67 -22.78 -18.19
CA ASN A 1359 -9.48 -22.13 -16.90
C ASN A 1359 -9.34 -23.18 -15.80
N LEU A 1360 -10.11 -24.27 -15.91
CA LEU A 1360 -9.99 -25.34 -14.93
C LEU A 1360 -8.56 -25.87 -14.91
N ALA A 1361 -8.00 -26.10 -16.10
CA ALA A 1361 -6.62 -26.59 -16.17
C ALA A 1361 -5.69 -25.61 -15.50
N GLU A 1362 -5.91 -24.30 -15.71
CA GLU A 1362 -5.09 -23.28 -15.06
C GLU A 1362 -5.11 -23.47 -13.55
N PHE A 1363 -6.32 -23.67 -13.00
CA PHE A 1363 -6.44 -23.82 -11.56
C PHE A 1363 -5.69 -25.05 -11.09
N MET A 1364 -5.82 -26.16 -11.84
CA MET A 1364 -5.15 -27.37 -11.40
C MET A 1364 -3.64 -27.16 -11.42
N GLU A 1365 -3.15 -26.38 -12.41
CA GLU A 1365 -1.72 -26.10 -12.48
C GLU A 1365 -1.25 -25.24 -11.31
N HIS A 1366 -2.16 -24.52 -10.65
CA HIS A 1366 -1.81 -23.69 -9.50
C HIS A 1366 -2.17 -24.33 -8.16
N SER A 1367 -2.67 -25.57 -8.16
CA SER A 1367 -3.12 -26.26 -6.97
C SER A 1367 -2.05 -27.23 -6.48
N ASP A 1368 -2.31 -27.81 -5.31
CA ASP A 1368 -1.41 -28.80 -4.71
C ASP A 1368 -1.55 -30.19 -5.33
N LYS A 1369 -2.48 -30.37 -6.27
CA LYS A 1369 -2.70 -31.65 -6.94
C LYS A 1369 -1.95 -31.77 -8.26
N GLY A 1370 -1.41 -30.67 -8.78
CA GLY A 1370 -0.71 -30.66 -10.03
C GLY A 1370 -1.59 -30.74 -11.26
N PRO A 1371 -0.98 -30.76 -12.45
CA PRO A 1371 -1.76 -30.80 -13.69
C PRO A 1371 -2.63 -32.04 -13.81
N LEU A 1372 -3.71 -31.90 -14.57
CA LEU A 1372 -4.58 -33.02 -14.85
C LEU A 1372 -3.85 -34.06 -15.72
N PRO A 1373 -3.97 -35.37 -15.41
CA PRO A 1373 -3.32 -36.41 -16.27
C PRO A 1373 -4.12 -36.71 -17.53
N LEU A 1374 -4.17 -35.76 -18.46
CA LEU A 1374 -5.09 -35.88 -19.59
C LEU A 1374 -4.74 -37.04 -20.52
N ARG A 1375 -3.51 -37.08 -21.04
CA ARG A 1375 -3.09 -38.20 -21.91
C ARG A 1375 -1.72 -38.70 -21.49
N ASP A 1376 -0.72 -37.86 -21.74
CA ASP A 1376 0.65 -38.02 -21.31
C ASP A 1376 1.20 -36.61 -21.38
N ASP A 1377 2.18 -36.29 -20.54
CA ASP A 1377 2.69 -34.92 -20.38
C ASP A 1377 1.54 -33.91 -20.48
N ASN A 1378 0.44 -34.20 -19.79
CA ASN A 1378 -0.44 -33.23 -19.18
C ASN A 1378 -1.24 -32.51 -20.25
N GLY A 1379 -1.24 -33.05 -21.48
CA GLY A 1379 -2.06 -32.54 -22.54
C GLY A 1379 -1.50 -31.23 -23.04
N ILE A 1380 -0.18 -31.01 -22.86
CA ILE A 1380 0.42 -29.73 -23.22
C ILE A 1380 0.18 -29.43 -24.69
N VAL A 1381 0.36 -30.44 -25.55
CA VAL A 1381 0.16 -30.22 -26.98
C VAL A 1381 -1.29 -29.88 -27.27
N LEU A 1382 -2.23 -30.66 -26.71
CA LEU A 1382 -3.65 -30.45 -26.98
C LEU A 1382 -4.11 -29.09 -26.50
N LEU A 1383 -3.77 -28.75 -25.26
CA LEU A 1383 -4.19 -27.48 -24.71
C LEU A 1383 -3.63 -26.34 -25.53
N GLY A 1384 -2.39 -26.52 -26.00
CA GLY A 1384 -1.77 -25.52 -26.85
C GLY A 1384 -2.60 -25.27 -28.10
N GLU A 1385 -2.97 -26.35 -28.78
CA GLU A 1385 -3.77 -26.22 -29.99
C GLU A 1385 -5.04 -25.44 -29.70
N ARG A 1386 -5.73 -25.81 -28.62
CA ARG A 1386 -6.98 -25.13 -28.31
C ARG A 1386 -6.73 -23.67 -27.99
N ALA A 1387 -5.63 -23.39 -27.28
CA ALA A 1387 -5.33 -22.01 -26.94
C ALA A 1387 -5.17 -21.19 -28.21
N ALA A 1388 -4.50 -21.76 -29.22
CA ALA A 1388 -4.30 -21.04 -30.47
C ALA A 1388 -5.64 -20.76 -31.13
N LYS A 1389 -6.54 -21.76 -31.13
CA LYS A 1389 -7.84 -21.59 -31.79
C LYS A 1389 -8.69 -20.50 -31.14
N CYS A 1390 -8.57 -20.32 -29.83
CA CYS A 1390 -9.36 -19.34 -29.08
C CYS A 1390 -8.73 -17.96 -29.02
N ARG A 1391 -7.59 -17.75 -29.68
CA ARG A 1391 -6.80 -16.52 -29.62
C ARG A 1391 -6.21 -16.27 -28.23
N ALA A 1392 -6.10 -17.32 -27.40
CA ALA A 1392 -5.48 -17.22 -26.08
C ALA A 1392 -3.97 -17.40 -26.25
N TYR A 1393 -3.35 -16.37 -26.83
CA TYR A 1393 -1.96 -16.49 -27.25
C TYR A 1393 -1.00 -16.60 -26.06
N ALA A 1394 -1.35 -16.00 -24.92
CA ALA A 1394 -0.50 -16.13 -23.73
C ALA A 1394 -0.39 -17.58 -23.29
N LYS A 1395 -1.50 -18.32 -23.37
CA LYS A 1395 -1.46 -19.71 -22.96
C LYS A 1395 -0.74 -20.54 -24.00
N ALA A 1396 -0.96 -20.25 -25.28
CA ALA A 1396 -0.28 -20.99 -26.33
C ALA A 1396 1.22 -20.83 -26.17
N LEU A 1397 1.67 -19.62 -25.83
CA LEU A 1397 3.09 -19.37 -25.63
C LEU A 1397 3.61 -20.16 -24.44
N HIS A 1398 2.89 -20.09 -23.31
CA HIS A 1398 3.33 -20.81 -22.12
C HIS A 1398 3.50 -22.30 -22.42
N TYR A 1399 2.49 -22.91 -23.02
CA TYR A 1399 2.55 -24.35 -23.31
C TYR A 1399 3.66 -24.65 -24.29
N LYS A 1400 3.88 -23.78 -25.29
CA LYS A 1400 4.92 -24.07 -26.27
C LYS A 1400 6.29 -24.00 -25.62
N GLU A 1401 6.49 -23.04 -24.71
CA GLU A 1401 7.76 -22.97 -24.01
C GLU A 1401 7.96 -24.22 -23.16
N LEU A 1402 6.87 -24.75 -22.59
CA LEU A 1402 7.00 -25.99 -21.84
C LEU A 1402 7.44 -27.12 -22.75
N GLU A 1403 6.92 -27.13 -23.98
CA GLU A 1403 7.35 -28.16 -24.93
C GLU A 1403 8.83 -28.00 -25.25
N PHE A 1404 9.28 -26.75 -25.40
CA PHE A 1404 10.68 -26.44 -25.66
C PHE A 1404 11.57 -27.05 -24.58
N GLN A 1405 11.13 -26.98 -23.32
CA GLN A 1405 11.96 -27.48 -22.23
C GLN A 1405 12.32 -28.97 -22.38
N LYS A 1406 11.57 -29.73 -23.18
CA LYS A 1406 11.82 -31.15 -23.37
C LYS A 1406 12.80 -31.42 -24.51
N GLY A 1407 13.25 -30.38 -25.22
CA GLY A 1407 14.23 -30.49 -26.28
C GLY A 1407 13.89 -29.63 -27.49
N PRO A 1408 14.83 -28.83 -27.99
CA PRO A 1408 14.59 -28.06 -29.22
C PRO A 1408 14.28 -28.92 -30.43
N THR A 1409 13.30 -28.47 -31.22
CA THR A 1409 12.91 -29.09 -32.47
C THR A 1409 12.58 -27.93 -33.42
N PRO A 1410 13.00 -27.99 -34.71
CA PRO A 1410 12.61 -26.92 -35.67
C PRO A 1410 11.13 -26.56 -35.68
N ALA A 1411 10.24 -27.55 -35.52
CA ALA A 1411 8.81 -27.27 -35.49
C ALA A 1411 8.47 -26.35 -34.32
N ILE A 1412 9.16 -26.54 -33.20
CA ILE A 1412 8.88 -25.72 -32.02
C ILE A 1412 9.35 -24.30 -32.29
N LEU A 1413 10.54 -24.16 -32.89
CA LEU A 1413 11.07 -22.82 -33.16
C LEU A 1413 10.14 -22.06 -34.12
N GLU A 1414 9.60 -22.76 -35.12
CA GLU A 1414 8.64 -22.13 -36.02
C GLU A 1414 7.36 -21.75 -35.27
N SER A 1415 6.93 -22.58 -34.33
CA SER A 1415 5.74 -22.22 -33.58
C SER A 1415 6.01 -20.97 -32.75
N LEU A 1416 7.19 -20.91 -32.14
CA LEU A 1416 7.53 -19.76 -31.31
C LEU A 1416 7.62 -18.49 -32.14
N ILE A 1417 8.17 -18.59 -33.36
CA ILE A 1417 8.32 -17.38 -34.17
C ILE A 1417 6.93 -16.89 -34.56
N SER A 1418 6.00 -17.82 -34.80
CA SER A 1418 4.65 -17.41 -35.17
C SER A 1418 3.90 -16.79 -34.00
N ILE A 1419 4.00 -17.41 -32.82
CA ILE A 1419 3.26 -16.89 -31.67
C ILE A 1419 3.81 -15.52 -31.30
N ASN A 1420 5.14 -15.37 -31.27
CA ASN A 1420 5.73 -14.08 -30.95
C ASN A 1420 5.26 -13.03 -31.94
N ASN A 1421 5.10 -13.40 -33.22
CA ASN A 1421 4.60 -12.43 -34.18
C ASN A 1421 3.16 -12.06 -33.88
N LYS A 1422 2.36 -13.02 -33.41
CA LYS A 1422 0.96 -12.73 -33.09
C LYS A 1422 0.84 -11.81 -31.89
N LEU A 1423 1.78 -11.87 -30.95
CA LEU A 1423 1.79 -11.02 -29.77
C LEU A 1423 2.43 -9.66 -30.01
N GLN A 1424 2.87 -9.36 -31.23
CA GLN A 1424 3.49 -8.07 -31.55
C GLN A 1424 4.76 -7.83 -30.74
N GLN A 1425 5.66 -8.83 -30.76
CA GLN A 1425 6.95 -8.74 -30.08
C GLN A 1425 8.09 -9.08 -31.03
N PRO A 1426 8.39 -8.19 -32.00
CA PRO A 1426 9.45 -8.46 -32.98
C PRO A 1426 10.80 -8.84 -32.37
N GLU A 1427 11.12 -8.29 -31.20
CA GLU A 1427 12.42 -8.54 -30.58
C GLU A 1427 12.54 -9.99 -30.13
N ALA A 1428 11.46 -10.56 -29.58
CA ALA A 1428 11.52 -11.95 -29.17
C ALA A 1428 11.70 -12.83 -30.40
N ALA A 1429 11.01 -12.47 -31.49
CA ALA A 1429 11.11 -13.24 -32.71
C ALA A 1429 12.55 -13.22 -33.21
N ALA A 1430 13.20 -12.06 -33.15
CA ALA A 1430 14.59 -11.97 -33.57
C ALA A 1430 15.45 -12.88 -32.72
N GLY A 1431 15.19 -12.92 -31.41
CA GLY A 1431 15.98 -13.78 -30.54
C GLY A 1431 15.83 -15.24 -30.94
N VAL A 1432 14.60 -15.64 -31.27
CA VAL A 1432 14.36 -17.03 -31.67
C VAL A 1432 15.15 -17.34 -32.93
N LEU A 1433 15.14 -16.39 -33.88
CA LEU A 1433 15.86 -16.62 -35.13
C LEU A 1433 17.36 -16.76 -34.85
N GLU A 1434 17.90 -15.95 -33.95
CA GLU A 1434 19.33 -16.05 -33.66
C GLU A 1434 19.65 -17.40 -33.03
N TYR A 1435 18.77 -17.88 -32.15
CA TYR A 1435 18.98 -19.20 -31.55
C TYR A 1435 19.06 -20.24 -32.65
N ALA A 1436 18.07 -20.21 -33.56
CA ALA A 1436 18.02 -21.19 -34.63
C ALA A 1436 19.28 -21.11 -35.48
N MET A 1437 19.79 -19.89 -35.73
CA MET A 1437 20.95 -19.74 -36.59
C MET A 1437 22.26 -20.02 -35.87
N LYS A 1438 22.21 -20.34 -34.57
CA LYS A 1438 23.40 -20.72 -33.82
C LYS A 1438 23.46 -22.21 -33.55
N HIS A 1439 22.31 -22.88 -33.40
CA HIS A 1439 22.28 -24.30 -33.04
C HIS A 1439 21.86 -25.23 -34.17
N PHE A 1440 21.24 -24.70 -35.23
CA PHE A 1440 20.78 -25.49 -36.36
C PHE A 1440 21.38 -24.95 -37.65
N GLY A 1441 21.54 -25.86 -38.62
CA GLY A 1441 22.04 -25.50 -39.95
C GLY A 1441 21.42 -24.28 -40.58
N ALA A 1513 -3.79 -13.11 -56.98
CA ALA A 1513 -3.28 -11.96 -57.71
C ALA A 1513 -3.24 -10.70 -56.85
N ARG A 1514 -3.36 -10.86 -55.53
CA ARG A 1514 -3.38 -9.72 -54.62
C ARG A 1514 -2.14 -8.86 -54.79
N MET A 1515 -0.96 -9.49 -54.66
CA MET A 1515 0.26 -8.71 -54.79
C MET A 1515 0.50 -8.35 -56.25
N ALA A 1516 0.00 -9.17 -57.19
CA ALA A 1516 0.15 -8.84 -58.60
C ALA A 1516 -0.61 -7.55 -58.90
N ALA A 1517 -1.82 -7.43 -58.34
CA ALA A 1517 -2.59 -6.20 -58.51
C ALA A 1517 -1.89 -5.03 -57.84
N ALA A 1518 -1.34 -5.26 -56.63
CA ALA A 1518 -0.62 -4.18 -55.95
C ALA A 1518 0.55 -3.68 -56.77
N ALA A 1519 1.29 -4.59 -57.39
CA ALA A 1519 2.43 -4.22 -58.23
C ALA A 1519 1.94 -3.47 -59.46
N ALA A 1520 0.91 -3.98 -60.13
CA ALA A 1520 0.42 -3.34 -61.34
C ALA A 1520 -0.06 -1.92 -61.02
N TRP A 1521 -0.69 -1.74 -59.86
CA TRP A 1521 -1.13 -0.42 -59.45
C TRP A 1521 0.08 0.48 -59.26
N GLY A 1522 1.08 0.01 -58.51
CA GLY A 1522 2.27 0.81 -58.28
C GLY A 1522 3.01 1.14 -59.57
N LEU A 1523 3.02 0.21 -60.52
CA LEU A 1523 3.69 0.43 -61.79
C LEU A 1523 2.87 1.38 -62.67
N SER A 1528 -2.84 -4.98 -67.48
CA SER A 1528 -2.58 -6.08 -66.54
C SER A 1528 -3.41 -5.93 -65.28
N MET A 1529 -3.54 -4.67 -64.82
CA MET A 1529 -4.29 -4.40 -63.59
C MET A 1529 -5.71 -4.96 -63.67
N GLU A 1530 -6.36 -4.82 -64.83
CA GLU A 1530 -7.73 -5.31 -64.96
C GLU A 1530 -7.79 -6.82 -64.77
N GLU A 1531 -6.78 -7.54 -65.24
CA GLU A 1531 -6.80 -8.99 -65.12
C GLU A 1531 -6.59 -9.39 -63.67
N TYR A 1532 -5.60 -8.77 -63.02
CA TYR A 1532 -5.30 -9.11 -61.64
C TYR A 1532 -6.51 -8.79 -60.77
N THR A 1533 -7.17 -7.67 -61.04
CA THR A 1533 -8.36 -7.28 -60.29
C THR A 1533 -9.46 -8.33 -60.46
N CYS A 1534 -9.69 -8.80 -61.70
CA CYS A 1534 -10.71 -9.80 -61.92
C CYS A 1534 -10.38 -11.11 -61.20
N MET A 1535 -9.10 -11.50 -61.23
CA MET A 1535 -8.68 -12.76 -60.59
C MET A 1535 -8.94 -12.75 -59.09
N ILE A 1536 -8.81 -11.60 -58.43
CA ILE A 1536 -9.00 -11.50 -56.99
C ILE A 1536 -10.49 -11.66 -56.67
N PRO A 1537 -10.89 -12.60 -55.81
CA PRO A 1537 -12.32 -12.84 -55.55
C PRO A 1537 -13.13 -11.59 -55.22
N ARG A 1538 -14.30 -11.49 -55.84
CA ARG A 1538 -15.16 -10.32 -55.69
C ARG A 1538 -15.69 -10.15 -54.27
N ASP A 1539 -15.69 -11.20 -53.46
CA ASP A 1539 -16.27 -11.18 -52.13
C ASP A 1539 -15.26 -10.96 -51.02
N THR A 1540 -14.04 -10.54 -51.34
CA THR A 1540 -13.04 -10.19 -50.34
C THR A 1540 -12.87 -8.68 -50.29
N HIS A 1541 -12.48 -8.19 -49.10
CA HIS A 1541 -12.25 -6.75 -48.93
C HIS A 1541 -11.24 -6.23 -49.94
N ASP A 1542 -10.09 -6.89 -50.05
CA ASP A 1542 -9.05 -6.42 -50.96
C ASP A 1542 -9.52 -6.48 -52.41
N GLY A 1543 -10.28 -7.51 -52.76
CA GLY A 1543 -10.85 -7.57 -54.10
C GLY A 1543 -11.73 -6.38 -54.41
N ALA A 1544 -12.67 -6.09 -53.50
CA ALA A 1544 -13.55 -4.94 -53.68
C ALA A 1544 -12.76 -3.66 -53.78
N PHE A 1545 -11.72 -3.52 -52.95
CA PHE A 1545 -10.86 -2.34 -53.01
C PHE A 1545 -10.21 -2.19 -54.38
N TYR A 1546 -9.64 -3.28 -54.89
CA TYR A 1546 -8.96 -3.27 -56.19
C TYR A 1546 -9.94 -3.09 -57.34
N ARG A 1547 -11.22 -3.38 -57.14
CA ARG A 1547 -12.23 -3.10 -58.14
C ARG A 1547 -12.80 -1.70 -58.01
N ALA A 1548 -12.72 -1.10 -56.83
CA ALA A 1548 -13.26 0.23 -56.60
C ALA A 1548 -12.39 1.30 -57.21
N LEU A 1550 -10.03 -1.63 -61.97
CA LEU A 1550 -10.05 -0.67 -60.87
C LEU A 1550 -10.78 0.60 -61.31
N ALA A 1551 -11.96 0.81 -60.72
CA ALA A 1551 -12.80 1.96 -61.09
C ALA A 1551 -12.05 3.28 -60.88
N LEU A 1552 -11.14 3.33 -59.90
CA LEU A 1552 -10.40 4.57 -59.65
C LEU A 1552 -9.59 4.96 -60.87
N HIS A 1553 -9.06 3.97 -61.60
CA HIS A 1553 -8.29 4.23 -62.81
C HIS A 1553 -9.18 4.31 -64.03
N GLN A 1554 -10.35 3.67 -63.97
CA GLN A 1554 -11.30 3.63 -65.06
C GLN A 1554 -12.35 4.74 -64.96
N ASP A 1555 -12.32 5.53 -63.88
CA ASP A 1555 -13.27 6.61 -63.61
C ASP A 1555 -14.72 6.12 -63.60
N LEU A 1556 -14.93 4.88 -63.18
CA LEU A 1556 -16.28 4.29 -63.10
C LEU A 1556 -16.84 4.59 -61.70
N PHE A 1557 -17.13 5.87 -61.48
CA PHE A 1557 -17.46 6.32 -60.13
C PHE A 1557 -18.69 5.63 -59.57
N SER A 1558 -19.72 5.37 -60.39
CA SER A 1558 -20.86 4.63 -59.86
C SER A 1558 -20.45 3.20 -59.49
N LEU A 1559 -19.45 2.67 -60.18
CA LEU A 1559 -18.94 1.35 -59.88
C LEU A 1559 -18.08 1.44 -58.64
N ALA A 1560 -17.22 2.47 -58.57
CA ALA A 1560 -16.38 2.61 -57.39
C ALA A 1560 -17.25 2.73 -56.16
N GLN A 1561 -18.36 3.48 -56.28
CA GLN A 1561 -19.30 3.64 -55.17
C GLN A 1561 -19.82 2.29 -54.72
N GLN A 1562 -20.31 1.46 -55.66
CA GLN A 1562 -20.88 0.19 -55.26
C GLN A 1562 -19.80 -0.75 -54.70
N CYS A 1563 -18.60 -0.69 -55.26
CA CYS A 1563 -17.50 -1.52 -54.78
C CYS A 1563 -17.09 -1.10 -53.38
N ILE A 1564 -17.09 0.21 -53.10
CA ILE A 1564 -16.75 0.69 -51.78
C ILE A 1564 -17.82 0.27 -50.79
N ASP A 1565 -19.10 0.37 -51.16
CA ASP A 1565 -20.16 -0.09 -50.26
C ASP A 1565 -19.99 -1.57 -49.92
N LYS A 1566 -19.64 -2.40 -50.92
CA LYS A 1566 -19.42 -3.82 -50.63
C LYS A 1566 -18.18 -4.01 -49.77
N ALA A 1567 -17.10 -3.28 -50.09
CA ALA A 1567 -15.88 -3.36 -49.30
C ALA A 1567 -16.16 -2.97 -47.87
N ARG A 1568 -17.01 -1.96 -47.67
CA ARG A 1568 -17.38 -1.52 -46.34
C ARG A 1568 -18.14 -2.61 -45.61
N ASP A 1569 -19.06 -3.30 -46.29
CA ASP A 1569 -19.76 -4.40 -45.64
C ASP A 1569 -18.78 -5.49 -45.18
N LEU A 1570 -17.79 -5.78 -46.02
CA LEU A 1570 -16.81 -6.80 -45.67
C LEU A 1570 -15.91 -6.31 -44.54
N LEU A 1571 -15.56 -5.02 -44.56
CA LEU A 1571 -14.77 -4.45 -43.50
C LEU A 1571 -15.55 -4.47 -42.19
N ASP A 1572 -16.85 -4.22 -42.27
CA ASP A 1572 -17.71 -4.28 -41.08
C ASP A 1572 -17.58 -5.65 -40.45
N ALA A 1573 -17.69 -6.69 -41.28
CA ALA A 1573 -17.52 -8.06 -40.77
C ALA A 1573 -16.13 -8.26 -40.16
N GLU A 1574 -15.09 -7.71 -40.81
CA GLU A 1574 -13.73 -7.87 -40.28
C GLU A 1574 -13.57 -7.12 -38.97
N LEU A 1575 -14.14 -5.92 -38.88
CA LEU A 1575 -14.08 -5.12 -37.66
C LEU A 1575 -14.75 -5.85 -36.52
N THR A 1576 -15.90 -6.47 -36.80
CA THR A 1576 -16.60 -7.22 -35.77
C THR A 1576 -15.72 -8.38 -35.29
N ALA A 1577 -15.11 -9.10 -36.24
CA ALA A 1577 -14.22 -10.19 -35.85
C ALA A 1577 -13.05 -9.68 -35.02
N MET A 1578 -12.51 -8.50 -35.36
CA MET A 1578 -11.39 -7.93 -34.64
C MET A 1578 -11.81 -7.20 -33.37
N ALA A 1579 -13.09 -6.84 -33.25
CA ALA A 1579 -13.58 -6.05 -32.14
C ALA A 1579 -13.19 -6.62 -30.78
N GLY A 1580 -12.67 -5.76 -29.92
CA GLY A 1580 -12.25 -6.11 -28.58
C GLY A 1580 -10.78 -6.40 -28.41
N GLU A 1581 -10.04 -6.66 -29.50
CA GLU A 1581 -8.62 -6.98 -29.39
C GLU A 1581 -7.78 -5.70 -29.36
N SER A 1582 -8.09 -4.85 -28.39
CA SER A 1582 -7.46 -3.54 -28.23
C SER A 1582 -7.44 -2.66 -29.48
N TYR A 1583 -6.86 -1.47 -29.31
CA TYR A 1583 -6.71 -0.59 -30.44
C TYR A 1583 -5.52 -0.98 -31.30
N SER A 1584 -4.56 -1.73 -30.75
CA SER A 1584 -3.41 -2.14 -31.55
C SER A 1584 -3.87 -2.97 -32.74
N ARG A 1585 -4.77 -3.92 -32.49
CA ARG A 1585 -5.34 -4.72 -33.57
C ARG A 1585 -6.35 -3.92 -34.36
N ALA A 1586 -7.20 -3.14 -33.67
CA ALA A 1586 -8.21 -2.36 -34.37
C ALA A 1586 -7.59 -1.42 -35.41
N TYR A 1587 -6.39 -0.90 -35.13
CA TYR A 1587 -5.70 0.02 -36.03
C TYR A 1587 -5.65 -0.46 -37.47
N GLY A 1588 -5.34 -1.73 -37.71
CA GLY A 1588 -5.26 -2.19 -39.10
C GLY A 1588 -6.55 -1.97 -39.84
N ALA A 1589 -7.67 -2.15 -39.15
CA ALA A 1589 -8.95 -1.95 -39.81
C ALA A 1589 -9.31 -0.48 -39.79
N MET A 1590 -8.77 0.30 -38.85
CA MET A 1590 -9.01 1.73 -38.88
C MET A 1590 -8.29 2.33 -40.08
N VAL A 1591 -7.15 1.74 -40.44
CA VAL A 1591 -6.44 2.12 -41.65
C VAL A 1591 -7.29 1.75 -42.86
N SER A 1592 -7.92 0.58 -42.82
CA SER A 1592 -8.82 0.22 -43.93
C SER A 1592 -9.98 1.23 -44.03
N CYS A 1593 -10.52 1.65 -42.88
CA CYS A 1593 -11.59 2.65 -42.90
C CYS A 1593 -11.07 3.96 -43.47
N HIS A 1594 -9.86 4.33 -43.07
CA HIS A 1594 -9.21 5.54 -43.55
C HIS A 1594 -9.09 5.48 -45.06
N MET A 1595 -8.52 4.39 -45.56
CA MET A 1595 -8.31 4.24 -46.99
C MET A 1595 -9.64 4.30 -47.75
N LEU A 1596 -10.69 3.65 -47.24
CA LEU A 1596 -11.97 3.70 -47.93
C LEU A 1596 -12.53 5.13 -47.97
N SER A 1597 -12.37 5.86 -46.87
CA SER A 1597 -12.82 7.26 -46.88
C SER A 1597 -11.96 8.08 -47.83
N GLU A 1598 -10.66 7.79 -47.87
CA GLU A 1598 -9.78 8.48 -48.80
C GLU A 1598 -10.19 8.18 -50.23
N LEU A 1599 -10.63 6.94 -50.50
CA LEU A 1599 -11.12 6.61 -51.83
C LEU A 1599 -12.35 7.44 -52.15
N GLU A 1600 -13.24 7.62 -51.17
CA GLU A 1600 -14.41 8.47 -51.40
C GLU A 1600 -13.98 9.90 -51.68
N GLU A 1601 -12.95 10.37 -50.96
CA GLU A 1601 -12.44 11.70 -51.19
C GLU A 1601 -11.80 11.83 -52.57
N VAL A 1602 -11.03 10.83 -52.99
CA VAL A 1602 -10.39 10.85 -54.30
C VAL A 1602 -11.46 10.89 -55.39
N ILE A 1603 -12.52 10.09 -55.22
CA ILE A 1603 -13.65 10.16 -56.14
C ILE A 1603 -14.21 11.57 -56.17
N GLN A 1604 -14.42 12.17 -55.00
CA GLN A 1604 -15.30 13.31 -54.88
C GLN A 1604 -14.55 14.63 -55.10
N TYR A 1605 -13.22 14.59 -54.96
CA TYR A 1605 -12.33 15.72 -55.23
C TYR A 1605 -12.65 16.34 -56.57
N LYS A 1606 -12.83 15.50 -57.59
CA LYS A 1606 -13.19 15.98 -58.90
C LYS A 1606 -14.63 16.49 -58.92
N LEU A 1607 -15.51 15.86 -58.15
CA LEU A 1607 -16.95 16.08 -58.16
C LEU A 1607 -17.45 17.15 -57.18
N VAL A 1608 -16.57 17.87 -56.48
CA VAL A 1608 -16.99 18.90 -55.52
C VAL A 1608 -16.46 20.26 -55.96
N PRO A 1609 -17.11 21.36 -55.48
CA PRO A 1609 -16.60 22.73 -55.71
C PRO A 1609 -15.39 23.01 -54.81
N GLU A 1610 -15.10 24.29 -54.50
CA GLU A 1610 -13.95 24.79 -53.74
C GLU A 1610 -13.41 23.84 -52.66
N ARG A 1611 -14.29 23.01 -52.06
CA ARG A 1611 -13.89 22.06 -51.04
C ARG A 1611 -12.72 21.19 -51.51
N ARG A 1612 -12.62 20.99 -52.83
CA ARG A 1612 -11.54 20.21 -53.42
C ARG A 1612 -10.18 20.63 -52.85
N GLU A 1613 -9.91 21.94 -52.81
CA GLU A 1613 -8.61 22.36 -52.29
C GLU A 1613 -8.57 22.19 -50.78
N ILE A 1614 -9.72 22.38 -50.14
CA ILE A 1614 -9.83 22.18 -48.71
C ILE A 1614 -9.53 20.72 -48.38
N ILE A 1615 -9.96 19.80 -49.26
CA ILE A 1615 -9.66 18.38 -49.03
C ILE A 1615 -8.15 18.17 -48.94
N ARG A 1616 -7.39 18.85 -49.79
CA ARG A 1616 -5.93 18.71 -49.71
C ARG A 1616 -5.42 19.13 -48.35
N GLN A 1617 -5.97 20.21 -47.81
CA GLN A 1617 -5.54 20.65 -46.48
C GLN A 1617 -5.96 19.62 -45.45
N ILE A 1618 -7.19 19.10 -45.61
CA ILE A 1618 -7.68 18.09 -44.69
C ILE A 1618 -6.76 16.88 -44.76
N TRP A 1619 -6.43 16.47 -46.00
CA TRP A 1619 -5.53 15.33 -46.20
C TRP A 1619 -4.25 15.54 -45.42
N TRP A 1620 -3.64 16.72 -45.56
CA TRP A 1620 -2.38 16.99 -44.89
C TRP A 1620 -2.57 16.89 -43.39
N GLU A 1621 -3.62 17.52 -42.87
CA GLU A 1621 -3.84 17.52 -41.44
C GLU A 1621 -4.14 16.11 -40.95
N ARG A 1622 -4.89 15.32 -41.74
CA ARG A 1622 -5.16 13.95 -41.32
C ARG A 1622 -3.87 13.17 -41.22
N LEU A 1623 -2.96 13.39 -42.17
CA LEU A 1623 -1.71 12.66 -42.19
C LEU A 1623 -0.93 12.90 -40.91
N GLN A 1624 -1.06 14.10 -40.32
CA GLN A 1624 -0.35 14.37 -39.08
C GLN A 1624 -0.81 13.48 -37.93
N GLY A 1625 -2.11 13.13 -37.88
CA GLY A 1625 -2.60 12.30 -36.79
C GLY A 1625 -2.39 10.80 -36.93
N CYS A 1626 -2.05 10.32 -38.12
CA CYS A 1626 -1.84 8.90 -38.31
C CYS A 1626 -0.45 8.50 -37.81
N GLN A 1627 -0.20 7.20 -37.77
CA GLN A 1627 1.12 6.73 -37.37
C GLN A 1627 2.14 7.10 -38.45
N ARG A 1628 3.41 6.88 -38.12
CA ARG A 1628 4.53 7.23 -38.99
C ARG A 1628 5.09 6.00 -39.69
N ILE A 1629 4.23 5.03 -40.00
CA ILE A 1629 4.59 3.82 -40.72
C ILE A 1629 4.65 4.19 -42.20
N VAL A 1630 5.84 4.07 -42.79
CA VAL A 1630 6.01 4.51 -44.18
C VAL A 1630 5.19 3.66 -45.14
N GLU A 1631 4.87 2.41 -44.80
CA GLU A 1631 4.01 1.61 -45.67
C GLU A 1631 2.61 2.21 -45.76
N ASP A 1632 2.09 2.73 -44.65
CA ASP A 1632 0.76 3.32 -44.68
C ASP A 1632 0.80 4.65 -45.41
N TRP A 1633 1.90 5.40 -45.22
CA TRP A 1633 2.03 6.65 -45.95
C TRP A 1633 2.09 6.37 -47.43
N GLN A 1634 2.78 5.29 -47.83
CA GLN A 1634 2.88 4.94 -49.23
C GLN A 1634 1.51 4.58 -49.80
N LYS A 1635 0.69 3.85 -49.03
CA LYS A 1635 -0.65 3.52 -49.52
C LYS A 1635 -1.53 4.76 -49.66
N ILE A 1636 -1.41 5.69 -48.71
CA ILE A 1636 -2.18 6.92 -48.78
C ILE A 1636 -1.72 7.76 -49.96
N LEU A 1637 -0.41 7.89 -50.14
CA LEU A 1637 0.11 8.64 -51.27
C LEU A 1637 -0.30 7.97 -52.58
N MET A 1638 -0.32 6.63 -52.59
CA MET A 1638 -0.71 5.88 -53.77
C MET A 1638 -2.09 6.31 -54.23
N VAL A 1639 -3.05 6.35 -53.30
CA VAL A 1639 -4.39 6.72 -53.73
C VAL A 1639 -4.52 8.23 -53.97
N ARG A 1640 -3.79 9.06 -53.22
CA ARG A 1640 -3.85 10.50 -53.45
C ARG A 1640 -3.20 10.92 -54.76
N SER A 1641 -2.23 10.14 -55.25
CA SER A 1641 -1.53 10.50 -56.49
C SER A 1641 -2.42 10.49 -57.72
N LEU A 1642 -3.61 9.92 -57.64
CA LEU A 1642 -4.51 9.89 -58.79
C LEU A 1642 -5.11 11.27 -59.08
N VAL A 1643 -5.11 12.17 -58.10
CA VAL A 1643 -5.71 13.50 -58.26
C VAL A 1643 -4.74 14.64 -57.97
N VAL A 1644 -3.72 14.40 -57.14
CA VAL A 1644 -2.75 15.43 -56.78
C VAL A 1644 -1.35 14.88 -57.05
N SER A 1645 -0.58 15.60 -57.85
CA SER A 1645 0.77 15.19 -58.21
C SER A 1645 1.76 15.50 -57.08
N PRO A 1646 2.90 14.81 -57.06
CA PRO A 1646 3.96 15.18 -56.08
C PRO A 1646 4.43 16.62 -56.15
N HIS A 1647 4.29 17.29 -57.29
CA HIS A 1647 4.77 18.67 -57.43
C HIS A 1647 3.84 19.69 -56.80
N GLU A 1648 2.61 19.31 -56.48
CA GLU A 1648 1.64 20.24 -55.91
C GLU A 1648 1.70 20.31 -54.38
N ASP A 1649 2.40 19.38 -53.72
CA ASP A 1649 2.53 19.40 -52.27
C ASP A 1649 3.84 18.69 -51.88
N MET A 1650 4.96 19.35 -52.17
CA MET A 1650 6.26 18.77 -51.87
C MET A 1650 6.48 18.60 -50.36
N ARG A 1651 5.70 19.29 -49.54
CA ARG A 1651 5.84 19.18 -48.09
C ARG A 1651 5.65 17.74 -47.63
N THR A 1652 4.64 17.07 -48.18
CA THR A 1652 4.35 15.72 -47.77
C THR A 1652 5.44 14.77 -48.22
N TRP A 1653 5.93 14.91 -49.44
CA TRP A 1653 6.94 13.99 -49.93
C TRP A 1653 8.27 14.19 -49.23
N LEU A 1654 8.61 15.44 -48.87
CA LEU A 1654 9.83 15.65 -48.09
C LEU A 1654 9.68 15.08 -46.69
N LYS A 1655 8.48 15.21 -46.10
CA LYS A 1655 8.29 14.64 -44.77
C LYS A 1655 8.38 13.12 -44.84
N TYR A 1656 7.77 12.53 -45.87
CA TYR A 1656 7.83 11.09 -46.08
C TYR A 1656 9.27 10.63 -46.16
N ALA A 1657 10.07 11.28 -47.01
CA ALA A 1657 11.47 10.89 -47.17
C ALA A 1657 12.22 11.02 -45.85
N SER A 1658 11.90 12.05 -45.07
CA SER A 1658 12.55 12.22 -43.78
C SER A 1658 12.17 11.12 -42.80
N LEU A 1659 10.90 10.69 -42.80
CA LEU A 1659 10.47 9.64 -41.88
C LEU A 1659 11.11 8.29 -42.21
N CYS A 1660 11.33 7.99 -43.48
CA CYS A 1660 11.96 6.74 -43.86
C CYS A 1660 13.35 6.64 -43.25
N GLY A 1661 13.73 5.44 -42.81
CA GLY A 1661 15.07 5.21 -42.30
C GLY A 1661 15.74 4.03 -42.99
N LYS A 1662 16.94 3.66 -42.53
CA LYS A 1662 17.71 2.54 -43.04
C LYS A 1662 17.81 2.52 -44.58
N SER A 1663 17.67 1.35 -45.21
CA SER A 1663 17.73 1.32 -46.66
C SER A 1663 16.45 1.85 -47.26
N GLY A 1664 15.40 1.95 -46.44
CA GLY A 1664 14.17 2.56 -46.90
C GLY A 1664 14.47 3.99 -47.27
N ARG A 1665 15.08 4.72 -46.32
CA ARG A 1665 15.48 6.10 -46.59
C ARG A 1665 16.43 6.16 -47.76
N LEU A 1666 17.43 5.27 -47.79
CA LEU A 1666 18.43 5.37 -48.85
C LEU A 1666 17.83 5.23 -50.26
N ALA A 1667 16.88 4.31 -50.44
CA ALA A 1667 16.24 4.17 -51.75
C ALA A 1667 15.17 5.23 -52.00
N LEU A 1668 14.23 5.36 -51.06
CA LEU A 1668 13.04 6.17 -51.26
C LEU A 1668 13.37 7.65 -51.25
N ALA A 1669 14.25 8.12 -50.37
CA ALA A 1669 14.53 9.54 -50.32
C ALA A 1669 15.15 10.00 -51.63
N HIS A 1670 16.04 9.19 -52.22
CA HIS A 1670 16.66 9.60 -53.46
C HIS A 1670 15.65 9.56 -54.60
N LYS A 1671 14.81 8.52 -54.64
CA LYS A 1671 13.79 8.47 -55.69
C LYS A 1671 12.82 9.64 -55.56
N THR A 1672 12.45 9.99 -54.32
CA THR A 1672 11.51 11.07 -54.08
C THR A 1672 12.11 12.41 -54.47
N LEU A 1673 13.38 12.64 -54.12
CA LEU A 1673 14.00 13.91 -54.46
C LEU A 1673 14.11 14.06 -55.97
N VAL A 1674 14.45 12.98 -56.66
CA VAL A 1674 14.52 13.04 -58.12
C VAL A 1674 13.14 13.36 -58.70
N LEU A 1675 12.11 12.68 -58.18
CA LEU A 1675 10.73 12.91 -58.60
C LEU A 1675 10.33 14.38 -58.42
N LEU A 1676 10.57 14.92 -57.22
CA LEU A 1676 10.16 16.29 -56.91
C LEU A 1676 10.94 17.33 -57.70
N LEU A 1677 12.23 17.08 -57.98
CA LEU A 1677 13.01 18.06 -58.73
C LEU A 1677 12.73 18.00 -60.23
N GLY A 1678 12.53 16.80 -60.77
CA GLY A 1678 12.52 16.63 -62.20
C GLY A 1678 13.93 16.62 -62.76
N VAL A 1679 14.90 16.43 -61.88
CA VAL A 1679 16.33 16.48 -62.14
C VAL A 1679 16.88 15.27 -61.41
N ASP A 1680 17.83 14.55 -62.02
CA ASP A 1680 18.43 13.39 -61.38
C ASP A 1680 19.86 13.72 -60.98
N PRO A 1681 20.08 14.27 -59.78
CA PRO A 1681 21.44 14.61 -59.37
C PRO A 1681 22.26 13.45 -58.83
N SER A 1682 21.79 12.21 -59.03
CA SER A 1682 22.56 11.02 -58.68
C SER A 1682 23.48 10.61 -59.81
N ARG A 1683 23.34 11.25 -60.97
CA ARG A 1683 24.16 11.03 -62.15
C ARG A 1683 24.92 12.34 -62.34
N GLN A 1684 26.08 12.29 -63.01
CA GLN A 1684 26.91 13.47 -63.20
C GLN A 1684 27.14 14.16 -61.84
N LEU A 1685 27.69 13.38 -60.91
CA LEU A 1685 27.78 13.80 -59.52
C LEU A 1685 28.60 15.07 -59.33
N ASP A 1686 29.45 15.44 -60.30
CA ASP A 1686 30.24 16.66 -60.22
C ASP A 1686 29.45 17.90 -60.63
N HIS A 1687 28.24 17.72 -61.14
CA HIS A 1687 27.41 18.84 -61.59
C HIS A 1687 27.03 19.74 -60.42
N PRO A 1688 27.01 21.07 -60.60
CA PRO A 1688 26.51 21.95 -59.54
C PRO A 1688 25.11 21.57 -59.10
N LEU A 1689 24.81 21.86 -57.84
CA LEU A 1689 23.49 21.52 -57.31
C LEU A 1689 22.41 22.26 -58.09
N PRO A 1690 21.25 21.62 -58.35
CA PRO A 1690 20.13 22.36 -58.92
C PRO A 1690 19.67 23.50 -58.03
N THR A 1691 19.12 24.54 -58.65
CA THR A 1691 18.52 25.66 -57.93
C THR A 1691 17.01 25.48 -57.77
N VAL A 1692 16.49 24.32 -58.16
CA VAL A 1692 15.07 23.99 -58.07
C VAL A 1692 14.76 23.67 -56.62
N HIS A 1693 13.73 24.35 -56.07
CA HIS A 1693 13.26 24.17 -54.70
C HIS A 1693 14.39 23.98 -53.68
N PRO A 1694 14.97 25.08 -53.16
CA PRO A 1694 16.09 24.97 -52.19
C PRO A 1694 15.86 24.00 -51.05
N GLN A 1695 14.62 23.79 -50.62
CA GLN A 1695 14.35 22.84 -49.53
C GLN A 1695 14.69 21.43 -50.00
N VAL A 1696 14.43 21.14 -51.27
CA VAL A 1696 14.66 19.80 -51.80
C VAL A 1696 16.16 19.59 -52.00
N THR A 1697 16.84 20.60 -52.53
CA THR A 1697 18.30 20.51 -52.68
C THR A 1697 18.96 20.34 -51.32
N TYR A 1698 18.49 21.08 -50.31
CA TYR A 1698 19.01 20.93 -48.97
C TYR A 1698 18.83 19.50 -48.47
N ALA A 1699 17.63 18.93 -48.65
CA ALA A 1699 17.42 17.54 -48.23
C ALA A 1699 18.39 16.61 -48.96
N TYR A 1700 18.64 16.88 -50.25
CA TYR A 1700 19.60 16.08 -51.01
C TYR A 1700 20.97 16.14 -50.34
N MET A 1701 21.42 17.35 -49.97
CA MET A 1701 22.73 17.47 -49.36
C MET A 1701 22.77 16.72 -48.04
N LYS A 1702 21.67 16.75 -47.29
CA LYS A 1702 21.63 16.02 -46.03
C LYS A 1702 21.77 14.53 -46.30
N ASN A 1703 21.15 14.04 -47.37
CA ASN A 1703 21.28 12.64 -47.73
C ASN A 1703 22.71 12.31 -48.13
N MET A 1704 23.40 13.26 -48.77
CA MET A 1704 24.80 13.02 -49.12
C MET A 1704 25.67 12.94 -47.87
N TRP A 1705 25.40 13.79 -46.88
CA TRP A 1705 26.17 13.75 -45.64
C TRP A 1705 26.06 12.39 -44.96
N LYS A 1706 24.85 11.82 -44.90
CA LYS A 1706 24.61 10.52 -44.26
C LYS A 1706 25.05 9.38 -45.19
N SER A 1707 26.31 9.42 -45.58
CA SER A 1707 26.93 8.45 -46.48
C SER A 1707 28.44 8.68 -46.43
N ALA A 1708 29.17 8.06 -47.35
CA ALA A 1708 30.61 8.26 -47.47
C ALA A 1708 31.00 9.54 -48.20
N ARG A 1709 30.04 10.34 -48.63
CA ARG A 1709 30.27 11.57 -49.40
C ARG A 1709 30.24 12.81 -48.50
N LYS A 1710 30.75 12.67 -47.27
CA LYS A 1710 30.77 13.79 -46.33
C LYS A 1710 31.53 15.00 -46.86
N ILE A 1711 32.66 14.79 -47.52
CA ILE A 1711 33.44 15.92 -48.04
C ILE A 1711 32.66 16.60 -49.16
N ASP A 1712 32.08 15.79 -50.06
CA ASP A 1712 31.30 16.36 -51.15
C ASP A 1712 30.14 17.15 -50.58
N ALA A 1713 29.47 16.61 -49.56
CA ALA A 1713 28.35 17.31 -48.96
C ALA A 1713 28.80 18.64 -48.37
N PHE A 1714 29.97 18.66 -47.73
CA PHE A 1714 30.47 19.90 -47.15
C PHE A 1714 30.70 20.97 -48.22
N GLN A 1715 31.42 20.62 -49.29
CA GLN A 1715 31.71 21.60 -50.33
C GLN A 1715 30.43 22.04 -51.04
N HIS A 1716 29.52 21.11 -51.24
CA HIS A 1716 28.24 21.44 -51.87
C HIS A 1716 27.45 22.38 -50.97
N MET A 1717 27.52 22.17 -49.66
CA MET A 1717 26.84 23.07 -48.73
C MET A 1717 27.43 24.46 -48.82
N GLN A 1718 28.75 24.56 -48.97
CA GLN A 1718 29.38 25.88 -49.10
C GLN A 1718 28.87 26.59 -50.35
N HIS A 1719 28.72 25.85 -51.44
CA HIS A 1719 28.27 26.49 -52.67
C HIS A 1719 26.78 26.78 -52.59
N PHE A 1720 26.04 25.94 -51.86
CA PHE A 1720 24.62 26.17 -51.66
C PHE A 1720 24.42 27.48 -50.92
N VAL A 1721 25.19 27.68 -49.84
CA VAL A 1721 25.07 28.92 -49.07
C VAL A 1721 25.38 30.11 -49.97
N GLN A 1722 26.42 30.00 -50.81
CA GLN A 1722 26.73 31.10 -51.72
C GLN A 1722 25.53 31.39 -52.64
N THR A 1723 24.88 30.31 -53.11
CA THR A 1723 23.70 30.47 -53.96
C THR A 1723 22.57 31.13 -53.18
N MET A 1724 22.34 30.71 -51.93
CA MET A 1724 21.25 31.27 -51.15
C MET A 1724 21.49 32.75 -50.89
N GLN A 1725 22.76 33.13 -50.70
CA GLN A 1725 23.05 34.54 -50.50
C GLN A 1725 22.70 35.32 -51.76
N GLN A 1726 23.01 34.74 -52.92
CA GLN A 1726 22.65 35.42 -54.17
C GLN A 1726 21.14 35.51 -54.32
N GLN A 1727 20.42 34.44 -53.96
CA GLN A 1727 18.96 34.46 -54.05
C GLN A 1727 18.39 35.49 -53.10
N ALA A 1728 18.98 35.61 -51.92
CA ALA A 1728 18.54 36.60 -50.94
C ALA A 1728 18.68 37.99 -51.52
N GLN A 1729 19.75 38.21 -52.28
CA GLN A 1729 19.90 39.51 -52.95
C GLN A 1729 18.82 39.66 -54.01
N HIS A 1730 18.52 38.58 -54.75
CA HIS A 1730 17.52 38.64 -55.80
C HIS A 1730 16.09 38.67 -55.23
N ALA A 1731 15.92 38.21 -54.00
CA ALA A 1731 14.64 38.12 -53.30
C ALA A 1731 14.17 39.43 -52.70
N ILE A 1732 14.91 40.52 -52.86
CA ILE A 1732 14.56 41.80 -52.24
C ILE A 1732 13.32 42.37 -52.92
N ALA A 1733 12.15 41.98 -52.44
CA ALA A 1733 10.88 42.50 -52.93
C ALA A 1733 9.83 42.31 -51.85
N THR A 1734 8.79 43.14 -51.89
CA THR A 1734 7.70 43.02 -50.93
C THR A 1734 7.00 41.67 -51.09
N GLU A 1735 6.65 41.32 -52.33
CA GLU A 1735 5.96 40.05 -52.59
C GLU A 1735 6.81 38.86 -52.17
N ASP A 1736 8.13 38.98 -52.27
CA ASP A 1736 9.06 37.90 -51.95
C ASP A 1736 9.73 38.09 -50.59
N GLN A 1737 9.23 39.00 -49.75
CA GLN A 1737 9.85 39.23 -48.44
C GLN A 1737 9.82 37.95 -47.62
N GLN A 1738 8.73 37.18 -47.73
CA GLN A 1738 8.65 35.92 -47.00
C GLN A 1738 9.72 34.98 -47.50
N HIS A 1739 9.99 35.01 -48.82
CA HIS A 1739 11.01 34.15 -49.39
C HIS A 1739 12.36 34.51 -48.80
N LYS A 1740 12.66 35.82 -48.77
CA LYS A 1740 13.92 36.29 -48.21
C LYS A 1740 14.07 35.84 -46.76
N GLN A 1741 12.98 35.92 -45.97
CA GLN A 1741 13.03 35.48 -44.57
C GLN A 1741 13.31 33.98 -44.50
N GLU A 1742 12.70 33.21 -45.39
CA GLU A 1742 12.94 31.77 -45.40
C GLU A 1742 14.38 31.50 -45.79
N LEU A 1743 14.93 32.29 -46.70
CA LEU A 1743 16.33 32.14 -47.08
C LEU A 1743 17.22 32.46 -45.90
N HIS A 1744 16.85 33.44 -45.07
CA HIS A 1744 17.65 33.73 -43.89
C HIS A 1744 17.63 32.55 -42.92
N LYS A 1745 16.46 31.96 -42.71
CA LYS A 1745 16.38 30.79 -41.83
C LYS A 1745 17.18 29.62 -42.40
N LEU A 1746 17.07 29.42 -43.72
CA LEU A 1746 17.79 28.35 -44.39
C LEU A 1746 19.29 28.56 -44.26
N MET A 1747 19.77 29.79 -44.46
CA MET A 1747 21.19 30.06 -44.30
C MET A 1747 21.63 29.82 -42.87
N ALA A 1748 20.77 30.16 -41.89
CA ALA A 1748 21.12 29.89 -40.50
C ALA A 1748 21.32 28.38 -40.31
N ARG A 1749 20.45 27.59 -40.93
CA ARG A 1749 20.58 26.14 -40.79
C ARG A 1749 21.85 25.66 -41.47
N CYS A 1750 22.14 26.18 -42.66
CA CYS A 1750 23.33 25.76 -43.39
C CYS A 1750 24.59 26.14 -42.62
N PHE A 1751 24.61 27.34 -42.04
CA PHE A 1751 25.79 27.76 -41.29
C PHE A 1751 26.01 26.86 -40.09
N LEU A 1752 24.92 26.46 -39.40
CA LEU A 1752 25.13 25.56 -38.28
C LEU A 1752 25.64 24.20 -38.77
N LYS A 1753 25.15 23.73 -39.93
CA LYS A 1753 25.61 22.45 -40.43
C LYS A 1753 27.09 22.53 -40.82
N LEU A 1754 27.49 23.67 -41.37
CA LEU A 1754 28.91 23.85 -41.69
C LEU A 1754 29.72 23.85 -40.40
N GLY A 1755 29.22 24.52 -39.37
CA GLY A 1755 29.92 24.54 -38.10
C GLY A 1755 30.08 23.15 -37.53
N GLU A 1756 29.05 22.32 -37.67
CA GLU A 1756 29.15 20.93 -37.20
C GLU A 1756 30.18 20.17 -38.01
N TRP A 1757 30.21 20.39 -39.33
CA TRP A 1757 30.77 19.42 -40.24
C TRP A 1757 32.27 19.67 -40.40
N GLN A 1758 32.66 20.94 -40.21
CA GLN A 1758 34.06 21.33 -40.28
C GLN A 1758 34.82 20.53 -39.25
N LEU A 1759 34.29 20.43 -38.05
CA LEU A 1759 35.09 19.98 -36.92
C LEU A 1759 35.03 18.46 -36.89
N ASN A 1760 33.90 17.92 -37.40
CA ASN A 1760 33.76 16.48 -37.51
C ASN A 1760 34.82 15.93 -38.46
N LEU A 1761 35.22 16.72 -39.46
CA LEU A 1761 36.22 16.28 -40.43
C LEU A 1761 37.63 16.76 -40.10
N GLN A 1762 37.77 17.93 -39.48
CA GLN A 1762 39.05 18.60 -39.25
C GLN A 1762 39.54 18.52 -37.81
N GLY A 1763 38.64 18.42 -36.84
CA GLY A 1763 39.00 18.45 -35.43
C GLY A 1763 39.15 19.87 -34.92
N ILE A 1764 39.58 19.97 -33.67
CA ILE A 1764 39.73 21.26 -32.99
C ILE A 1764 41.17 21.72 -33.17
N ASN A 1765 41.37 22.78 -33.96
CA ASN A 1765 42.68 23.35 -34.23
C ASN A 1765 42.59 24.86 -34.16
N GLU A 1766 43.76 25.51 -34.09
CA GLU A 1766 43.81 26.97 -34.06
C GLU A 1766 43.22 27.58 -35.33
N SER A 1767 43.36 26.88 -36.46
CA SER A 1767 42.89 27.36 -37.75
C SER A 1767 41.39 27.14 -37.99
N THR A 1768 40.72 26.39 -37.11
CA THR A 1768 39.30 26.08 -37.29
C THR A 1768 38.39 26.83 -36.31
N ILE A 1769 38.90 27.22 -35.14
CA ILE A 1769 38.04 27.87 -34.16
C ILE A 1769 37.44 29.17 -34.69
N PRO A 1770 38.23 30.12 -35.22
CA PRO A 1770 37.62 31.36 -35.74
C PRO A 1770 36.57 31.12 -36.81
N LYS A 1771 36.74 30.08 -37.63
CA LYS A 1771 35.81 29.85 -38.73
C LYS A 1771 34.47 29.36 -38.19
N VAL A 1772 34.50 28.44 -37.22
CA VAL A 1772 33.27 27.95 -36.63
C VAL A 1772 32.58 29.08 -35.87
N LEU A 1773 33.36 29.89 -35.16
CA LEU A 1773 32.77 31.01 -34.44
C LEU A 1773 32.10 31.99 -35.39
N GLN A 1774 32.71 32.23 -36.55
CA GLN A 1774 32.09 33.10 -37.56
C GLN A 1774 30.81 32.49 -38.11
N TYR A 1775 30.81 31.16 -38.34
CA TYR A 1775 29.61 30.52 -38.85
C TYR A 1775 28.48 30.62 -37.84
N TYR A 1776 28.78 30.35 -36.56
CA TYR A 1776 27.75 30.43 -35.54
C TYR A 1776 27.26 31.86 -35.37
N SER A 1777 28.18 32.84 -35.43
CA SER A 1777 27.76 34.23 -35.32
C SER A 1777 26.81 34.57 -36.44
N ALA A 1778 27.15 34.16 -37.66
CA ALA A 1778 26.27 34.43 -38.80
C ALA A 1778 24.91 33.79 -38.56
N ALA A 1779 24.91 32.57 -38.01
CA ALA A 1779 23.66 31.87 -37.74
C ALA A 1779 22.80 32.66 -36.76
N THR A 1780 23.42 33.29 -35.77
CA THR A 1780 22.66 34.05 -34.78
C THR A 1780 22.31 35.44 -35.28
N GLU A 1781 22.94 35.90 -36.36
CA GLU A 1781 22.60 37.16 -37.02
C GLU A 1781 21.43 36.98 -37.97
N HIS A 1782 21.37 35.83 -38.64
CA HIS A 1782 20.31 35.56 -39.60
C HIS A 1782 18.97 35.27 -38.89
N ASP A 1783 19.01 34.70 -37.68
CA ASP A 1783 17.81 34.44 -36.91
C ASP A 1783 18.13 34.66 -35.44
N ARG A 1784 17.10 35.03 -34.67
CA ARG A 1784 17.26 35.40 -33.27
C ARG A 1784 16.44 34.56 -32.30
N SER A 1785 15.35 33.93 -32.74
CA SER A 1785 14.47 33.19 -31.86
C SER A 1785 14.86 31.73 -31.73
N TRP A 1786 15.75 31.24 -32.59
CA TRP A 1786 16.15 29.84 -32.65
C TRP A 1786 17.22 29.57 -31.60
N TYR A 1787 16.76 29.20 -30.40
CA TYR A 1787 17.63 29.04 -29.23
C TYR A 1787 18.81 28.12 -29.53
N LYS A 1788 18.64 27.14 -30.41
CA LYS A 1788 19.71 26.19 -30.71
C LYS A 1788 20.96 26.90 -31.24
N ALA A 1789 20.77 27.97 -32.02
CA ALA A 1789 21.93 28.70 -32.53
C ALA A 1789 22.68 29.36 -31.38
N TRP A 1790 21.94 29.91 -30.42
CA TRP A 1790 22.57 30.58 -29.29
C TRP A 1790 23.27 29.56 -28.41
N HIS A 1791 22.66 28.38 -28.26
CA HIS A 1791 23.27 27.30 -27.50
C HIS A 1791 24.60 26.90 -28.13
N ALA A 1792 24.58 26.63 -29.43
CA ALA A 1792 25.80 26.22 -30.13
C ALA A 1792 26.90 27.27 -30.00
N TRP A 1793 26.52 28.56 -30.13
CA TRP A 1793 27.51 29.62 -30.01
C TRP A 1793 28.11 29.67 -28.60
N ALA A 1794 27.25 29.63 -27.58
CA ALA A 1794 27.74 29.70 -26.20
C ALA A 1794 28.64 28.51 -25.90
N VAL A 1795 28.27 27.33 -26.38
CA VAL A 1795 29.07 26.14 -26.13
C VAL A 1795 30.41 26.26 -26.83
N MET A 1796 30.43 26.75 -28.08
CA MET A 1796 31.70 26.87 -28.78
C MET A 1796 32.62 27.84 -28.05
N ASN A 1797 32.08 28.94 -27.53
CA ASN A 1797 32.93 29.87 -26.78
C ASN A 1797 33.48 29.20 -25.51
N PHE A 1798 32.63 28.43 -24.83
CA PHE A 1798 33.06 27.70 -23.64
C PHE A 1798 34.18 26.73 -23.99
N GLU A 1799 34.00 25.98 -25.08
CA GLU A 1799 35.01 25.04 -25.52
C GLU A 1799 36.30 25.76 -25.86
N ALA A 1800 36.21 26.95 -26.47
CA ALA A 1800 37.43 27.71 -26.77
C ALA A 1800 38.18 28.06 -25.50
N VAL A 1801 37.45 28.41 -24.44
CA VAL A 1801 38.09 28.74 -23.16
C VAL A 1801 38.83 27.51 -22.63
N LEU A 1802 38.13 26.37 -22.62
CA LEU A 1802 38.76 25.15 -22.13
C LEU A 1802 39.91 24.76 -23.03
N HIS A 1803 39.75 24.94 -24.34
CA HIS A 1803 40.77 24.57 -25.31
C HIS A 1803 42.08 25.29 -24.99
N TYR A 1804 42.04 26.62 -24.89
CA TYR A 1804 43.28 27.34 -24.64
C TYR A 1804 43.89 26.95 -23.29
N LYS A 1805 43.05 26.80 -22.26
CA LYS A 1805 43.61 26.39 -20.97
C LYS A 1805 44.27 25.01 -21.08
N HIS A 1806 43.62 24.08 -21.77
CA HIS A 1806 44.17 22.74 -21.92
C HIS A 1806 45.44 22.74 -22.76
N GLN A 1807 45.49 23.58 -23.80
CA GLN A 1807 46.69 23.65 -24.63
C GLN A 1807 47.87 24.14 -23.82
N ASN A 1808 47.64 25.04 -22.87
CA ASN A 1808 48.76 25.46 -22.02
C ASN A 1808 49.12 24.38 -21.01
N GLN A 1809 48.10 23.72 -20.44
CA GLN A 1809 48.37 22.64 -19.48
C GLN A 1809 49.16 21.52 -20.14
N ALA A 1810 48.91 21.27 -21.43
CA ALA A 1810 49.55 20.19 -22.16
C ALA A 1810 50.94 20.56 -22.66
N ARG A 1811 51.14 21.80 -23.14
CA ARG A 1811 52.39 22.18 -23.79
C ARG A 1811 53.10 23.35 -23.11
N ASP A 1812 52.39 24.41 -22.75
CA ASP A 1812 53.10 25.55 -22.16
C ASP A 1812 53.51 25.28 -20.73
N GLU A 1813 52.71 24.52 -19.99
CA GLU A 1813 52.99 24.14 -18.62
C GLU A 1813 53.66 22.77 -18.59
N LYS A 1814 54.40 22.52 -17.51
CA LYS A 1814 55.07 21.25 -17.30
C LYS A 1814 56.00 20.90 -18.46
N LYS A 1867 54.25 31.68 -14.12
CA LYS A 1867 52.86 31.67 -14.54
C LYS A 1867 52.53 32.79 -15.53
N LYS A 1868 53.53 33.29 -16.25
CA LYS A 1868 53.28 34.29 -17.27
C LYS A 1868 52.33 33.75 -18.33
N VAL A 1869 52.40 32.43 -18.57
CA VAL A 1869 51.53 31.83 -19.57
C VAL A 1869 50.07 31.97 -19.17
N THR A 1870 49.79 32.18 -17.87
CA THR A 1870 48.39 32.33 -17.49
C THR A 1870 47.95 33.77 -17.69
N GLU A 1871 48.90 34.70 -17.84
CA GLU A 1871 48.56 36.07 -18.15
C GLU A 1871 48.23 36.15 -19.63
N ASP A 1872 49.07 35.49 -20.43
CA ASP A 1872 48.79 35.42 -21.86
C ASP A 1872 47.48 34.71 -22.11
N LEU A 1873 47.17 33.69 -21.30
CA LEU A 1873 45.86 33.06 -21.39
C LEU A 1873 44.76 34.04 -21.03
N SER A 1874 44.91 34.76 -19.91
CA SER A 1874 43.86 35.65 -19.41
C SER A 1874 43.46 36.67 -20.46
N LYS A 1875 44.46 37.16 -21.22
CA LYS A 1875 44.23 38.19 -22.24
C LYS A 1875 43.19 37.75 -23.28
N THR A 1876 43.02 36.45 -23.48
CA THR A 1876 42.05 35.92 -24.44
C THR A 1876 40.95 35.13 -23.76
N LEU A 1877 41.22 34.55 -22.58
CA LEU A 1877 40.21 33.77 -21.90
C LEU A 1877 39.09 34.68 -21.45
N LEU A 1878 39.41 35.89 -20.98
CA LEU A 1878 38.32 36.77 -20.57
C LEU A 1878 37.49 37.20 -21.78
N MET A 1879 38.17 37.38 -22.91
CA MET A 1879 37.51 37.74 -24.16
C MET A 1879 36.51 36.68 -24.57
N TYR A 1880 36.88 35.41 -24.43
CA TYR A 1880 35.94 34.33 -24.79
C TYR A 1880 34.90 34.11 -23.69
N THR A 1881 35.29 34.28 -22.43
CA THR A 1881 34.40 34.00 -21.30
C THR A 1881 33.17 34.90 -21.31
N VAL A 1882 33.36 36.20 -21.50
CA VAL A 1882 32.24 37.15 -21.46
C VAL A 1882 31.13 36.74 -22.43
N PRO A 1883 31.41 36.60 -23.74
CA PRO A 1883 30.33 36.16 -24.65
C PRO A 1883 29.79 34.79 -24.33
N ALA A 1884 30.57 33.92 -23.69
CA ALA A 1884 30.03 32.62 -23.30
C ALA A 1884 28.94 32.79 -22.25
N VAL A 1885 29.18 33.65 -21.26
CA VAL A 1885 28.19 33.87 -20.21
C VAL A 1885 26.95 34.51 -20.82
N GLN A 1886 27.14 35.52 -21.68
CA GLN A 1886 25.98 36.17 -22.29
C GLN A 1886 25.19 35.19 -23.14
N GLY A 1887 25.90 34.32 -23.87
CA GLY A 1887 25.24 33.33 -24.68
C GLY A 1887 24.39 32.38 -23.85
N PHE A 1888 24.98 31.83 -22.79
CA PHE A 1888 24.24 30.89 -21.95
C PHE A 1888 23.02 31.56 -21.32
N PHE A 1889 23.16 32.82 -20.87
CA PHE A 1889 22.00 33.49 -20.28
C PHE A 1889 20.89 33.68 -21.31
N ARG A 1890 21.24 34.04 -22.54
CA ARG A 1890 20.19 34.20 -23.54
C ARG A 1890 19.57 32.85 -23.89
N SER A 1891 20.41 31.80 -23.99
CA SER A 1891 19.90 30.47 -24.29
C SER A 1891 18.90 30.01 -23.23
N ILE A 1892 19.21 30.27 -21.96
CA ILE A 1892 18.28 29.94 -20.88
C ILE A 1892 16.99 30.73 -21.06
N SER A 1893 17.12 32.02 -21.36
CA SER A 1893 15.94 32.87 -21.55
C SER A 1893 15.04 32.36 -22.66
N LEU A 1894 15.60 31.77 -23.71
CA LEU A 1894 14.84 31.33 -24.87
C LEU A 1894 14.24 29.93 -24.73
N SER A 1895 14.42 29.25 -23.60
CA SER A 1895 13.90 27.90 -23.44
C SER A 1895 13.44 27.70 -22.00
N ARG A 1896 12.63 26.66 -21.82
CA ARG A 1896 12.08 26.29 -20.52
C ARG A 1896 12.20 24.79 -20.35
N GLY A 1897 12.23 24.35 -19.10
CA GLY A 1897 12.17 22.93 -18.81
C GLY A 1897 13.49 22.18 -18.97
N ASN A 1898 14.12 22.30 -20.14
CA ASN A 1898 15.35 21.58 -20.45
C ASN A 1898 16.59 22.44 -20.25
N ASN A 1899 16.50 23.47 -19.42
CA ASN A 1899 17.58 24.43 -19.20
C ASN A 1899 18.58 24.00 -18.12
N LEU A 1900 18.50 22.77 -17.62
CA LEU A 1900 19.41 22.31 -16.56
C LEU A 1900 20.87 22.43 -16.96
N GLN A 1901 21.22 21.90 -18.14
CA GLN A 1901 22.61 21.89 -18.59
C GLN A 1901 23.17 23.31 -18.65
N ASP A 1902 22.41 24.24 -19.23
CA ASP A 1902 22.88 25.61 -19.35
C ASP A 1902 23.11 26.21 -17.97
N THR A 1903 22.20 25.92 -17.03
CA THR A 1903 22.34 26.47 -15.68
C THR A 1903 23.61 25.96 -15.04
N LEU A 1904 23.90 24.66 -15.19
CA LEU A 1904 25.10 24.11 -14.57
C LEU A 1904 26.36 24.71 -15.20
N ARG A 1905 26.35 24.93 -16.52
CA ARG A 1905 27.54 25.52 -17.14
C ARG A 1905 27.75 26.95 -16.66
N VAL A 1906 26.65 27.68 -16.47
CA VAL A 1906 26.75 29.03 -15.94
C VAL A 1906 27.35 28.98 -14.54
N LEU A 1907 26.87 28.04 -13.72
CA LEU A 1907 27.41 27.94 -12.36
C LEU A 1907 28.89 27.60 -12.37
N THR A 1908 29.33 26.74 -13.30
CA THR A 1908 30.76 26.40 -13.40
C THR A 1908 31.60 27.64 -13.70
N LEU A 1909 31.21 28.39 -14.73
CA LEU A 1909 31.98 29.58 -15.09
C LEU A 1909 31.94 30.59 -13.96
N TRP A 1910 30.76 30.79 -13.38
CA TRP A 1910 30.59 31.69 -12.24
C TRP A 1910 31.56 31.35 -11.10
N PHE A 1911 31.57 30.08 -10.67
CA PHE A 1911 32.38 29.71 -9.51
C PHE A 1911 33.86 29.87 -9.79
N ASP A 1912 34.32 29.58 -11.02
CA ASP A 1912 35.77 29.67 -11.25
C ASP A 1912 36.25 31.06 -11.69
N TYR A 1913 35.47 31.76 -12.53
CA TYR A 1913 35.89 33.02 -13.13
C TYR A 1913 35.13 34.25 -12.63
N GLY A 1914 34.16 34.09 -11.73
CA GLY A 1914 33.39 35.22 -11.23
C GLY A 1914 34.20 36.30 -10.50
N HIS A 1915 35.41 35.97 -10.06
CA HIS A 1915 36.25 36.95 -9.38
C HIS A 1915 36.78 38.05 -10.31
N TRP A 1916 36.72 37.85 -11.63
CA TRP A 1916 37.17 38.87 -12.57
C TRP A 1916 36.10 39.96 -12.76
N PRO A 1917 36.45 41.25 -12.63
CA PRO A 1917 35.44 42.33 -12.80
C PRO A 1917 34.61 42.28 -14.08
N ASP A 1918 35.12 41.77 -15.20
CA ASP A 1918 34.34 41.79 -16.42
C ASP A 1918 33.33 40.65 -16.41
N VAL A 1919 33.71 39.56 -15.77
CA VAL A 1919 32.82 38.42 -15.69
C VAL A 1919 31.77 38.77 -14.67
N ASN A 1920 32.18 39.41 -13.56
CA ASN A 1920 31.26 39.84 -12.53
C ASN A 1920 30.19 40.76 -13.11
N GLU A 1921 30.59 41.79 -13.87
CA GLU A 1921 29.62 42.70 -14.46
C GLU A 1921 28.63 41.96 -15.37
N ALA A 1922 29.16 41.11 -16.28
CA ALA A 1922 28.29 40.36 -17.19
C ALA A 1922 27.35 39.47 -16.39
N LEU A 1923 27.88 38.90 -15.32
CA LEU A 1923 27.15 37.99 -14.45
C LEU A 1923 25.99 38.70 -13.77
N VAL A 1924 26.26 39.87 -13.19
CA VAL A 1924 25.22 40.59 -12.47
C VAL A 1924 24.08 40.93 -13.42
N GLU A 1925 24.40 41.44 -14.62
CA GLU A 1925 23.32 41.75 -15.55
C GLU A 1925 22.55 40.50 -15.94
N GLY A 1926 23.28 39.39 -16.16
CA GLY A 1926 22.62 38.14 -16.50
C GLY A 1926 21.66 37.69 -15.41
N VAL A 1927 22.15 37.65 -14.17
CA VAL A 1927 21.33 37.18 -13.05
C VAL A 1927 20.09 38.03 -12.91
N LYS A 1928 20.24 39.37 -13.04
CA LYS A 1928 19.07 40.21 -12.93
C LYS A 1928 18.05 39.88 -14.02
N ALA A 1929 18.51 39.46 -15.21
CA ALA A 1929 17.58 39.20 -16.29
C ALA A 1929 16.86 37.84 -16.23
N ILE A 1930 17.23 36.92 -15.34
CA ILE A 1930 16.68 35.56 -15.32
C ILE A 1930 15.57 35.41 -14.27
N GLN A 1931 14.44 34.84 -14.70
CA GLN A 1931 13.33 34.52 -13.83
C GLN A 1931 13.81 33.63 -12.68
N ILE A 1932 13.58 34.08 -11.44
CA ILE A 1932 14.18 33.43 -10.27
C ILE A 1932 13.80 31.96 -10.12
N ASP A 1933 12.65 31.54 -10.66
CA ASP A 1933 12.23 30.15 -10.54
C ASP A 1933 13.25 29.19 -11.14
N THR A 1934 14.01 29.67 -12.14
CA THR A 1934 14.99 28.84 -12.80
C THR A 1934 15.99 28.29 -11.80
N TRP A 1935 16.37 29.11 -10.82
CA TRP A 1935 17.46 28.71 -9.95
C TRP A 1935 17.06 27.64 -8.95
N LEU A 1936 15.75 27.32 -8.83
CA LEU A 1936 15.35 26.37 -7.80
C LEU A 1936 15.98 25.01 -8.03
N GLN A 1937 16.15 24.63 -9.29
CA GLN A 1937 16.63 23.29 -9.61
C GLN A 1937 18.09 23.10 -9.22
N VAL A 1938 18.82 24.15 -8.86
CA VAL A 1938 20.21 24.03 -8.47
C VAL A 1938 20.44 24.48 -7.03
N ILE A 1939 19.40 24.52 -6.21
CA ILE A 1939 19.54 24.90 -4.80
C ILE A 1939 20.60 24.06 -4.07
N PRO A 1940 20.64 22.72 -4.24
CA PRO A 1940 21.67 21.94 -3.52
C PRO A 1940 23.11 22.34 -3.78
N GLN A 1941 23.42 22.98 -4.89
CA GLN A 1941 24.79 23.37 -5.20
C GLN A 1941 25.11 24.80 -4.76
N LEU A 1942 24.14 25.69 -4.85
CA LEU A 1942 24.34 27.08 -4.44
C LEU A 1942 24.67 27.15 -2.96
N ILE A 1943 24.02 26.29 -2.16
CA ILE A 1943 24.26 26.27 -0.74
C ILE A 1943 25.62 25.64 -0.43
N ALA A 1944 25.99 24.59 -1.18
CA ALA A 1944 27.25 23.90 -0.90
C ALA A 1944 28.44 24.87 -0.85
N ARG A 1945 28.51 25.77 -1.82
CA ARG A 1945 29.53 26.82 -1.88
C ARG A 1945 28.96 28.14 -1.36
N ILE A 1946 28.68 28.19 -0.05
CA ILE A 1946 28.63 29.47 0.67
C ILE A 1946 29.89 29.74 1.50
N ASP A 1947 30.92 28.90 1.38
CA ASP A 1947 32.19 29.08 2.06
C ASP A 1947 33.25 29.74 1.19
N THR A 1948 32.90 30.12 -0.04
CA THR A 1948 33.87 30.59 -1.02
C THR A 1948 34.58 31.86 -0.55
N PRO A 1949 35.96 31.86 -0.38
CA PRO A 1949 36.71 33.06 0.03
C PRO A 1949 36.99 34.01 -1.13
N ARG A 1950 35.93 34.41 -1.84
CA ARG A 1950 36.03 35.28 -3.01
C ARG A 1950 34.90 36.30 -2.94
N PRO A 1951 35.10 37.42 -2.14
CA PRO A 1951 33.98 38.29 -1.73
C PRO A 1951 32.94 38.66 -2.80
N LEU A 1952 33.35 38.87 -4.05
CA LEU A 1952 32.36 39.18 -5.08
C LEU A 1952 31.41 38.00 -5.27
N VAL A 1953 31.97 36.79 -5.22
CA VAL A 1953 31.16 35.59 -5.44
C VAL A 1953 30.28 35.39 -4.21
N GLY A 1954 30.88 35.53 -3.02
CA GLY A 1954 30.11 35.38 -1.79
C GLY A 1954 28.92 36.31 -1.78
N ARG A 1955 29.18 37.60 -2.02
CA ARG A 1955 28.12 38.60 -1.98
C ARG A 1955 27.00 38.26 -2.96
N LEU A 1956 27.37 37.84 -4.18
CA LEU A 1956 26.33 37.53 -5.16
C LEU A 1956 25.52 36.31 -4.70
N ILE A 1957 26.20 35.30 -4.15
CA ILE A 1957 25.49 34.11 -3.69
C ILE A 1957 24.51 34.49 -2.60
N HIS A 1958 24.96 35.33 -1.65
CA HIS A 1958 24.08 35.72 -0.56
C HIS A 1958 22.88 36.47 -1.08
N GLN A 1959 23.09 37.36 -2.05
CA GLN A 1959 21.96 38.13 -2.60
C GLN A 1959 20.98 37.19 -3.30
N LEU A 1960 21.51 36.23 -4.06
CA LEU A 1960 20.64 35.30 -4.79
C LEU A 1960 19.80 34.48 -3.83
N LEU A 1961 20.46 33.89 -2.82
CA LEU A 1961 19.73 33.07 -1.85
C LEU A 1961 18.71 33.91 -1.10
N THR A 1962 19.08 35.15 -0.76
CA THR A 1962 18.16 36.03 -0.05
C THR A 1962 16.91 36.27 -0.90
N ASP A 1963 17.10 36.54 -2.19
CA ASP A 1963 15.95 36.78 -3.05
C ASP A 1963 15.10 35.52 -3.16
N ILE A 1964 15.73 34.35 -3.29
CA ILE A 1964 14.98 33.12 -3.42
C ILE A 1964 14.12 32.89 -2.18
N GLY A 1965 14.70 33.12 -1.00
CA GLY A 1965 14.00 32.87 0.24
C GLY A 1965 12.69 33.63 0.43
N ARG A 1966 12.54 34.80 -0.18
CA ARG A 1966 11.33 35.59 0.04
C ARG A 1966 10.20 35.23 -0.92
N TYR A 1967 10.43 34.34 -1.89
CA TYR A 1967 9.41 33.90 -2.84
C TYR A 1967 9.02 32.45 -2.65
N HIS A 1968 9.98 31.56 -2.39
CA HIS A 1968 9.73 30.13 -2.24
C HIS A 1968 10.46 29.61 -1.01
N PRO A 1969 10.08 30.08 0.18
CA PRO A 1969 10.84 29.71 1.39
C PRO A 1969 10.86 28.22 1.67
N GLN A 1970 9.85 27.48 1.20
CA GLN A 1970 9.80 26.05 1.44
C GLN A 1970 10.95 25.34 0.75
N ALA A 1971 11.47 25.92 -0.32
CA ALA A 1971 12.54 25.31 -1.08
C ALA A 1971 13.89 25.41 -0.37
N LEU A 1972 14.03 26.33 0.59
CA LEU A 1972 15.30 26.53 1.29
C LEU A 1972 15.31 26.08 2.74
N ILE A 1973 14.15 26.06 3.41
CA ILE A 1973 14.12 25.83 4.85
C ILE A 1973 14.72 24.48 5.24
N TYR A 1974 14.69 23.49 4.35
CA TYR A 1974 15.27 22.19 4.65
C TYR A 1974 16.78 22.19 4.39
N PRO A 1975 17.26 22.57 3.20
CA PRO A 1975 18.73 22.76 3.04
C PRO A 1975 19.32 23.65 4.11
N LEU A 1976 18.63 24.76 4.44
CA LEU A 1976 19.12 25.56 5.54
C LEU A 1976 18.61 24.88 6.80
N THR A 1977 18.92 25.45 7.96
CA THR A 1977 18.62 24.86 9.27
C THR A 1977 19.61 23.71 9.45
N VAL A 1978 19.60 22.75 8.52
CA VAL A 1978 20.64 21.72 8.48
C VAL A 1978 21.98 22.38 8.23
N ALA A 1979 22.02 23.34 7.29
CA ALA A 1979 23.26 24.06 7.02
C ALA A 1979 23.80 24.75 8.27
N SER A 1980 22.91 25.20 9.17
CA SER A 1980 23.34 25.98 10.34
C SER A 1980 24.00 25.13 11.42
N LYS A 1981 23.93 23.81 11.33
CA LYS A 1981 24.50 22.91 12.32
C LYS A 1981 25.94 22.53 12.01
N SER A 1982 26.50 23.05 10.91
CA SER A 1982 27.86 22.74 10.52
C SER A 1982 28.87 23.14 11.60
N THR A 1983 29.94 22.35 11.69
CA THR A 1983 31.03 22.68 12.61
C THR A 1983 31.77 23.94 12.13
N THR A 1984 32.00 24.05 10.82
CA THR A 1984 32.74 25.17 10.26
C THR A 1984 32.04 26.49 10.61
N THR A 1985 32.83 27.43 11.14
CA THR A 1985 32.31 28.73 11.57
C THR A 1985 31.65 29.49 10.41
N ALA A 1986 32.31 29.52 9.25
CA ALA A 1986 31.78 30.29 8.12
C ALA A 1986 30.40 29.78 7.70
N ARG A 1987 30.20 28.46 7.69
CA ARG A 1987 28.90 27.92 7.28
C ARG A 1987 27.84 28.30 8.28
N HIS A 1988 28.19 28.23 9.57
CA HIS A 1988 27.28 28.56 10.64
C HIS A 1988 26.85 30.03 10.53
N ASN A 1989 27.82 30.93 10.42
CA ASN A 1989 27.51 32.35 10.37
C ASN A 1989 26.68 32.70 9.14
N ALA A 1990 27.05 32.17 7.96
CA ALA A 1990 26.30 32.48 6.75
C ALA A 1990 24.87 31.96 6.84
N ALA A 1991 24.71 30.73 7.35
CA ALA A 1991 23.37 30.18 7.48
C ALA A 1991 22.55 31.02 8.44
N ASN A 1992 23.16 31.49 9.52
CA ASN A 1992 22.44 32.30 10.50
C ASN A 1992 21.96 33.59 9.86
N LYS A 1993 22.86 34.26 9.13
CA LYS A 1993 22.49 35.52 8.49
C LYS A 1993 21.31 35.33 7.56
N ILE A 1994 21.36 34.29 6.73
CA ILE A 1994 20.29 34.03 5.78
C ILE A 1994 18.99 33.72 6.53
N LEU A 1995 19.07 32.88 7.56
CA LEU A 1995 17.88 32.54 8.32
C LEU A 1995 17.28 33.77 9.00
N LYS A 1996 18.13 34.69 9.48
CA LYS A 1996 17.60 35.92 10.08
C LYS A 1996 16.85 36.73 9.05
N ASN A 1997 17.39 36.78 7.83
CA ASN A 1997 16.70 37.51 6.77
C ASN A 1997 15.34 36.87 6.51
N MET A 1998 15.27 35.53 6.57
CA MET A 1998 13.99 34.86 6.40
C MET A 1998 13.06 35.15 7.58
N CYS A 1999 13.62 35.21 8.79
CA CYS A 1999 12.81 35.46 9.98
C CYS A 1999 12.12 36.80 9.87
N GLU A 2000 12.78 37.78 9.25
CA GLU A 2000 12.15 39.08 9.07
C GLU A 2000 10.89 38.95 8.23
N HIS A 2001 10.86 38.01 7.28
CA HIS A 2001 9.68 37.79 6.46
C HIS A 2001 8.63 36.97 7.20
N SER A 2002 9.07 35.92 7.90
CA SER A 2002 8.18 35.08 8.70
C SER A 2002 9.01 34.40 9.78
N ASN A 2003 8.68 34.62 11.06
CA ASN A 2003 9.37 33.91 12.13
C ASN A 2003 8.89 32.46 12.23
N THR A 2004 7.62 32.20 11.91
CA THR A 2004 6.94 31.02 12.41
C THR A 2004 7.52 29.78 11.73
N LEU A 2005 7.69 29.87 10.40
CA LEU A 2005 8.25 28.77 9.62
C LEU A 2005 9.62 28.39 10.14
N VAL A 2006 10.49 29.38 10.36
CA VAL A 2006 11.85 29.08 10.76
C VAL A 2006 11.86 28.44 12.15
N GLN A 2007 11.04 28.96 13.07
CA GLN A 2007 11.03 28.44 14.42
C GLN A 2007 10.53 27.00 14.42
N GLN A 2008 9.49 26.72 13.65
CA GLN A 2008 8.95 25.36 13.61
C GLN A 2008 9.93 24.41 12.94
N ALA A 2009 10.55 24.83 11.84
CA ALA A 2009 11.49 23.95 11.16
C ALA A 2009 12.67 23.62 12.05
N MET A 2010 13.16 24.60 12.82
CA MET A 2010 14.29 24.32 13.71
C MET A 2010 13.88 23.34 14.80
N MET A 2011 12.70 23.56 15.39
CA MET A 2011 12.22 22.68 16.44
C MET A 2011 12.06 21.24 15.94
N VAL A 2012 11.38 21.09 14.80
CA VAL A 2012 11.13 19.75 14.27
C VAL A 2012 12.44 19.07 13.91
N SER A 2013 13.35 19.79 13.25
CA SER A 2013 14.61 19.18 12.85
C SER A 2013 15.39 18.69 14.05
N GLU A 2014 15.43 19.50 15.12
CA GLU A 2014 16.23 19.10 16.28
C GLU A 2014 15.60 17.90 16.98
N GLU A 2015 14.28 17.90 17.17
CA GLU A 2015 13.67 16.78 17.88
C GLU A 2015 13.77 15.50 17.05
N LEU A 2016 13.59 15.63 15.74
CA LEU A 2016 13.64 14.49 14.85
C LEU A 2016 15.04 13.89 14.85
N ILE A 2017 16.08 14.74 14.85
CA ILE A 2017 17.44 14.23 14.91
C ILE A 2017 17.68 13.53 16.24
N ARG A 2018 17.24 14.13 17.36
CA ARG A 2018 17.51 13.52 18.66
C ARG A 2018 16.90 12.12 18.74
N VAL A 2019 15.65 11.97 18.31
CA VAL A 2019 14.99 10.67 18.44
C VAL A 2019 15.61 9.59 17.55
N ALA A 2020 16.44 9.98 16.57
CA ALA A 2020 17.05 8.98 15.69
C ALA A 2020 17.98 8.03 16.44
N ILE A 2021 18.72 8.52 17.44
CA ILE A 2021 19.69 7.72 18.17
C ILE A 2021 19.51 7.97 19.66
N LEU A 2022 19.46 6.89 20.44
CA LEU A 2022 19.28 6.93 21.88
C LEU A 2022 20.63 6.72 22.57
N TRP A 2023 20.72 7.18 23.82
CA TRP A 2023 21.94 7.03 24.60
C TRP A 2023 22.45 5.60 24.67
N HIS A 2024 21.53 4.62 24.70
CA HIS A 2024 21.96 3.22 24.81
C HIS A 2024 22.83 2.83 23.63
N GLU A 2025 22.46 3.24 22.42
CA GLU A 2025 23.20 2.84 21.24
C GLU A 2025 24.55 3.54 21.20
N MET A 2026 24.56 4.83 21.59
CA MET A 2026 25.80 5.59 21.59
C MET A 2026 26.80 4.97 22.54
N TRP A 2027 26.34 4.60 23.75
CA TRP A 2027 27.25 4.01 24.71
C TRP A 2027 27.65 2.60 24.28
N HIS A 2028 26.74 1.87 23.64
CA HIS A 2028 27.08 0.53 23.18
C HIS A 2028 28.25 0.58 22.20
N GLU A 2029 28.14 1.42 21.17
CA GLU A 2029 29.21 1.52 20.18
C GLU A 2029 30.46 2.11 20.80
N GLY A 2030 30.30 3.12 21.67
CA GLY A 2030 31.45 3.74 22.30
C GLY A 2030 32.26 2.73 23.08
N LEU A 2031 31.60 1.99 23.97
CA LEU A 2031 32.28 1.01 24.79
C LEU A 2031 32.88 -0.09 23.93
N GLU A 2032 32.22 -0.47 22.83
CA GLU A 2032 32.80 -1.51 21.98
C GLU A 2032 34.11 -1.03 21.35
N GLU A 2033 34.15 0.22 20.88
CA GLU A 2033 35.40 0.73 20.32
C GLU A 2033 36.46 0.88 21.41
N ALA A 2034 36.05 1.35 22.59
CA ALA A 2034 36.99 1.49 23.70
C ALA A 2034 37.59 0.14 24.07
N SER A 2035 36.77 -0.91 24.03
CA SER A 2035 37.26 -2.26 24.31
C SER A 2035 38.29 -2.66 23.26
N ARG A 2036 37.98 -2.40 21.99
CA ARG A 2036 38.92 -2.69 20.92
C ARG A 2036 40.27 -2.01 21.17
N LEU A 2037 40.24 -0.78 21.69
CA LEU A 2037 41.46 -0.03 21.95
C LEU A 2037 42.16 -0.48 23.23
N TYR A 2038 41.40 -0.84 24.27
CA TYR A 2038 42.00 -1.19 25.55
C TYR A 2038 42.72 -2.53 25.49
N PHE A 2039 42.09 -3.54 24.90
CA PHE A 2039 42.69 -4.88 24.88
C PHE A 2039 43.42 -5.18 23.58
N GLY A 2040 43.03 -4.55 22.48
CA GLY A 2040 43.67 -4.82 21.21
C GLY A 2040 44.90 -3.94 20.98
N GLU A 2041 44.65 -2.68 20.60
CA GLU A 2041 45.73 -1.76 20.29
C GLU A 2041 46.49 -1.27 21.52
N ARG A 2042 45.90 -1.35 22.71
CA ARG A 2042 46.49 -0.78 23.94
C ARG A 2042 46.62 0.74 23.84
N ASN A 2043 45.75 1.37 23.04
CA ASN A 2043 45.77 2.82 22.81
C ASN A 2043 44.97 3.51 23.91
N VAL A 2044 45.57 3.62 25.09
CA VAL A 2044 44.89 4.19 26.24
C VAL A 2044 44.45 5.63 25.95
N LYS A 2045 45.29 6.38 25.24
CA LYS A 2045 44.92 7.75 24.86
C LYS A 2045 43.65 7.72 24.01
N GLY A 2046 43.65 6.89 22.97
CA GLY A 2046 42.46 6.79 22.14
C GLY A 2046 41.28 6.25 22.93
N MET A 2047 41.55 5.34 23.87
CA MET A 2047 40.51 4.76 24.70
C MET A 2047 39.85 5.80 25.60
N PHE A 2048 40.55 6.90 25.90
CA PHE A 2048 39.86 8.08 26.44
C PHE A 2048 39.17 8.87 25.34
N GLU A 2049 39.86 9.12 24.22
CA GLU A 2049 39.31 10.00 23.19
C GLU A 2049 37.95 9.53 22.69
N VAL A 2050 37.74 8.21 22.63
CA VAL A 2050 36.47 7.66 22.16
C VAL A 2050 35.35 7.72 23.20
N LEU A 2051 35.67 7.93 24.48
CA LEU A 2051 34.67 7.94 25.56
C LEU A 2051 34.40 9.32 26.13
N GLU A 2052 35.44 10.17 26.25
CA GLU A 2052 35.37 11.54 26.74
C GLU A 2052 34.12 12.27 26.24
N PRO A 2053 33.88 12.37 24.92
CA PRO A 2053 32.68 13.08 24.47
C PRO A 2053 31.37 12.47 24.95
N LEU A 2054 31.36 11.18 25.30
CA LEU A 2054 30.13 10.57 25.80
C LEU A 2054 29.92 10.95 27.26
N HIS A 2055 31.01 11.06 28.01
CA HIS A 2055 30.88 11.49 29.40
C HIS A 2055 30.45 12.95 29.43
N ALA A 2056 31.03 13.77 28.54
CA ALA A 2056 30.63 15.17 28.44
C ALA A 2056 29.16 15.27 28.02
N MET A 2057 28.72 14.38 27.13
CA MET A 2057 27.32 14.35 26.74
C MET A 2057 26.44 14.11 27.96
N MET A 2058 26.80 13.11 28.77
CA MET A 2058 26.09 12.75 29.99
C MET A 2058 26.34 13.71 31.14
N GLU A 2059 27.06 14.83 30.92
CA GLU A 2059 26.98 15.96 31.83
C GLU A 2059 25.75 16.85 31.68
N ARG A 2060 25.04 16.83 30.54
CA ARG A 2060 23.93 17.76 30.42
C ARG A 2060 22.74 17.34 31.29
N GLY A 2061 22.69 16.08 31.72
CA GLY A 2061 21.62 15.57 32.53
C GLY A 2061 20.42 15.12 31.73
N PRO A 2062 19.53 14.33 32.36
CA PRO A 2062 18.29 13.93 31.68
C PRO A 2062 17.43 15.11 31.23
N GLN A 2063 16.85 14.96 30.04
CA GLN A 2063 15.92 15.90 29.46
C GLN A 2063 14.55 15.28 29.19
N THR A 2064 14.49 13.96 28.99
CA THR A 2064 13.23 13.25 28.76
C THR A 2064 13.17 11.99 29.61
N LEU A 2065 12.15 11.15 29.40
CA LEU A 2065 11.90 10.04 30.32
C LEU A 2065 12.91 8.91 30.15
N LYS A 2066 13.19 8.50 28.92
CA LYS A 2066 14.17 7.44 28.72
C LYS A 2066 15.55 7.87 29.17
N GLU A 2067 15.89 9.15 28.98
CA GLU A 2067 17.18 9.63 29.43
C GLU A 2067 17.27 9.54 30.94
N THR A 2068 16.18 9.86 31.64
CA THR A 2068 16.16 9.77 33.09
C THR A 2068 16.34 8.31 33.52
N SER A 2069 15.61 7.39 32.89
CA SER A 2069 15.71 5.99 33.27
C SER A 2069 17.12 5.48 33.05
N PHE A 2070 17.72 5.85 31.90
CA PHE A 2070 19.09 5.44 31.61
C PHE A 2070 20.03 5.94 32.70
N ASN A 2071 19.93 7.23 33.03
CA ASN A 2071 20.82 7.81 34.02
C ASN A 2071 20.65 7.12 35.36
N GLN A 2072 19.41 6.81 35.75
CA GLN A 2072 19.20 6.13 37.03
C GLN A 2072 19.82 4.75 37.01
N ALA A 2073 19.72 4.05 35.88
CA ALA A 2073 20.24 2.70 35.78
C ALA A 2073 21.77 2.63 35.76
N TYR A 2074 22.43 3.56 35.05
CA TYR A 2074 23.87 3.43 34.80
C TYR A 2074 24.76 4.58 35.27
N GLY A 2075 24.19 5.71 35.71
CA GLY A 2075 24.92 6.91 36.08
C GLY A 2075 26.04 6.66 37.06
N ARG A 2076 25.71 6.04 38.19
CA ARG A 2076 26.71 5.78 39.24
C ARG A 2076 27.91 5.05 38.64
N ASP A 2077 27.66 3.97 37.91
CA ASP A 2077 28.76 3.16 37.38
C ASP A 2077 29.60 3.98 36.41
N LEU A 2078 28.95 4.81 35.58
CA LEU A 2078 29.72 5.61 34.64
C LEU A 2078 30.55 6.67 35.35
N MET A 2079 29.98 7.28 36.39
CA MET A 2079 30.71 8.32 37.13
C MET A 2079 31.89 7.70 37.87
N GLU A 2080 31.70 6.50 38.43
CA GLU A 2080 32.81 5.84 39.10
C GLU A 2080 33.89 5.51 38.08
N ALA A 2081 33.50 5.08 36.88
CA ALA A 2081 34.49 4.82 35.84
C ALA A 2081 35.25 6.09 35.51
N GLN A 2082 34.56 7.23 35.51
CA GLN A 2082 35.23 8.51 35.24
C GLN A 2082 36.28 8.77 36.31
N GLU A 2083 35.91 8.50 37.57
CA GLU A 2083 36.82 8.76 38.67
C GLU A 2083 38.02 7.84 38.61
N TRP A 2084 37.80 6.58 38.22
CA TRP A 2084 38.92 5.65 38.09
C TRP A 2084 39.87 6.08 36.98
N CYS A 2085 39.33 6.59 35.87
CA CYS A 2085 40.20 7.05 34.79
C CYS A 2085 41.00 8.28 35.22
N ARG A 2086 40.36 9.22 35.92
CA ARG A 2086 41.09 10.38 36.41
C ARG A 2086 42.16 9.96 37.40
N LYS A 2087 41.82 9.03 38.28
CA LYS A 2087 42.80 8.53 39.25
C LYS A 2087 43.98 7.91 38.53
N TYR A 2088 43.72 7.10 37.50
CA TYR A 2088 44.80 6.54 36.69
C TYR A 2088 45.68 7.63 36.12
N MET A 2089 45.08 8.66 35.51
CA MET A 2089 45.87 9.71 34.91
C MET A 2089 46.74 10.42 35.95
N LYS A 2090 46.28 10.45 37.20
CA LYS A 2090 47.10 11.05 38.24
C LYS A 2090 48.20 10.10 38.71
N SER A 2091 47.88 8.81 38.82
CA SER A 2091 48.81 7.83 39.40
C SER A 2091 49.68 7.08 38.39
N GLY A 2092 49.15 6.74 37.20
CA GLY A 2092 49.91 5.94 36.27
C GLY A 2092 49.93 4.45 36.56
N ASN A 2093 49.18 3.99 37.56
CA ASN A 2093 49.14 2.61 38.04
C ASN A 2093 47.97 1.88 37.37
N VAL A 2094 48.26 1.17 36.28
CA VAL A 2094 47.23 0.36 35.61
C VAL A 2094 46.87 -0.84 36.49
N LYS A 2095 46.22 -0.58 37.63
CA LYS A 2095 45.01 -1.30 38.03
C LYS A 2095 43.78 -0.43 37.98
N ASP A 2096 43.92 0.90 38.06
CA ASP A 2096 42.78 1.80 38.10
C ASP A 2096 41.94 1.65 36.83
N LEU A 2097 42.61 1.52 35.69
CA LEU A 2097 41.88 1.34 34.44
C LEU A 2097 41.16 0.00 34.44
N THR A 2098 41.77 -1.03 35.05
CA THR A 2098 41.12 -2.33 35.07
C THR A 2098 39.79 -2.22 35.82
N GLN A 2099 39.78 -1.50 36.95
CA GLN A 2099 38.53 -1.33 37.70
C GLN A 2099 37.52 -0.50 36.91
N ALA A 2100 38.01 0.52 36.19
CA ALA A 2100 37.12 1.28 35.32
C ALA A 2100 36.52 0.38 34.25
N TRP A 2101 37.32 -0.57 33.75
CA TRP A 2101 36.83 -1.48 32.74
C TRP A 2101 35.90 -2.51 33.33
N ASP A 2102 36.09 -2.90 34.59
CA ASP A 2102 35.12 -3.77 35.22
C ASP A 2102 33.75 -3.09 35.27
N LEU A 2103 33.75 -1.78 35.53
CA LEU A 2103 32.49 -1.04 35.54
C LEU A 2103 31.92 -0.91 34.14
N TYR A 2104 32.78 -0.55 33.18
CA TYR A 2104 32.34 -0.40 31.79
C TYR A 2104 31.81 -1.73 31.27
N TYR A 2105 32.50 -2.83 31.57
CA TYR A 2105 32.07 -4.16 31.15
C TYR A 2105 30.70 -4.48 31.72
N HIS A 2106 30.52 -4.24 33.02
CA HIS A 2106 29.23 -4.53 33.65
C HIS A 2106 28.11 -3.76 32.95
N VAL A 2107 28.31 -2.46 32.74
CA VAL A 2107 27.31 -1.64 32.02
C VAL A 2107 27.10 -2.17 30.61
N PHE A 2108 28.20 -2.49 29.91
CA PHE A 2108 28.13 -2.99 28.55
C PHE A 2108 27.27 -4.24 28.48
N ARG A 2109 27.52 -5.21 29.37
CA ARG A 2109 26.74 -6.44 29.34
C ARG A 2109 25.29 -6.18 29.67
N ARG A 2110 25.02 -5.27 30.62
CA ARG A 2110 23.63 -4.97 30.95
C ARG A 2110 22.89 -4.39 29.76
N ILE A 2111 23.55 -3.52 28.99
CA ILE A 2111 22.92 -2.96 27.79
C ILE A 2111 22.82 -4.01 26.68
N SER A 2112 23.89 -4.80 26.52
CA SER A 2112 23.93 -5.81 25.47
C SER A 2112 22.80 -6.83 25.62
N LYS A 2113 22.45 -7.18 26.85
CA LYS A 2113 21.34 -8.10 27.04
C LYS A 2113 20.01 -7.47 26.65
N GLN A 2114 19.96 -6.13 26.60
CA GLN A 2114 18.78 -5.39 26.17
C GLN A 2114 19.01 -4.96 24.73
N LEU A 2115 17.93 -4.44 24.10
CA LEU A 2115 17.81 -3.89 22.74
C LEU A 2115 16.95 -4.82 21.88
N PRO A 2116 17.22 -6.14 21.79
CA PRO A 2116 16.33 -6.99 20.98
C PRO A 2116 14.88 -6.95 21.43
N GLN A 2117 14.61 -6.58 22.69
CA GLN A 2117 13.25 -6.55 23.20
C GLN A 2117 12.60 -5.18 23.00
N LEU A 2118 13.35 -4.18 22.54
CA LEU A 2118 12.86 -2.81 22.36
C LEU A 2118 12.36 -2.65 20.92
N THR A 2119 11.19 -3.24 20.66
CA THR A 2119 10.67 -3.34 19.30
C THR A 2119 9.94 -2.09 18.83
N SER A 2120 9.61 -1.16 19.73
CA SER A 2120 8.90 0.05 19.33
C SER A 2120 9.22 1.15 20.33
N LEU A 2121 9.02 2.39 19.90
CA LEU A 2121 9.24 3.57 20.73
C LEU A 2121 7.95 4.35 20.88
N GLU A 2122 7.66 4.77 22.12
CA GLU A 2122 6.53 5.61 22.44
C GLU A 2122 6.97 7.06 22.43
N LEU A 2123 6.31 7.88 21.61
CA LEU A 2123 6.76 9.26 21.39
C LEU A 2123 6.80 10.08 22.67
N GLN A 2124 5.89 9.83 23.62
CA GLN A 2124 5.88 10.64 24.84
C GLN A 2124 7.05 10.34 25.77
N TYR A 2125 7.86 9.31 25.48
CA TYR A 2125 9.04 8.97 26.27
C TYR A 2125 10.34 9.41 25.61
N VAL A 2126 10.29 9.95 24.39
CA VAL A 2126 11.49 10.34 23.65
C VAL A 2126 11.41 11.79 23.18
N SER A 2127 10.24 12.25 22.74
CA SER A 2127 10.07 13.62 22.28
C SER A 2127 8.63 14.08 22.49
N PRO A 2128 8.26 14.42 23.73
CA PRO A 2128 6.92 14.96 23.99
C PRO A 2128 6.57 16.18 23.13
N LYS A 2129 7.57 16.99 22.76
CA LYS A 2129 7.33 18.18 21.97
C LYS A 2129 6.70 17.86 20.62
N LEU A 2130 7.13 16.76 20.00
CA LEU A 2130 6.60 16.39 18.68
C LEU A 2130 5.18 15.84 18.78
N LEU A 2131 4.88 15.11 19.85
CA LEU A 2131 3.54 14.53 20.03
C LEU A 2131 2.46 15.60 20.04
N MET A 2132 2.77 16.77 20.59
CA MET A 2132 1.80 17.86 20.71
C MET A 2132 1.70 18.75 19.47
N CYS A 2133 2.48 18.51 18.42
CA CYS A 2133 2.40 19.37 17.24
C CYS A 2133 1.10 19.17 16.50
N ARG A 2134 0.44 20.28 16.14
CA ARG A 2134 -0.77 20.24 15.34
C ARG A 2134 -0.75 21.42 14.38
N ASP A 2135 -1.21 21.19 13.15
CA ASP A 2135 -1.44 22.22 12.15
C ASP A 2135 -0.22 23.12 11.95
N LEU A 2136 0.90 22.50 11.57
CA LEU A 2136 2.14 23.24 11.43
C LEU A 2136 2.20 23.92 10.07
N GLU A 2137 2.85 25.08 10.04
CA GLU A 2137 3.06 25.83 8.80
C GLU A 2137 4.34 25.37 8.11
N LEU A 2138 4.37 24.09 7.74
CA LEU A 2138 5.58 23.49 7.18
C LEU A 2138 5.17 22.38 6.22
N ALA A 2139 5.72 22.44 5.00
CA ALA A 2139 5.39 21.44 4.00
C ALA A 2139 5.85 20.06 4.44
N VAL A 2140 5.09 19.04 4.03
CA VAL A 2140 5.53 17.66 4.27
C VAL A 2140 6.87 17.45 3.54
N PRO A 2141 7.90 16.92 4.20
CA PRO A 2141 9.22 16.79 3.55
C PRO A 2141 9.18 16.11 2.19
N GLY A 2142 9.83 16.74 1.20
CA GLY A 2142 9.93 16.18 -0.13
C GLY A 2142 8.74 16.36 -1.04
N THR A 2143 7.69 17.05 -0.60
CA THR A 2143 6.46 17.19 -1.39
C THR A 2143 6.30 18.57 -2.01
N TYR A 2144 7.24 19.49 -1.80
CA TYR A 2144 7.08 20.84 -2.31
C TYR A 2144 7.16 20.88 -3.83
N ASP A 2145 6.17 21.52 -4.45
CA ASP A 2145 6.11 21.69 -5.89
C ASP A 2145 5.49 23.07 -6.16
N PRO A 2146 6.27 24.08 -6.62
CA PRO A 2146 5.69 25.43 -6.79
C PRO A 2146 4.88 25.59 -8.07
N ASN A 2147 4.07 24.59 -8.41
CA ASN A 2147 2.82 24.80 -9.12
C ASN A 2147 1.58 24.32 -8.37
N GLN A 2148 1.74 23.55 -7.30
CA GLN A 2148 0.63 22.88 -6.62
C GLN A 2148 0.38 23.50 -5.24
N PRO A 2149 -0.80 23.29 -4.66
CA PRO A 2149 -1.00 23.63 -3.24
C PRO A 2149 -0.02 22.91 -2.34
N ILE A 2150 0.39 23.58 -1.27
CA ILE A 2150 1.33 23.02 -0.32
C ILE A 2150 0.57 22.16 0.69
N ILE A 2151 1.02 20.92 0.84
CA ILE A 2151 0.47 20.00 1.84
C ILE A 2151 1.13 20.29 3.17
N ARG A 2152 0.34 20.63 4.18
CA ARG A 2152 0.87 21.00 5.48
C ARG A 2152 0.96 19.76 6.36
N ILE A 2153 1.89 19.79 7.32
CA ILE A 2153 2.02 18.71 8.30
C ILE A 2153 0.94 18.88 9.37
N GLN A 2154 0.08 17.87 9.51
CA GLN A 2154 -1.01 17.91 10.48
C GLN A 2154 -0.65 17.17 11.77
N SER A 2155 -0.11 15.95 11.68
CA SER A 2155 0.20 15.24 12.90
C SER A 2155 1.26 14.16 12.67
N ILE A 2156 1.84 13.71 13.79
CA ILE A 2156 2.86 12.69 13.85
C ILE A 2156 2.28 11.51 14.62
N ALA A 2157 2.47 10.30 14.09
CA ALA A 2157 1.95 9.10 14.72
C ALA A 2157 2.44 8.99 16.18
N PRO A 2158 1.59 8.47 17.09
CA PRO A 2158 2.01 8.41 18.51
C PRO A 2158 3.19 7.50 18.81
N SER A 2159 3.54 6.55 17.93
CA SER A 2159 4.65 5.65 18.22
C SER A 2159 5.33 5.23 16.93
N LEU A 2160 6.59 4.83 17.06
CA LEU A 2160 7.41 4.38 15.94
C LEU A 2160 7.73 2.90 16.07
N GLN A 2161 7.78 2.22 14.93
CA GLN A 2161 8.11 0.81 14.84
C GLN A 2161 9.58 0.64 14.43
N VAL A 2162 10.36 -0.01 15.28
CA VAL A 2162 11.78 -0.21 15.04
C VAL A 2162 11.96 -1.48 14.23
N ILE A 2163 12.84 -1.41 13.22
CA ILE A 2163 13.18 -2.56 12.37
C ILE A 2163 14.49 -3.14 12.87
N THR A 2164 14.50 -4.45 13.13
CA THR A 2164 15.69 -5.12 13.64
C THR A 2164 16.57 -5.56 12.49
N SER A 2165 17.82 -5.10 12.51
CA SER A 2165 18.82 -5.43 11.49
C SER A 2165 20.18 -5.14 12.10
N LYS A 2166 21.21 -5.04 11.24
CA LYS A 2166 22.52 -4.64 11.75
C LYS A 2166 22.44 -3.22 12.31
N GLN A 2167 21.66 -2.38 11.65
CA GLN A 2167 21.32 -1.03 12.05
C GLN A 2167 19.88 -1.08 12.52
N ARG A 2168 19.39 0.01 13.12
CA ARG A 2168 18.01 0.07 13.61
C ARG A 2168 17.24 1.25 13.01
N PRO A 2169 16.89 1.18 11.72
CA PRO A 2169 15.99 2.19 11.14
C PRO A 2169 14.64 2.11 11.81
N ARG A 2170 13.86 3.19 11.73
CA ARG A 2170 12.49 3.11 12.21
C ARG A 2170 11.54 3.83 11.27
N LYS A 2171 10.31 3.32 11.22
CA LYS A 2171 9.27 3.85 10.35
C LYS A 2171 8.47 4.98 11.01
N LEU A 2172 8.39 6.11 10.33
CA LEU A 2172 7.63 7.28 10.77
C LEU A 2172 6.42 7.40 9.86
N THR A 2173 5.25 7.61 10.45
CA THR A 2173 4.01 7.88 9.72
C THR A 2173 3.59 9.30 10.05
N LEU A 2174 3.27 10.08 9.03
CA LEU A 2174 2.91 11.48 9.16
C LEU A 2174 1.60 11.74 8.43
N MET A 2175 0.68 12.45 9.09
CA MET A 2175 -0.59 12.81 8.49
C MET A 2175 -0.51 14.25 7.99
N GLY A 2176 -0.90 14.43 6.71
CA GLY A 2176 -0.91 15.73 6.08
C GLY A 2176 -2.30 16.36 5.99
N SER A 2177 -2.31 17.60 5.51
CA SER A 2177 -3.55 18.36 5.38
C SER A 2177 -4.49 17.82 4.31
N ASN A 2178 -4.01 16.97 3.40
CA ASN A 2178 -4.87 16.40 2.36
C ASN A 2178 -5.54 15.10 2.79
N GLY A 2179 -5.38 14.69 4.05
CA GLY A 2179 -6.02 13.50 4.55
C GLY A 2179 -5.28 12.21 4.26
N HIS A 2180 -4.14 12.28 3.57
CA HIS A 2180 -3.34 11.13 3.22
C HIS A 2180 -2.20 10.97 4.21
N GLU A 2181 -1.77 9.73 4.40
CA GLU A 2181 -0.62 9.43 5.25
C GLU A 2181 0.62 9.24 4.39
N PHE A 2182 1.77 9.63 4.95
CA PHE A 2182 3.07 9.47 4.32
C PHE A 2182 3.90 8.61 5.27
N VAL A 2183 4.75 7.76 4.69
CA VAL A 2183 5.61 6.87 5.47
C VAL A 2183 7.05 7.12 5.05
N PHE A 2184 7.92 7.29 6.03
CA PHE A 2184 9.34 7.52 5.82
C PHE A 2184 10.13 6.57 6.70
N LEU A 2185 11.36 6.26 6.28
CA LEU A 2185 12.30 5.56 7.12
C LEU A 2185 13.29 6.58 7.68
N LEU A 2186 13.45 6.60 8.99
CA LEU A 2186 14.37 7.48 9.67
C LEU A 2186 15.57 6.64 10.09
N LYS A 2187 16.76 7.05 9.69
CA LYS A 2187 17.94 6.28 10.07
C LYS A 2187 19.16 7.19 10.21
N GLY A 2188 20.06 6.77 11.10
CA GLY A 2188 21.32 7.44 11.32
C GLY A 2188 22.51 6.58 10.94
N HIS A 2189 23.71 7.04 11.27
CA HIS A 2189 24.96 6.33 10.97
C HIS A 2189 25.18 6.18 9.46
N GLU A 2190 24.71 7.13 8.66
CA GLU A 2190 24.93 7.06 7.22
C GLU A 2190 24.83 8.44 6.61
N ASP A 2191 25.79 8.78 5.74
CA ASP A 2191 25.81 10.06 5.03
C ASP A 2191 24.97 9.91 3.77
N LEU A 2192 23.81 10.57 3.74
CA LEU A 2192 22.83 10.44 2.66
C LEU A 2192 23.00 11.49 1.56
N ARG A 2193 24.01 12.36 1.63
CA ARG A 2193 24.14 13.43 0.66
C ARG A 2193 24.47 12.94 -0.76
N GLN A 2194 25.04 11.74 -0.88
CA GLN A 2194 25.39 11.19 -2.19
C GLN A 2194 24.15 10.66 -2.93
N ASP A 2195 23.23 10.02 -2.19
CA ASP A 2195 22.03 9.47 -2.82
C ASP A 2195 21.21 10.57 -3.47
N GLU A 2196 21.15 11.75 -2.85
CA GLU A 2196 20.39 12.85 -3.43
C GLU A 2196 20.89 13.18 -4.83
N ARG A 2197 22.22 13.30 -4.98
CA ARG A 2197 22.80 13.63 -6.28
C ARG A 2197 22.51 12.52 -7.28
N VAL A 2198 22.56 11.27 -6.82
CA VAL A 2198 22.29 10.16 -7.73
C VAL A 2198 20.86 10.25 -8.23
N MET A 2199 19.91 10.55 -7.33
CA MET A 2199 18.52 10.67 -7.74
C MET A 2199 18.36 11.78 -8.77
N GLN A 2200 19.11 12.88 -8.61
CA GLN A 2200 19.03 13.96 -9.59
C GLN A 2200 19.47 13.48 -10.96
N LEU A 2201 20.57 12.70 -11.00
CA LEU A 2201 21.03 12.14 -12.26
C LEU A 2201 19.96 11.25 -12.88
N PHE A 2202 19.35 10.40 -12.07
CA PHE A 2202 18.32 9.50 -12.59
C PHE A 2202 17.17 10.30 -13.19
N GLY A 2203 16.80 11.41 -12.54
CA GLY A 2203 15.77 12.28 -13.09
C GLY A 2203 16.11 12.72 -14.49
N LEU A 2204 17.34 13.23 -14.67
CA LEU A 2204 17.79 13.65 -15.99
C LEU A 2204 17.67 12.52 -17.00
N VAL A 2205 18.14 11.32 -16.62
CA VAL A 2205 18.12 10.20 -17.55
C VAL A 2205 16.70 9.86 -17.95
N ASN A 2206 15.76 9.86 -16.99
CA ASN A 2206 14.37 9.59 -17.32
C ASN A 2206 13.83 10.60 -18.32
N THR A 2207 14.23 11.87 -18.17
CA THR A 2207 13.78 12.88 -19.14
C THR A 2207 14.32 12.56 -20.53
N LEU A 2208 15.61 12.22 -20.60
CA LEU A 2208 16.23 11.93 -21.89
C LEU A 2208 15.56 10.74 -22.57
N LEU A 2209 15.21 9.72 -21.78
CA LEU A 2209 14.55 8.55 -22.37
C LEU A 2209 13.15 8.93 -22.84
N ALA A 2210 12.42 9.72 -22.05
CA ALA A 2210 11.06 10.10 -22.41
C ALA A 2210 11.03 10.85 -23.73
N ASN A 2211 12.06 11.67 -23.99
CA ASN A 2211 12.07 12.45 -25.23
C ASN A 2211 12.30 11.61 -26.49
N ASP A 2212 12.85 10.40 -26.37
CA ASP A 2212 13.13 9.56 -27.54
C ASP A 2212 11.92 8.72 -27.89
N PRO A 2213 11.34 8.85 -29.10
CA PRO A 2213 10.08 8.13 -29.40
C PRO A 2213 10.20 6.61 -29.33
N THR A 2214 11.39 6.05 -29.53
CA THR A 2214 11.55 4.60 -29.46
C THR A 2214 11.51 4.18 -28.01
N SER A 2215 12.31 4.83 -27.17
CA SER A 2215 12.31 4.52 -25.75
C SER A 2215 10.92 4.81 -25.18
N LEU A 2216 10.27 5.85 -25.70
CA LEU A 2216 8.94 6.25 -25.24
C LEU A 2216 7.94 5.12 -25.48
N ARG A 2217 7.89 4.59 -26.71
CA ARG A 2217 6.96 3.50 -26.99
C ARG A 2217 7.21 2.28 -26.11
N LYS A 2218 8.45 2.05 -25.69
CA LYS A 2218 8.79 0.90 -24.85
C LYS A 2218 8.56 1.16 -23.37
N ASN A 2219 8.19 2.39 -22.98
CA ASN A 2219 7.97 2.76 -21.58
C ASN A 2219 9.18 2.50 -20.68
N LEU A 2220 10.36 2.89 -21.15
CA LEU A 2220 11.58 2.72 -20.38
C LEU A 2220 11.70 3.84 -19.34
N SER A 2221 12.06 3.48 -18.11
CA SER A 2221 12.24 4.48 -17.07
C SER A 2221 13.00 3.88 -15.89
N ILE A 2222 13.47 4.75 -14.99
CA ILE A 2222 14.14 4.38 -13.75
C ILE A 2222 13.25 4.74 -12.57
N GLN A 2223 13.05 3.77 -11.67
CA GLN A 2223 12.25 3.99 -10.46
C GLN A 2223 13.05 4.81 -9.45
N ARG A 2224 12.46 5.89 -8.93
CA ARG A 2224 13.13 6.79 -7.98
C ARG A 2224 12.39 6.81 -6.65
N TYR A 2225 13.05 7.42 -5.65
CA TYR A 2225 12.47 7.65 -4.32
C TYR A 2225 13.10 8.90 -3.71
N ALA A 2226 12.47 9.41 -2.65
CA ALA A 2226 12.93 10.63 -1.99
C ALA A 2226 14.03 10.38 -0.97
N VAL A 2227 15.00 11.30 -0.93
CA VAL A 2227 16.11 11.32 0.04
C VAL A 2227 16.16 12.71 0.67
N ILE A 2228 16.05 12.79 1.99
CA ILE A 2228 16.07 14.08 2.69
C ILE A 2228 17.05 14.07 3.86
N PRO A 2229 18.29 14.50 3.67
CA PRO A 2229 19.26 14.56 4.77
C PRO A 2229 18.82 15.50 5.90
N LEU A 2230 19.14 15.13 7.15
CA LEU A 2230 18.87 15.99 8.30
C LEU A 2230 20.15 16.47 8.98
N SER A 2231 21.20 15.67 8.95
CA SER A 2231 22.48 16.01 9.56
C SER A 2231 23.54 15.24 8.80
N THR A 2232 24.80 15.47 9.18
CA THR A 2232 25.91 14.75 8.58
C THR A 2232 25.73 13.23 8.60
N ASN A 2233 25.07 12.68 9.63
CA ASN A 2233 24.96 11.22 9.77
C ASN A 2233 23.52 10.70 9.92
N SER A 2234 22.51 11.41 9.45
CA SER A 2234 21.15 10.87 9.56
C SER A 2234 20.20 11.57 8.60
N GLY A 2235 19.08 10.91 8.35
CA GLY A 2235 18.04 11.53 7.55
C GLY A 2235 16.90 10.58 7.25
N LEU A 2236 16.03 11.04 6.36
CA LEU A 2236 14.83 10.32 5.94
C LEU A 2236 14.96 9.78 4.52
N ILE A 2237 14.47 8.56 4.33
CA ILE A 2237 14.33 7.94 3.02
C ILE A 2237 12.85 7.66 2.80
N GLY A 2238 12.34 8.01 1.61
CA GLY A 2238 10.93 7.76 1.35
C GLY A 2238 10.62 6.28 1.33
N TRP A 2239 9.41 5.94 1.78
CA TRP A 2239 8.93 4.56 1.76
C TRP A 2239 8.42 4.21 0.38
N VAL A 2240 8.88 3.07 -0.14
CA VAL A 2240 8.47 2.57 -1.45
C VAL A 2240 7.28 1.63 -1.28
N PRO A 2241 6.16 1.78 -2.06
CA PRO A 2241 5.05 0.82 -1.97
C PRO A 2241 5.48 -0.63 -2.16
N HIS A 2242 4.55 -1.55 -1.87
CA HIS A 2242 4.77 -3.00 -1.82
C HIS A 2242 5.76 -3.56 -2.82
N CYS A 2243 6.91 -4.01 -2.29
CA CYS A 2243 7.98 -4.61 -3.07
C CYS A 2243 8.71 -5.57 -2.14
N ASP A 2244 9.53 -6.44 -2.71
CA ASP A 2244 10.24 -7.45 -1.92
C ASP A 2244 11.71 -7.53 -2.30
N THR A 2245 12.51 -7.92 -1.32
CA THR A 2245 13.93 -8.17 -1.51
C THR A 2245 14.14 -9.54 -2.15
N LEU A 2246 14.96 -9.59 -3.20
CA LEU A 2246 15.24 -10.84 -3.90
C LEU A 2246 15.66 -11.95 -2.94
N HIS A 2247 16.51 -11.61 -1.96
CA HIS A 2247 16.98 -12.57 -0.97
C HIS A 2247 15.80 -13.22 -0.26
N ALA A 2248 14.88 -12.40 0.26
CA ALA A 2248 13.75 -12.93 1.00
C ALA A 2248 12.90 -13.83 0.11
N LEU A 2249 12.71 -13.45 -1.15
CA LEU A 2249 11.88 -14.26 -2.03
C LEU A 2249 12.49 -15.64 -2.24
N ILE A 2250 13.81 -15.70 -2.43
CA ILE A 2250 14.46 -16.99 -2.64
C ILE A 2250 14.41 -17.81 -1.35
N ARG A 2251 14.71 -17.17 -0.22
CA ARG A 2251 14.70 -17.87 1.07
C ARG A 2251 13.32 -18.50 1.31
N ASP A 2252 12.27 -17.70 1.18
CA ASP A 2252 10.92 -18.19 1.45
C ASP A 2252 10.55 -19.31 0.50
N TYR A 2253 10.93 -19.17 -0.78
CA TYR A 2253 10.66 -20.23 -1.75
C TYR A 2253 11.30 -21.54 -1.33
N ARG A 2254 12.60 -21.50 -1.02
CA ARG A 2254 13.31 -22.73 -0.67
C ARG A 2254 12.76 -23.34 0.61
N GLU A 2255 12.36 -22.50 1.57
CA GLU A 2255 11.79 -23.05 2.80
C GLU A 2255 10.45 -23.73 2.52
N LYS A 2256 9.62 -23.12 1.67
CA LYS A 2256 8.32 -23.73 1.35
C LYS A 2256 8.50 -25.09 0.69
N LYS A 2257 9.49 -25.22 -0.19
CA LYS A 2257 9.75 -26.46 -0.92
C LYS A 2257 10.72 -27.39 -0.20
N LYS A 2258 11.11 -27.06 1.03
CA LYS A 2258 12.01 -27.90 1.82
C LYS A 2258 13.36 -28.10 1.13
N ILE A 2259 13.91 -27.04 0.54
CA ILE A 2259 15.20 -27.08 -0.13
C ILE A 2259 16.21 -26.38 0.77
N LEU A 2260 17.30 -27.08 1.09
CA LEU A 2260 18.34 -26.54 1.95
C LEU A 2260 18.97 -25.31 1.31
N LEU A 2261 19.04 -24.21 2.08
CA LEU A 2261 19.51 -22.93 1.56
C LEU A 2261 20.98 -22.93 1.15
N ASN A 2262 21.81 -23.80 1.71
CA ASN A 2262 23.26 -23.80 1.49
C ASN A 2262 23.76 -24.95 0.62
N ILE A 2263 22.91 -25.50 -0.25
CA ILE A 2263 23.32 -26.66 -1.07
C ILE A 2263 24.57 -26.36 -1.89
N GLU A 2264 24.60 -25.25 -2.62
CA GLU A 2264 25.77 -24.97 -3.46
C GLU A 2264 27.03 -24.84 -2.62
N HIS A 2265 26.91 -24.22 -1.45
CA HIS A 2265 28.06 -23.99 -0.59
C HIS A 2265 28.53 -25.30 0.01
N ARG A 2266 27.59 -26.09 0.54
CA ARG A 2266 27.95 -27.35 1.15
C ARG A 2266 28.59 -28.28 0.13
N ILE A 2267 28.08 -28.29 -1.10
CA ILE A 2267 28.65 -29.15 -2.13
C ILE A 2267 30.10 -28.74 -2.40
N MET A 2268 30.33 -27.42 -2.52
CA MET A 2268 31.70 -26.97 -2.76
C MET A 2268 32.62 -27.33 -1.61
N LEU A 2269 32.12 -27.22 -0.37
CA LEU A 2269 32.97 -27.56 0.77
C LEU A 2269 33.22 -29.06 0.85
N ARG A 2270 32.23 -29.88 0.49
CA ARG A 2270 32.41 -31.32 0.52
C ARG A 2270 33.48 -31.75 -0.47
N MET A 2271 33.49 -31.16 -1.65
CA MET A 2271 34.56 -31.49 -2.60
C MET A 2271 35.89 -30.91 -2.16
N ALA A 2272 35.88 -29.71 -1.58
CA ALA A 2272 37.11 -29.00 -1.21
C ALA A 2272 36.91 -28.25 0.10
N PRO A 2273 37.11 -28.93 1.25
CA PRO A 2273 36.97 -28.25 2.56
C PRO A 2273 37.84 -27.00 2.68
N ASP A 2274 38.93 -26.93 1.92
CA ASP A 2274 39.86 -25.80 1.89
C ASP A 2274 39.63 -24.94 0.66
N TYR A 2275 38.37 -24.88 0.21
CA TYR A 2275 37.96 -24.15 -1.00
C TYR A 2275 38.57 -22.75 -1.08
N ASP A 2276 38.47 -21.98 -0.01
CA ASP A 2276 39.06 -20.63 0.00
C ASP A 2276 40.53 -20.65 0.40
N HIS A 2277 41.31 -21.56 -0.18
CA HIS A 2277 42.71 -21.32 -0.49
C HIS A 2277 43.11 -21.86 -1.87
N LEU A 2278 42.16 -22.36 -2.65
CA LEU A 2278 42.46 -23.04 -3.89
C LEU A 2278 43.03 -22.13 -4.97
N THR A 2279 43.91 -22.70 -5.78
CA THR A 2279 44.37 -22.06 -7.00
C THR A 2279 43.17 -21.87 -7.92
N LEU A 2280 43.13 -20.71 -8.59
CA LEU A 2280 42.01 -20.35 -9.47
C LEU A 2280 41.49 -21.48 -10.35
N MET A 2281 42.37 -22.24 -11.01
CA MET A 2281 41.88 -23.30 -11.90
C MET A 2281 41.13 -24.37 -11.10
N GLN A 2282 41.58 -24.63 -9.87
CA GLN A 2282 40.89 -25.62 -9.05
C GLN A 2282 39.55 -25.07 -8.60
N LYS A 2283 39.51 -23.79 -8.26
CA LYS A 2283 38.28 -23.17 -7.81
C LYS A 2283 37.26 -23.20 -8.93
N VAL A 2284 37.73 -22.92 -10.16
CA VAL A 2284 36.84 -22.95 -11.33
C VAL A 2284 36.25 -24.34 -11.51
N GLU A 2285 37.09 -25.38 -11.40
CA GLU A 2285 36.55 -26.74 -11.56
C GLU A 2285 35.50 -27.06 -10.51
N VAL A 2286 35.75 -26.64 -9.26
CA VAL A 2286 34.80 -26.91 -8.19
C VAL A 2286 33.51 -26.13 -8.43
N PHE A 2287 33.65 -24.86 -8.80
CA PHE A 2287 32.51 -24.00 -9.05
C PHE A 2287 31.62 -24.58 -10.14
N GLU A 2288 32.22 -24.89 -11.30
CA GLU A 2288 31.43 -25.38 -12.42
C GLU A 2288 30.74 -26.69 -12.07
N HIS A 2289 31.43 -27.59 -11.35
CA HIS A 2289 30.78 -28.85 -10.97
C HIS A 2289 29.55 -28.56 -10.11
N ALA A 2290 29.73 -27.75 -9.05
CA ALA A 2290 28.63 -27.46 -8.15
C ALA A 2290 27.47 -26.80 -8.90
N VAL A 2291 27.79 -25.91 -9.84
CA VAL A 2291 26.75 -25.27 -10.63
C VAL A 2291 26.00 -26.33 -11.43
N ASN A 2292 26.74 -27.29 -11.98
CA ASN A 2292 26.12 -28.33 -12.81
C ASN A 2292 25.33 -29.34 -12.00
N ASN A 2293 25.38 -29.29 -10.67
CA ASN A 2293 24.64 -30.22 -9.84
C ASN A 2293 23.27 -29.73 -9.39
N THR A 2294 22.81 -28.54 -9.81
CA THR A 2294 21.52 -28.05 -9.34
C THR A 2294 20.81 -27.22 -10.41
N ALA A 2295 19.48 -27.34 -10.39
CA ALA A 2295 18.56 -26.63 -11.30
C ALA A 2295 18.24 -25.24 -10.78
N GLY A 2296 19.20 -24.34 -10.92
CA GLY A 2296 19.08 -22.99 -10.41
C GLY A 2296 18.12 -22.11 -11.18
N ASP A 2297 16.81 -22.35 -11.06
CA ASP A 2297 15.77 -21.58 -11.75
C ASP A 2297 14.60 -21.21 -10.84
N ASP A 2298 14.87 -21.03 -9.55
CA ASP A 2298 13.82 -20.73 -8.56
C ASP A 2298 13.03 -19.47 -8.92
N LEU A 2299 13.72 -18.44 -9.43
CA LEU A 2299 13.05 -17.17 -9.73
C LEU A 2299 11.98 -17.33 -10.81
N ALA A 2300 12.26 -18.09 -11.87
CA ALA A 2300 11.27 -18.26 -12.93
C ALA A 2300 10.00 -18.89 -12.39
N LYS A 2301 10.16 -19.85 -11.48
CA LYS A 2301 8.99 -20.51 -10.92
C LYS A 2301 8.23 -19.55 -10.04
N LEU A 2302 8.93 -18.74 -9.24
CA LEU A 2302 8.20 -17.78 -8.41
C LEU A 2302 7.42 -16.80 -9.28
N LEU A 2303 8.02 -16.36 -10.38
CA LEU A 2303 7.34 -15.38 -11.23
C LEU A 2303 6.06 -15.97 -11.81
N TRP A 2304 6.10 -17.24 -12.23
CA TRP A 2304 4.88 -17.85 -12.75
C TRP A 2304 3.85 -18.12 -11.64
N LEU A 2305 4.28 -18.70 -10.53
CA LEU A 2305 3.37 -19.11 -9.47
C LEU A 2305 2.58 -17.94 -8.87
N LYS A 2306 3.18 -16.76 -8.79
CA LYS A 2306 2.54 -15.60 -8.17
C LYS A 2306 1.67 -14.80 -9.13
N SER A 2307 1.60 -15.17 -10.41
CA SER A 2307 0.80 -14.40 -11.37
C SER A 2307 -0.63 -14.92 -11.43
N PRO A 2308 -1.65 -14.05 -11.43
CA PRO A 2308 -3.04 -14.55 -11.47
C PRO A 2308 -3.46 -15.13 -12.81
N SER A 2309 -2.72 -14.87 -13.88
CA SER A 2309 -3.10 -15.34 -15.21
C SER A 2309 -1.88 -15.28 -16.12
N SER A 2310 -1.98 -15.96 -17.25
CA SER A 2310 -0.91 -15.94 -18.25
C SER A 2310 -0.65 -14.54 -18.80
N GLU A 2311 -1.70 -13.75 -19.02
CA GLU A 2311 -1.50 -12.41 -19.59
C GLU A 2311 -0.70 -11.52 -18.64
N VAL A 2312 -1.01 -11.59 -17.35
CA VAL A 2312 -0.30 -10.78 -16.38
C VAL A 2312 1.15 -11.27 -16.29
N TRP A 2313 1.34 -12.58 -16.27
CA TRP A 2313 2.69 -13.14 -16.23
C TRP A 2313 3.54 -12.63 -17.39
N PHE A 2314 2.96 -12.66 -18.59
CA PHE A 2314 3.67 -12.21 -19.79
C PHE A 2314 4.12 -10.75 -19.64
N ASP A 2315 3.18 -9.88 -19.25
CA ASP A 2315 3.55 -8.47 -19.11
C ASP A 2315 4.60 -8.27 -18.02
N ARG A 2316 4.49 -9.02 -16.92
CA ARG A 2316 5.44 -8.90 -15.83
C ARG A 2316 6.85 -9.25 -16.29
N ARG A 2317 6.97 -10.37 -17.03
CA ARG A 2317 8.28 -10.80 -17.50
C ARG A 2317 8.88 -9.76 -18.44
N THR A 2318 8.06 -9.17 -19.31
CA THR A 2318 8.56 -8.16 -20.23
C THR A 2318 9.13 -6.96 -19.47
N ASN A 2319 8.37 -6.47 -18.48
CA ASN A 2319 8.84 -5.31 -17.72
C ASN A 2319 10.12 -5.64 -16.97
N TYR A 2320 10.20 -6.86 -16.41
CA TYR A 2320 11.40 -7.30 -15.71
C TYR A 2320 12.63 -7.21 -16.60
N THR A 2321 12.54 -7.79 -17.80
CA THR A 2321 13.70 -7.83 -18.69
C THR A 2321 14.15 -6.42 -19.07
N ARG A 2322 13.18 -5.56 -19.44
CA ARG A 2322 13.59 -4.23 -19.88
C ARG A 2322 14.20 -3.44 -18.72
N SER A 2323 13.64 -3.60 -17.52
CA SER A 2323 14.16 -2.88 -16.36
C SER A 2323 15.61 -3.26 -16.09
N LEU A 2324 15.92 -4.56 -16.16
CA LEU A 2324 17.31 -4.97 -15.97
C LEU A 2324 18.22 -4.36 -17.02
N ALA A 2325 17.81 -4.37 -18.29
CA ALA A 2325 18.71 -3.85 -19.31
C ALA A 2325 19.03 -2.38 -19.08
N VAL A 2326 18.02 -1.59 -18.69
CA VAL A 2326 18.23 -0.17 -18.48
C VAL A 2326 19.18 0.07 -17.31
N MET A 2327 18.94 -0.60 -16.18
CA MET A 2327 19.83 -0.35 -15.06
C MET A 2327 21.22 -0.91 -15.31
N SER A 2328 21.35 -1.97 -16.12
CA SER A 2328 22.68 -2.49 -16.41
C SER A 2328 23.53 -1.44 -17.11
N MET A 2329 22.93 -0.76 -18.10
CA MET A 2329 23.74 0.22 -18.84
C MET A 2329 23.98 1.48 -18.02
N VAL A 2330 22.97 1.94 -17.28
CA VAL A 2330 23.18 3.16 -16.50
C VAL A 2330 24.19 2.89 -15.39
N GLY A 2331 24.07 1.76 -14.69
CA GLY A 2331 25.02 1.44 -13.65
C GLY A 2331 26.43 1.34 -14.19
N TYR A 2332 26.58 0.75 -15.39
CA TYR A 2332 27.92 0.67 -15.98
C TYR A 2332 28.51 2.05 -16.19
N ILE A 2333 27.75 2.97 -16.80
CA ILE A 2333 28.30 4.30 -17.07
C ILE A 2333 28.61 5.02 -15.76
N LEU A 2334 27.72 4.91 -14.76
CA LEU A 2334 27.96 5.53 -13.47
C LEU A 2334 29.19 4.96 -12.79
N GLY A 2335 29.35 3.64 -12.85
CA GLY A 2335 30.40 2.95 -12.14
C GLY A 2335 29.92 2.39 -10.83
N LEU A 2336 28.63 2.09 -10.73
CA LEU A 2336 28.03 1.58 -9.50
C LEU A 2336 28.71 0.30 -9.04
N GLY A 2337 29.08 0.27 -7.77
CA GLY A 2337 29.83 -0.84 -7.23
C GLY A 2337 29.02 -2.03 -6.77
N ASP A 2338 29.35 -2.53 -5.57
CA ASP A 2338 28.92 -3.84 -5.13
C ASP A 2338 27.41 -4.00 -5.12
N ARG A 2339 26.95 -5.17 -5.58
CA ARG A 2339 25.54 -5.51 -5.62
C ARG A 2339 25.32 -6.97 -5.24
N HIS A 2340 24.39 -7.20 -4.33
CA HIS A 2340 24.00 -8.51 -3.83
C HIS A 2340 22.49 -8.51 -3.60
N PRO A 2341 21.89 -9.70 -3.46
CA PRO A 2341 20.41 -9.80 -3.36
C PRO A 2341 19.72 -8.82 -2.43
N SER A 2342 20.34 -8.42 -1.32
CA SER A 2342 19.69 -7.45 -0.43
C SER A 2342 19.44 -6.13 -1.16
N ASN A 2343 20.39 -5.69 -1.98
CA ASN A 2343 20.29 -4.40 -2.64
C ASN A 2343 19.21 -4.36 -3.72
N LEU A 2344 18.90 -5.49 -4.35
CA LEU A 2344 17.89 -5.49 -5.42
C LEU A 2344 16.51 -5.75 -4.83
N MET A 2345 15.53 -4.97 -5.30
CA MET A 2345 14.13 -5.11 -4.92
C MET A 2345 13.29 -5.34 -6.18
N LEU A 2346 12.18 -6.05 -6.03
CA LEU A 2346 11.24 -6.28 -7.13
C LEU A 2346 9.85 -5.81 -6.73
N ASP A 2347 9.16 -5.18 -7.69
CA ASP A 2347 7.79 -4.71 -7.51
C ASP A 2347 6.81 -5.87 -7.73
N ARG A 2348 6.00 -6.15 -6.71
CA ARG A 2348 5.05 -7.25 -6.78
C ARG A 2348 4.01 -7.09 -7.89
N LEU A 2349 3.71 -5.85 -8.31
CA LEU A 2349 2.66 -5.63 -9.29
C LEU A 2349 3.15 -5.41 -10.72
N SER A 2350 4.12 -4.51 -10.93
CA SER A 2350 4.60 -4.22 -12.28
C SER A 2350 5.71 -5.15 -12.74
N GLY A 2351 6.43 -5.79 -11.83
CA GLY A 2351 7.58 -6.60 -12.19
C GLY A 2351 8.88 -5.86 -12.38
N LYS A 2352 8.90 -4.54 -12.19
CA LYS A 2352 10.11 -3.75 -12.35
C LYS A 2352 10.98 -3.91 -11.12
N ILE A 2353 12.25 -3.51 -11.22
CA ILE A 2353 13.19 -3.64 -10.11
C ILE A 2353 13.69 -2.27 -9.64
N LEU A 2354 14.29 -2.27 -8.45
CA LEU A 2354 14.80 -1.07 -7.80
C LEU A 2354 16.12 -1.34 -7.10
N HIS A 2355 17.09 -0.42 -7.26
CA HIS A 2355 18.38 -0.49 -6.59
C HIS A 2355 18.37 0.48 -5.41
N ILE A 2356 18.72 0.00 -4.20
CA ILE A 2356 18.61 0.83 -3.00
C ILE A 2356 19.92 1.09 -2.23
N ASP A 2357 21.07 1.13 -2.88
CA ASP A 2357 22.29 1.47 -2.12
C ASP A 2357 23.34 2.00 -3.09
N PHE A 2358 23.67 3.29 -2.99
CA PHE A 2358 24.57 3.95 -3.93
C PHE A 2358 25.87 4.40 -3.27
N GLY A 2359 26.32 3.71 -2.22
CA GLY A 2359 27.59 4.07 -1.58
C GLY A 2359 28.76 4.04 -2.55
N ASP A 2360 28.97 2.90 -3.23
CA ASP A 2360 30.09 2.75 -4.16
C ASP A 2360 29.71 3.38 -5.50
N CYS A 2361 29.71 4.71 -5.51
CA CYS A 2361 29.30 5.48 -6.69
C CYS A 2361 30.14 5.12 -7.92
N PHE A 2362 31.45 5.06 -7.76
CA PHE A 2362 32.42 4.85 -8.83
C PHE A 2362 33.13 3.52 -8.63
N GLU A 2363 34.07 3.22 -9.52
CA GLU A 2363 34.80 1.95 -9.57
C GLU A 2363 35.70 1.61 -8.37
N VAL A 2364 35.52 2.27 -7.22
CA VAL A 2364 36.35 1.99 -6.06
C VAL A 2364 36.16 0.55 -5.59
N ALA A 2365 35.00 -0.05 -5.88
CA ALA A 2365 34.77 -1.44 -5.53
C ALA A 2365 35.78 -2.37 -6.20
N MET A 2366 36.32 -1.96 -7.36
CA MET A 2366 37.24 -2.80 -8.11
C MET A 2366 38.70 -2.57 -7.74
N THR A 2367 38.97 -1.67 -6.79
CA THR A 2367 40.32 -1.33 -6.35
C THR A 2367 40.56 -1.77 -4.91
N ARG A 2368 39.54 -2.29 -4.24
CA ARG A 2368 39.64 -2.69 -2.84
C ARG A 2368 40.72 -3.75 -2.64
N GLU A 2369 41.53 -3.55 -1.61
CA GLU A 2369 42.63 -4.48 -1.32
C GLU A 2369 42.13 -5.88 -1.02
N LYS A 2370 40.98 -5.98 -0.36
CA LYS A 2370 40.39 -7.27 0.02
C LYS A 2370 39.21 -7.58 -0.90
N PHE A 2371 39.28 -8.72 -1.56
CA PHE A 2371 38.24 -9.20 -2.48
C PHE A 2371 37.79 -8.12 -3.47
N PRO A 2372 38.69 -7.63 -4.34
CA PRO A 2372 38.28 -6.63 -5.32
C PRO A 2372 37.27 -7.20 -6.30
N GLU A 2373 36.36 -6.34 -6.76
CA GLU A 2373 35.36 -6.76 -7.72
C GLU A 2373 35.92 -6.70 -9.14
N LYS A 2374 35.39 -7.57 -10.02
CA LYS A 2374 35.79 -7.60 -11.42
C LYS A 2374 34.65 -7.41 -12.42
N ILE A 2375 33.41 -7.34 -11.98
CA ILE A 2375 32.24 -7.67 -12.79
C ILE A 2375 31.45 -6.37 -13.02
N PRO A 2376 31.27 -5.91 -14.26
CA PRO A 2376 30.63 -4.59 -14.46
C PRO A 2376 29.19 -4.51 -13.96
N PHE A 2377 28.47 -5.63 -13.84
CA PHE A 2377 27.12 -5.62 -13.31
C PHE A 2377 26.68 -7.05 -13.01
N ARG A 2378 25.73 -7.17 -12.08
CA ARG A 2378 25.28 -8.46 -11.54
C ARG A 2378 24.28 -9.18 -12.47
N LEU A 2379 24.84 -9.74 -13.54
CA LEU A 2379 24.10 -10.58 -14.48
C LEU A 2379 24.54 -12.01 -14.20
N THR A 2380 23.63 -12.86 -13.69
CA THR A 2380 24.02 -14.21 -13.26
C THR A 2380 22.98 -15.23 -13.73
N ARG A 2381 23.19 -16.48 -13.31
CA ARG A 2381 22.36 -17.60 -13.74
C ARG A 2381 20.90 -17.41 -13.37
N MET A 2382 20.64 -17.15 -12.08
CA MET A 2382 19.27 -17.02 -11.60
C MET A 2382 18.52 -15.92 -12.32
N LEU A 2383 19.23 -14.86 -12.74
CA LEU A 2383 18.59 -13.75 -13.41
C LEU A 2383 18.43 -14.08 -14.89
N THR A 2384 19.46 -14.67 -15.50
CA THR A 2384 19.41 -14.94 -16.93
C THR A 2384 18.31 -15.92 -17.28
N ASN A 2385 18.15 -16.98 -16.47
CA ASN A 2385 17.15 -17.99 -16.82
C ASN A 2385 15.73 -17.62 -16.40
N ALA A 2386 15.51 -16.41 -15.89
CA ALA A 2386 14.18 -15.90 -15.61
C ALA A 2386 13.63 -15.08 -16.77
N MET A 2387 14.45 -14.88 -17.81
CA MET A 2387 14.13 -14.14 -19.01
C MET A 2387 13.48 -15.10 -20.00
N GLU A 2388 13.14 -14.58 -21.18
CA GLU A 2388 12.55 -15.43 -22.22
C GLU A 2388 13.45 -16.62 -22.50
N VAL A 2389 12.80 -17.71 -22.95
CA VAL A 2389 13.45 -19.00 -23.17
C VAL A 2389 14.71 -18.87 -24.02
N THR A 2390 14.70 -17.97 -25.01
CA THR A 2390 15.85 -17.77 -25.88
C THR A 2390 17.14 -17.49 -25.13
N GLY A 2391 17.08 -16.71 -24.05
CA GLY A 2391 18.27 -16.27 -23.35
C GLY A 2391 18.49 -14.78 -23.48
N LEU A 2392 19.76 -14.37 -23.36
CA LEU A 2392 20.10 -12.95 -23.35
C LEU A 2392 19.76 -12.29 -24.67
N ASP A 2393 19.93 -13.00 -25.78
CA ASP A 2393 19.58 -12.47 -27.09
C ASP A 2393 18.09 -12.16 -27.12
N GLY A 2394 17.71 -11.11 -27.86
CA GLY A 2394 16.34 -10.65 -27.83
C GLY A 2394 16.17 -9.37 -27.05
N ASN A 2395 15.12 -9.27 -26.23
CA ASN A 2395 14.73 -8.00 -25.61
C ASN A 2395 15.88 -7.35 -24.83
N TYR A 2396 16.65 -8.15 -24.11
CA TYR A 2396 17.71 -7.59 -23.27
C TYR A 2396 18.79 -6.90 -24.10
N ARG A 2397 19.38 -7.61 -25.05
CA ARG A 2397 20.43 -7.03 -25.89
C ARG A 2397 19.93 -5.80 -26.65
N ILE A 2398 18.75 -5.88 -27.24
CA ILE A 2398 18.23 -4.76 -28.03
C ILE A 2398 18.00 -3.55 -27.12
N THR A 2399 17.42 -3.78 -25.93
CA THR A 2399 17.20 -2.67 -25.02
C THR A 2399 18.54 -2.03 -24.66
N CYS A 2400 19.56 -2.86 -24.41
CA CYS A 2400 20.87 -2.30 -24.07
C CYS A 2400 21.40 -1.44 -25.21
N HIS A 2401 21.14 -1.86 -26.47
CA HIS A 2401 21.60 -1.06 -27.60
C HIS A 2401 20.89 0.29 -27.63
N THR A 2402 19.58 0.29 -27.41
CA THR A 2402 18.81 1.53 -27.48
C THR A 2402 19.28 2.51 -26.40
N VAL A 2403 19.43 1.99 -25.18
CA VAL A 2403 19.83 2.85 -24.06
C VAL A 2403 21.23 3.39 -24.31
N MET A 2404 22.14 2.54 -24.76
CA MET A 2404 23.50 3.02 -24.98
C MET A 2404 23.53 4.09 -26.06
N GLU A 2405 22.73 3.93 -27.13
CA GLU A 2405 22.72 4.94 -28.17
C GLU A 2405 22.23 6.27 -27.63
N VAL A 2406 21.20 6.25 -26.78
CA VAL A 2406 20.70 7.49 -26.21
C VAL A 2406 21.76 8.14 -25.34
N LEU A 2407 22.44 7.34 -24.52
CA LEU A 2407 23.49 7.89 -23.65
C LEU A 2407 24.64 8.45 -24.47
N ARG A 2408 24.96 7.82 -25.60
CA ARG A 2408 26.06 8.26 -26.45
C ARG A 2408 25.72 9.52 -27.23
N GLU A 2409 24.43 9.80 -27.43
CA GLU A 2409 24.07 11.03 -28.12
C GLU A 2409 24.17 12.24 -27.20
N HIS A 2410 23.47 12.20 -26.06
CA HIS A 2410 23.37 13.35 -25.16
C HIS A 2410 24.49 13.35 -24.11
N LYS A 2411 25.74 13.42 -24.59
CA LYS A 2411 26.87 13.29 -23.67
C LYS A 2411 27.12 14.54 -22.84
N ASP A 2412 26.84 15.72 -23.38
CA ASP A 2412 27.13 16.96 -22.66
C ASP A 2412 26.33 17.07 -21.36
N SER A 2413 25.07 16.65 -21.37
CA SER A 2413 24.26 16.77 -20.15
C SER A 2413 24.77 15.85 -19.07
N VAL A 2414 25.12 14.61 -19.45
CA VAL A 2414 25.61 13.63 -18.50
C VAL A 2414 26.93 14.13 -17.91
N MET A 2415 27.82 14.63 -18.76
CA MET A 2415 29.10 15.08 -18.24
C MET A 2415 28.93 16.31 -17.37
N ALA A 2416 27.99 17.21 -17.72
CA ALA A 2416 27.79 18.39 -16.90
C ALA A 2416 27.38 18.02 -15.49
N VAL A 2417 26.50 17.03 -15.37
CA VAL A 2417 26.03 16.63 -14.04
C VAL A 2417 27.14 15.90 -13.29
N LEU A 2418 27.80 14.95 -13.95
CA LEU A 2418 28.83 14.18 -13.24
C LEU A 2418 29.98 15.08 -12.81
N GLU A 2419 30.37 16.03 -13.67
CA GLU A 2419 31.45 16.95 -13.31
C GLU A 2419 31.05 17.80 -12.12
N ALA A 2420 29.79 18.28 -12.10
CA ALA A 2420 29.34 19.06 -10.96
C ALA A 2420 29.42 18.23 -9.69
N PHE A 2421 29.06 16.95 -9.78
CA PHE A 2421 29.12 16.05 -8.62
C PHE A 2421 30.55 15.86 -8.13
N VAL A 2422 31.48 15.54 -9.03
CA VAL A 2422 32.84 15.21 -8.63
C VAL A 2422 33.55 16.42 -8.02
N TYR A 2423 33.42 17.58 -8.66
CA TYR A 2423 34.11 18.79 -8.22
C TYR A 2423 33.27 19.54 -7.18
N ASP A 2424 33.09 18.87 -6.04
CA ASP A 2424 32.25 19.38 -4.96
C ASP A 2424 32.87 18.93 -3.63
N PRO A 2425 33.78 19.73 -3.04
CA PRO A 2425 34.59 19.28 -1.89
C PRO A 2425 33.84 18.58 -0.76
N LEU A 2426 32.59 18.97 -0.48
CA LEU A 2426 31.85 18.37 0.64
C LEU A 2426 31.69 16.86 0.46
N LEU A 2427 31.61 16.41 -0.79
CA LEU A 2427 31.50 15.00 -1.13
C LEU A 2427 32.80 14.47 -1.69
N ASN A 2428 33.50 15.33 -2.43
CA ASN A 2428 34.76 14.90 -3.02
C ASN A 2428 35.73 14.48 -1.93
N TRP A 2429 35.63 15.07 -0.73
CA TRP A 2429 36.51 14.67 0.36
C TRP A 2429 36.32 13.20 0.68
N ARG A 2430 35.09 12.69 0.59
CA ARG A 2430 34.86 11.28 0.85
C ARG A 2430 35.39 10.45 -0.30
N LEU A 2431 35.24 10.96 -1.53
CA LEU A 2431 35.81 10.24 -2.66
C LEU A 2431 37.34 10.20 -2.56
N MET A 2432 37.94 11.31 -2.11
CA MET A 2432 39.37 11.42 -1.89
C MET A 2432 39.85 10.42 -0.84
N ASP A 2433 39.15 10.36 0.29
CA ASP A 2433 39.49 9.40 1.33
C ASP A 2433 39.40 7.98 0.79
N THR A 2434 38.41 7.71 -0.07
CA THR A 2434 38.27 6.37 -0.63
C THR A 2434 39.43 6.07 -1.57
N ASN A 2435 39.83 7.04 -2.40
CA ASN A 2435 40.87 6.83 -3.42
C ASN A 2435 42.26 7.20 -2.93
N THR A 2436 42.49 8.46 -2.61
CA THR A 2436 43.77 9.09 -2.88
C THR A 2436 44.83 8.63 -1.89
N ALA A 2492 46.46 13.35 -5.00
CA ALA A 2492 45.62 14.48 -4.64
C ALA A 2492 44.30 14.44 -5.39
N LEU A 2493 43.24 14.95 -4.76
CA LEU A 2493 41.95 15.05 -5.42
C LEU A 2493 41.98 15.91 -6.67
N ASN A 2494 42.93 16.85 -6.75
CA ASN A 2494 43.05 17.73 -7.90
C ASN A 2494 43.34 16.98 -9.19
N LYS A 2495 43.92 15.78 -9.08
CA LYS A 2495 44.25 14.96 -10.23
C LYS A 2495 43.35 13.74 -10.32
N LYS A 2496 42.98 13.16 -9.17
CA LYS A 2496 42.15 11.98 -9.22
C LYS A 2496 40.80 12.32 -9.85
N ALA A 2497 40.28 13.53 -9.56
CA ALA A 2497 39.02 13.93 -10.17
C ALA A 2497 39.17 13.93 -11.70
N ILE A 2498 40.34 14.32 -12.19
CA ILE A 2498 40.55 14.39 -13.62
C ILE A 2498 40.56 12.97 -14.19
N GLN A 2499 41.23 12.06 -13.51
CA GLN A 2499 41.28 10.68 -13.99
C GLN A 2499 39.88 10.08 -14.04
N ILE A 2500 39.05 10.39 -13.04
CA ILE A 2500 37.68 9.89 -12.99
C ILE A 2500 36.89 10.41 -14.19
N ILE A 2501 37.01 11.72 -14.47
CA ILE A 2501 36.27 12.29 -15.58
C ILE A 2501 36.76 11.69 -16.90
N ASN A 2502 38.07 11.49 -17.04
CA ASN A 2502 38.57 10.92 -18.28
C ASN A 2502 38.03 9.50 -18.47
N ARG A 2503 37.93 8.74 -17.37
CA ARG A 2503 37.41 7.38 -17.48
C ARG A 2503 35.96 7.40 -17.93
N VAL A 2504 35.17 8.33 -17.39
CA VAL A 2504 33.78 8.43 -17.81
C VAL A 2504 33.70 8.79 -19.28
N ARG A 2505 34.53 9.73 -19.74
CA ARG A 2505 34.52 10.11 -21.14
C ARG A 2505 34.89 8.92 -22.02
N ASP A 2506 35.86 8.12 -21.59
CA ASP A 2506 36.25 6.95 -22.35
C ASP A 2506 35.08 5.98 -22.48
N LYS A 2507 34.30 5.83 -21.40
CA LYS A 2507 33.17 4.92 -21.46
C LYS A 2507 32.09 5.44 -22.42
N LEU A 2508 31.82 6.75 -22.37
CA LEU A 2508 30.79 7.31 -23.23
C LEU A 2508 31.20 7.37 -24.69
N THR A 2509 32.49 7.51 -24.98
CA THR A 2509 32.97 7.63 -26.36
C THR A 2509 33.34 6.28 -26.98
N GLY A 2510 33.48 5.23 -26.19
CA GLY A 2510 33.74 3.91 -26.72
C GLY A 2510 35.20 3.57 -26.88
N ARG A 2511 36.04 4.05 -25.97
CA ARG A 2511 37.48 3.78 -25.99
C ARG A 2511 37.94 3.03 -24.75
N ASP A 2512 37.02 2.67 -23.85
CA ASP A 2512 37.38 2.09 -22.56
C ASP A 2512 38.19 0.80 -22.71
N PHE A 2513 37.96 0.04 -23.78
CA PHE A 2513 38.69 -1.21 -24.00
C PHE A 2513 40.02 -1.02 -24.72
N SER A 2514 40.24 0.12 -25.37
CA SER A 2514 41.46 0.34 -26.13
C SER A 2514 41.56 1.81 -26.53
N HIS A 2515 42.63 2.47 -26.08
CA HIS A 2515 42.75 3.92 -26.27
C HIS A 2515 42.77 4.31 -27.74
N ASP A 2516 43.39 3.49 -28.59
CA ASP A 2516 43.56 3.85 -30.00
C ASP A 2516 42.44 3.35 -30.91
N ASP A 2517 41.46 2.63 -30.36
CA ASP A 2517 40.35 2.08 -31.13
C ASP A 2517 39.05 2.74 -30.70
N THR A 2518 38.08 2.75 -31.62
CA THR A 2518 36.71 3.12 -31.28
C THR A 2518 35.82 1.92 -31.58
N LEU A 2519 34.86 1.69 -30.72
CA LEU A 2519 33.91 0.60 -30.84
C LEU A 2519 32.52 1.13 -31.16
N ASP A 2520 31.74 0.34 -31.90
CA ASP A 2520 30.33 0.65 -32.08
C ASP A 2520 29.55 0.09 -30.89
N VAL A 2521 28.25 0.35 -30.85
CA VAL A 2521 27.44 -0.08 -29.70
C VAL A 2521 27.37 -1.60 -29.65
N PRO A 2522 27.03 -2.31 -30.74
CA PRO A 2522 27.02 -3.80 -30.67
C PRO A 2522 28.29 -4.43 -30.12
N THR A 2523 29.46 -3.91 -30.47
CA THR A 2523 30.71 -4.51 -29.99
C THR A 2523 30.89 -4.21 -28.51
N GLN A 2524 30.68 -2.95 -28.13
CA GLN A 2524 30.79 -2.54 -26.73
C GLN A 2524 29.92 -3.44 -25.85
N VAL A 2525 28.67 -3.61 -26.26
CA VAL A 2525 27.71 -4.38 -25.47
C VAL A 2525 28.13 -5.84 -25.43
N GLU A 2526 28.54 -6.42 -26.56
CA GLU A 2526 28.92 -7.83 -26.56
C GLU A 2526 30.12 -8.06 -25.65
N LEU A 2527 31.09 -7.14 -25.67
CA LEU A 2527 32.25 -7.30 -24.81
C LEU A 2527 31.85 -7.24 -23.35
N LEU A 2528 30.93 -6.31 -23.02
CA LEU A 2528 30.50 -6.18 -21.63
C LEU A 2528 29.75 -7.42 -21.17
N ILE A 2529 28.92 -8.00 -22.05
CA ILE A 2529 28.18 -9.19 -21.68
C ILE A 2529 29.14 -10.35 -21.47
N LYS A 2530 30.11 -10.52 -22.37
CA LYS A 2530 31.08 -11.60 -22.22
C LYS A 2530 31.84 -11.46 -20.91
N GLN A 2531 32.23 -10.24 -20.55
CA GLN A 2531 32.95 -10.01 -19.30
C GLN A 2531 32.08 -10.36 -18.09
N ALA A 2532 30.84 -9.86 -18.07
CA ALA A 2532 29.98 -10.02 -16.90
C ALA A 2532 29.70 -11.48 -16.55
N THR A 2533 29.58 -12.36 -17.55
CA THR A 2533 29.18 -13.74 -17.33
C THR A 2533 30.33 -14.74 -17.32
N SER A 2534 31.57 -14.30 -17.41
CA SER A 2534 32.70 -15.23 -17.43
C SER A 2534 32.82 -15.95 -16.10
N HIS A 2535 33.08 -17.27 -16.17
CA HIS A 2535 33.23 -18.06 -14.95
C HIS A 2535 34.46 -17.65 -14.17
N GLU A 2536 35.54 -17.31 -14.86
CA GLU A 2536 36.78 -16.95 -14.18
C GLU A 2536 36.58 -15.74 -13.28
N ASN A 2537 35.77 -14.78 -13.74
CA ASN A 2537 35.52 -13.59 -12.93
C ASN A 2537 34.64 -13.93 -11.74
N LEU A 2538 33.61 -14.75 -11.96
CA LEU A 2538 32.68 -15.12 -10.89
C LEU A 2538 33.36 -15.90 -9.78
N CYS A 2539 34.30 -16.79 -10.13
CA CYS A 2539 34.94 -17.61 -9.11
C CYS A 2539 35.82 -16.82 -8.14
N GLN A 2540 36.21 -15.60 -8.49
CA GLN A 2540 37.10 -14.80 -7.66
C GLN A 2540 36.34 -13.93 -6.67
N CYS A 2541 35.01 -13.93 -6.72
CA CYS A 2541 34.21 -13.06 -5.87
C CYS A 2541 34.07 -13.64 -4.48
N TYR A 2542 34.01 -12.74 -3.50
CA TYR A 2542 33.62 -13.09 -2.15
C TYR A 2542 32.19 -13.58 -2.17
N ILE A 2543 31.86 -14.54 -1.32
CA ILE A 2543 30.52 -15.14 -1.26
C ILE A 2543 29.42 -14.22 -0.71
N GLY A 2544 29.56 -12.91 -0.87
CA GLY A 2544 28.71 -11.88 -0.32
C GLY A 2544 27.30 -11.75 -0.86
N TRP A 2545 27.08 -11.44 -2.15
CA TRP A 2545 27.89 -11.46 -3.39
C TRP A 2545 28.08 -12.92 -3.81
N CYS A 2546 27.12 -13.78 -3.48
CA CYS A 2546 27.22 -15.18 -3.85
C CYS A 2546 27.20 -15.32 -5.37
N PRO A 2547 28.28 -15.81 -6.01
CA PRO A 2547 28.30 -15.88 -7.47
C PRO A 2547 27.46 -17.00 -8.06
N PHE A 2548 27.02 -17.96 -7.25
CA PHE A 2548 26.37 -19.17 -7.72
C PHE A 2548 24.85 -19.08 -7.87
N TRP A 2549 24.22 -17.98 -7.52
CA TRP A 2549 22.77 -17.92 -7.68
C TRP A 2549 22.47 -17.90 -9.17
N ARG B 54 -3.75 -12.53 68.51
CA ARG B 54 -3.80 -12.28 67.04
C ARG B 54 -2.83 -13.19 66.30
N MET B 55 -2.84 -13.14 64.97
CA MET B 55 -1.96 -13.92 64.13
C MET B 55 -1.20 -13.01 63.18
N LYS B 56 -0.08 -13.54 62.67
CA LYS B 56 0.75 -12.89 61.66
C LYS B 56 0.76 -13.76 60.41
N THR B 57 1.44 -13.26 59.38
CA THR B 57 1.58 -13.95 58.09
C THR B 57 3.06 -14.17 57.78
N VAL B 58 3.30 -14.98 56.75
CA VAL B 58 4.64 -15.28 56.24
C VAL B 58 4.68 -14.78 54.80
N SER B 59 5.71 -15.18 54.06
CA SER B 59 5.89 -14.70 52.71
C SER B 59 4.71 -15.06 51.80
N VAL B 60 4.57 -14.26 50.74
CA VAL B 60 3.48 -14.39 49.78
C VAL B 60 3.96 -15.24 48.60
N ALA B 61 3.11 -16.18 48.18
CA ALA B 61 3.37 -17.05 47.03
C ALA B 61 2.67 -16.50 45.80
N LEU B 62 3.41 -15.78 44.95
CA LEU B 62 2.84 -15.18 43.76
C LEU B 62 3.06 -16.12 42.58
N VAL B 63 1.98 -16.72 42.08
CA VAL B 63 2.04 -17.69 41.00
C VAL B 63 1.27 -17.12 39.81
N LEU B 64 1.98 -16.88 38.71
CA LEU B 64 1.41 -16.26 37.52
C LEU B 64 1.51 -17.23 36.35
N CYS B 65 0.50 -17.19 35.46
CA CYS B 65 0.45 -18.06 34.28
C CYS B 65 -0.12 -17.23 33.13
N LEU B 66 0.71 -16.35 32.56
CA LEU B 66 0.24 -15.40 31.56
C LEU B 66 0.48 -15.84 30.12
N ASN B 67 1.61 -16.54 29.86
CA ASN B 67 1.96 -17.03 28.53
C ASN B 67 1.82 -15.94 27.46
N VAL B 68 2.47 -14.79 27.71
CA VAL B 68 2.31 -13.62 26.86
C VAL B 68 2.61 -13.97 25.42
N GLY B 69 1.70 -13.61 24.52
CA GLY B 69 1.83 -13.91 23.10
C GLY B 69 1.05 -15.14 22.64
N VAL B 70 0.53 -15.94 23.56
CA VAL B 70 -0.22 -17.15 23.25
C VAL B 70 -1.66 -16.95 23.72
N ASP B 71 -2.60 -17.08 22.79
CA ASP B 71 -4.03 -16.98 23.10
C ASP B 71 -4.56 -18.38 23.36
N PRO B 72 -5.11 -18.67 24.55
CA PRO B 72 -5.64 -20.02 24.81
C PRO B 72 -6.67 -20.42 23.78
N PRO B 73 -6.80 -21.73 23.51
CA PRO B 73 -7.78 -22.20 22.52
C PRO B 73 -9.23 -21.94 22.92
N ASP B 74 -9.49 -21.66 24.20
CA ASP B 74 -10.86 -21.45 24.68
C ASP B 74 -11.46 -20.11 24.32
N VAL B 75 -10.67 -19.16 23.83
CA VAL B 75 -11.17 -17.80 23.54
C VAL B 75 -10.84 -17.43 22.10
N VAL B 76 -11.71 -16.60 21.54
CA VAL B 76 -11.52 -15.99 20.23
C VAL B 76 -11.60 -14.48 20.47
N LYS B 77 -10.53 -13.76 20.12
CA LYS B 77 -10.46 -12.34 20.41
C LYS B 77 -10.10 -11.53 19.17
N THR B 78 -10.99 -10.64 18.80
CA THR B 78 -10.82 -9.67 17.71
C THR B 78 -11.15 -8.26 18.17
N THR B 79 -11.87 -8.11 19.29
CA THR B 79 -12.18 -6.82 19.87
C THR B 79 -10.90 -6.21 20.41
N PRO B 80 -10.58 -4.95 20.14
CA PRO B 80 -9.29 -4.40 20.59
C PRO B 80 -9.26 -4.20 22.10
N CYS B 81 -9.27 -5.32 22.84
CA CYS B 81 -9.21 -5.33 24.29
C CYS B 81 -7.86 -5.86 24.76
N ALA B 82 -6.78 -5.31 24.20
CA ALA B 82 -5.43 -5.61 24.66
C ALA B 82 -5.28 -4.86 25.97
N ARG B 83 -5.96 -5.35 27.00
CA ARG B 83 -6.12 -4.66 28.26
C ARG B 83 -4.85 -4.76 29.10
N LEU B 84 -4.79 -3.88 30.10
CA LEU B 84 -3.61 -3.79 30.94
C LEU B 84 -3.60 -4.90 31.98
N GLU B 85 -2.38 -5.32 32.33
CA GLU B 85 -2.14 -6.26 33.41
C GLU B 85 -1.20 -5.57 34.38
N CYS B 86 -1.66 -5.33 35.60
CA CYS B 86 -0.94 -4.50 36.56
C CYS B 86 -0.61 -3.14 35.92
N TRP B 87 -1.56 -2.58 35.19
CA TRP B 87 -1.44 -1.29 34.51
C TRP B 87 -0.32 -1.27 33.46
N ILE B 88 0.03 -2.44 32.92
CA ILE B 88 1.03 -2.58 31.86
C ILE B 88 0.35 -3.13 30.63
N ASP B 89 0.65 -2.55 29.48
CA ASP B 89 0.18 -3.08 28.20
C ASP B 89 1.26 -4.05 27.74
N PRO B 90 1.06 -5.38 27.87
CA PRO B 90 2.17 -6.31 27.63
C PRO B 90 2.68 -6.37 26.20
N LEU B 91 1.92 -5.87 25.22
CA LEU B 91 2.32 -6.01 23.83
C LEU B 91 3.24 -4.89 23.35
N SER B 92 3.54 -3.90 24.21
CA SER B 92 4.44 -2.82 23.83
C SER B 92 5.91 -3.21 24.04
N MET B 93 6.17 -4.37 24.63
CA MET B 93 7.51 -4.85 24.96
C MET B 93 7.61 -6.30 24.52
N GLY B 94 8.84 -6.76 24.30
CA GLY B 94 9.07 -8.18 24.08
C GLY B 94 8.62 -9.00 25.28
N PRO B 95 8.23 -10.27 25.07
CA PRO B 95 7.68 -11.08 26.17
C PRO B 95 8.49 -11.12 27.47
N GLN B 96 9.81 -11.08 27.39
CA GLN B 96 10.62 -11.22 28.60
C GLN B 96 10.48 -9.99 29.48
N LYS B 97 10.42 -8.80 28.87
CA LYS B 97 10.35 -7.61 29.69
C LYS B 97 8.93 -7.41 30.17
N ALA B 98 7.95 -7.76 29.34
CA ALA B 98 6.56 -7.60 29.74
C ALA B 98 6.29 -8.46 30.97
N LEU B 99 6.79 -9.70 30.96
CA LEU B 99 6.55 -10.60 32.07
C LEU B 99 7.28 -10.14 33.32
N GLU B 100 8.56 -9.77 33.19
CA GLU B 100 9.31 -9.36 34.38
C GLU B 100 8.72 -8.07 34.96
N THR B 101 8.31 -7.15 34.08
CA THR B 101 7.79 -5.86 34.53
C THR B 101 6.48 -6.07 35.28
N ILE B 102 5.60 -6.94 34.75
CA ILE B 102 4.34 -7.23 35.44
C ILE B 102 4.63 -7.83 36.80
N GLY B 103 5.58 -8.77 36.85
CA GLY B 103 5.97 -9.33 38.14
C GLY B 103 6.33 -8.25 39.14
N ALA B 104 7.23 -7.34 38.72
CA ALA B 104 7.68 -6.28 39.61
C ALA B 104 6.53 -5.40 40.09
N ASN B 105 5.58 -5.08 39.19
CA ASN B 105 4.47 -4.24 39.65
C ASN B 105 3.60 -4.98 40.65
N LEU B 106 3.38 -6.29 40.45
CA LEU B 106 2.55 -7.02 41.40
C LEU B 106 3.23 -7.00 42.77
N GLN B 107 4.55 -7.17 42.76
CA GLN B 107 5.33 -7.17 43.99
C GLN B 107 5.16 -5.84 44.71
N LYS B 108 5.24 -4.75 43.96
CA LYS B 108 5.10 -3.43 44.58
C LYS B 108 3.70 -3.23 45.11
N GLN B 109 2.67 -3.70 44.39
CA GLN B 109 1.29 -3.52 44.83
C GLN B 109 1.08 -4.20 46.16
N TYR B 110 1.69 -5.39 46.36
CA TYR B 110 1.57 -6.05 47.65
C TYR B 110 2.37 -5.30 48.72
N GLU B 111 3.56 -4.82 48.38
CA GLU B 111 4.35 -4.09 49.39
C GLU B 111 3.64 -2.83 49.86
N ASN B 112 2.87 -2.19 48.97
CA ASN B 112 2.16 -0.96 49.31
C ASN B 112 1.19 -1.14 50.46
N TRP B 113 0.63 -2.34 50.65
CA TRP B 113 -0.31 -2.59 51.73
C TRP B 113 0.35 -3.04 53.02
N GLN B 114 1.44 -3.82 52.94
CA GLN B 114 2.10 -4.24 54.18
C GLN B 114 3.55 -4.59 53.91
N PRO B 115 4.51 -4.14 54.75
CA PRO B 115 5.87 -4.67 54.64
C PRO B 115 5.87 -6.18 54.80
N ARG B 116 6.70 -6.85 54.00
CA ARG B 116 6.71 -8.31 53.98
C ARG B 116 8.06 -8.83 54.45
N ALA B 117 8.00 -9.98 55.11
CA ALA B 117 9.22 -10.71 55.46
C ALA B 117 9.99 -11.09 54.22
N ARG B 118 9.27 -11.49 53.18
CA ARG B 118 9.73 -11.87 51.86
C ARG B 118 8.49 -12.04 51.03
N TYR B 119 8.51 -11.61 49.78
CA TYR B 119 7.76 -12.32 48.76
C TYR B 119 8.66 -13.15 47.87
N LYS B 120 8.08 -14.21 47.31
CA LYS B 120 8.69 -15.01 46.28
C LYS B 120 7.72 -15.04 45.12
N GLN B 121 8.25 -15.16 43.90
CA GLN B 121 7.42 -15.11 42.71
C GLN B 121 7.91 -16.13 41.70
N SER B 122 6.97 -16.84 41.09
CA SER B 122 7.27 -17.79 40.02
C SER B 122 6.49 -17.32 38.80
N LEU B 123 7.20 -16.72 37.85
CA LEU B 123 6.56 -16.22 36.64
C LEU B 123 6.40 -17.32 35.60
N ASP B 124 7.14 -18.41 35.75
CA ASP B 124 7.17 -19.56 34.86
C ASP B 124 6.61 -20.81 35.54
N PRO B 125 6.25 -21.83 34.77
CA PRO B 125 6.18 -23.20 35.31
C PRO B 125 7.52 -23.63 35.89
N THR B 126 7.57 -24.81 36.53
CA THR B 126 6.66 -25.96 36.55
C THR B 126 6.28 -26.52 37.93
N VAL B 127 5.69 -27.74 37.90
CA VAL B 127 5.12 -28.35 39.10
C VAL B 127 6.16 -28.52 40.19
N ASP B 128 7.38 -28.94 39.82
CA ASP B 128 8.42 -29.10 40.82
C ASP B 128 8.73 -27.79 41.52
N GLU B 129 8.57 -26.67 40.82
CA GLU B 129 8.85 -25.39 41.44
C GLU B 129 7.77 -25.09 42.47
N VAL B 130 6.53 -25.48 42.17
CA VAL B 130 5.45 -25.28 43.11
C VAL B 130 5.68 -26.12 44.36
N LYS B 131 6.10 -27.38 44.17
CA LYS B 131 6.37 -28.25 45.33
C LYS B 131 7.46 -27.65 46.21
N LYS B 132 8.55 -27.19 45.59
CA LYS B 132 9.64 -26.63 46.35
C LYS B 132 9.22 -25.36 47.07
N LEU B 133 8.42 -24.52 46.41
CA LEU B 133 7.95 -23.30 47.03
C LEU B 133 7.07 -23.60 48.24
N CYS B 134 6.09 -24.50 48.07
CA CYS B 134 5.22 -24.84 49.19
C CYS B 134 6.01 -25.41 50.35
N THR B 135 7.01 -26.25 50.06
CA THR B 135 7.83 -26.83 51.11
C THR B 135 8.57 -25.74 51.87
N SER B 136 9.20 -24.82 51.13
CA SER B 136 9.94 -23.74 51.76
C SER B 136 9.02 -22.87 52.61
N LEU B 137 7.81 -22.61 52.11
CA LEU B 137 6.84 -21.79 52.82
C LEU B 137 6.46 -22.45 54.14
N ARG B 138 6.27 -23.76 54.13
CA ARG B 138 5.96 -24.46 55.38
C ARG B 138 7.16 -24.45 56.33
N ARG B 139 8.38 -24.50 55.79
CA ARG B 139 9.55 -24.47 56.66
C ARG B 139 9.64 -23.17 57.45
N ASN B 140 9.15 -22.06 56.90
CA ASN B 140 9.17 -20.76 57.58
C ASN B 140 7.84 -20.46 58.27
N ALA B 141 6.95 -21.45 58.38
CA ALA B 141 5.65 -21.32 59.01
C ALA B 141 5.83 -21.62 60.51
N LYS B 142 4.92 -22.29 61.26
CA LYS B 142 3.76 -23.17 61.05
C LYS B 142 2.38 -22.53 61.20
N GLU B 143 2.23 -21.56 62.10
CA GLU B 143 0.90 -21.02 62.38
C GLU B 143 0.54 -19.84 61.50
N GLU B 144 1.53 -19.01 61.16
CA GLU B 144 1.30 -17.82 60.36
C GLU B 144 0.78 -18.18 58.97
N ARG B 145 -0.17 -17.38 58.49
CA ARG B 145 -0.87 -17.69 57.24
C ARG B 145 0.00 -17.49 56.01
N VAL B 146 -0.17 -18.36 55.02
CA VAL B 146 0.49 -18.27 53.72
C VAL B 146 -0.51 -17.74 52.70
N LEU B 147 -0.12 -16.71 51.95
CA LEU B 147 -0.97 -16.11 50.91
C LEU B 147 -0.59 -16.62 49.53
N PHE B 148 -1.58 -17.12 48.78
CA PHE B 148 -1.43 -17.58 47.41
C PHE B 148 -2.20 -16.69 46.45
N HIS B 149 -1.66 -16.47 45.26
CA HIS B 149 -2.31 -15.68 44.22
C HIS B 149 -2.13 -16.38 42.88
N TYR B 150 -3.23 -16.83 42.29
CA TYR B 150 -3.22 -17.53 41.00
C TYR B 150 -3.97 -16.68 40.00
N ASN B 151 -3.43 -16.54 38.78
CA ASN B 151 -4.12 -15.81 37.72
C ASN B 151 -4.75 -16.73 36.67
N GLY B 152 -3.93 -17.42 35.89
CA GLY B 152 -4.47 -18.31 34.89
C GLY B 152 -5.06 -17.65 33.66
N HIS B 153 -4.72 -16.38 33.40
CA HIS B 153 -5.32 -15.67 32.28
C HIS B 153 -4.91 -16.26 30.93
N GLY B 154 -3.70 -16.80 30.84
CA GLY B 154 -3.20 -17.41 29.62
C GLY B 154 -3.38 -18.92 29.60
N VAL B 155 -4.25 -19.42 30.46
CA VAL B 155 -4.44 -20.86 30.68
C VAL B 155 -5.88 -21.28 30.38
N PRO B 156 -6.11 -22.45 29.78
CA PRO B 156 -7.49 -22.92 29.59
C PRO B 156 -8.29 -22.93 30.89
N ARG B 157 -9.61 -22.75 30.74
CA ARG B 157 -10.53 -22.63 31.86
C ARG B 157 -10.35 -23.79 32.84
N PRO B 158 -10.41 -23.56 34.15
CA PRO B 158 -10.22 -24.66 35.10
C PRO B 158 -11.39 -25.62 35.10
N THR B 159 -11.13 -26.82 35.62
CA THR B 159 -12.16 -27.83 35.79
C THR B 159 -12.05 -28.47 37.18
N VAL B 160 -12.77 -29.57 37.41
CA VAL B 160 -12.81 -30.19 38.73
C VAL B 160 -11.43 -30.60 39.24
N ASN B 161 -10.50 -30.91 38.33
CA ASN B 161 -9.15 -31.34 38.69
C ASN B 161 -8.12 -30.21 38.67
N GLY B 162 -8.54 -28.96 38.53
CA GLY B 162 -7.59 -27.88 38.61
C GLY B 162 -6.65 -27.77 37.42
N GLU B 163 -7.11 -28.15 36.23
CA GLU B 163 -6.29 -28.13 35.02
C GLU B 163 -5.59 -26.79 34.84
N VAL B 164 -4.28 -26.85 34.62
CA VAL B 164 -3.47 -25.65 34.47
C VAL B 164 -2.25 -25.98 33.62
N TRP B 165 -1.80 -24.99 32.84
CA TRP B 165 -0.63 -25.14 31.96
C TRP B 165 0.68 -24.88 32.71
N VAL B 166 1.04 -25.84 33.57
CA VAL B 166 2.27 -25.78 34.36
C VAL B 166 3.27 -26.83 33.88
N PHE B 167 4.07 -26.49 32.87
CA PHE B 167 4.97 -27.45 32.24
C PHE B 167 6.23 -26.76 31.72
N ASN B 168 7.25 -27.57 31.40
CA ASN B 168 8.54 -27.08 30.93
C ASN B 168 8.57 -26.86 29.42
N LYS B 169 7.47 -27.14 28.74
CA LYS B 169 7.28 -26.96 27.30
C LYS B 169 6.63 -25.59 27.07
N ASN B 170 6.56 -25.12 25.83
CA ASN B 170 6.64 -25.57 24.42
C ASN B 170 5.39 -26.38 23.98
N TYR B 171 4.22 -25.80 24.29
CA TYR B 171 2.91 -26.24 23.81
C TYR B 171 2.56 -27.69 24.15
N THR B 172 2.58 -28.00 25.44
CA THR B 172 2.16 -29.32 25.94
C THR B 172 0.91 -29.19 26.81
N GLN B 173 -0.13 -29.97 26.50
CA GLN B 173 -1.37 -30.00 27.28
C GLN B 173 -1.12 -30.91 28.47
N TYR B 174 -0.41 -30.39 29.48
CA TYR B 174 0.22 -31.24 30.47
C TYR B 174 -0.72 -31.87 31.49
N ILE B 175 -1.32 -31.11 32.42
CA ILE B 175 -1.56 -31.68 33.76
C ILE B 175 -2.92 -31.35 34.38
N PRO B 176 -3.63 -32.36 34.99
CA PRO B 176 -4.76 -32.11 35.92
C PRO B 176 -4.25 -31.87 37.34
N LEU B 177 -3.69 -30.69 37.59
CA LEU B 177 -3.01 -30.41 38.85
C LEU B 177 -4.03 -30.25 39.97
N SER B 178 -4.42 -31.40 40.52
CA SER B 178 -5.53 -31.51 41.45
C SER B 178 -5.36 -30.64 42.68
N ILE B 179 -6.47 -30.05 43.13
CA ILE B 179 -6.49 -29.26 44.35
C ILE B 179 -6.01 -30.10 45.53
N TYR B 180 -6.37 -31.38 45.55
CA TYR B 180 -6.04 -32.28 46.66
C TYR B 180 -4.53 -32.29 46.91
N ASP B 181 -3.74 -32.44 45.84
CA ASP B 181 -2.29 -32.45 46.00
C ASP B 181 -1.81 -31.12 46.56
N LEU B 182 -2.41 -30.01 46.10
CA LEU B 182 -2.00 -28.70 46.59
C LEU B 182 -2.30 -28.57 48.08
N GLN B 183 -3.43 -29.13 48.51
CA GLN B 183 -3.79 -29.13 49.92
C GLN B 183 -2.77 -29.93 50.73
N THR B 184 -2.32 -31.06 50.17
CA THR B 184 -1.29 -31.86 50.83
C THR B 184 0.01 -31.08 50.95
N TRP B 185 0.42 -30.41 49.88
CA TRP B 185 1.70 -29.70 49.88
C TRP B 185 1.69 -28.57 50.89
N MET B 186 0.60 -27.81 50.96
CA MET B 186 0.42 -26.70 51.91
C MET B 186 -0.74 -26.97 52.87
N GLY B 187 -0.44 -27.62 54.00
CA GLY B 187 -1.47 -27.94 54.96
C GLY B 187 -1.63 -26.92 56.08
N SER B 188 -0.83 -25.87 56.06
CA SER B 188 -0.86 -24.83 57.09
C SER B 188 -2.01 -23.86 56.84
N PRO B 189 -2.36 -23.03 57.83
CA PRO B 189 -3.35 -21.97 57.59
C PRO B 189 -2.94 -21.12 56.39
N SER B 190 -3.91 -20.78 55.54
CA SER B 190 -3.57 -20.06 54.33
C SER B 190 -4.77 -19.29 53.78
N ILE B 191 -4.46 -18.36 52.88
CA ILE B 191 -5.39 -17.51 52.17
C ILE B 191 -5.12 -17.70 50.68
N PHE B 192 -6.17 -17.95 49.89
CA PHE B 192 -6.03 -18.12 48.45
C PHE B 192 -6.82 -17.08 47.69
N VAL B 193 -6.22 -16.54 46.62
CA VAL B 193 -6.90 -15.63 45.70
C VAL B 193 -6.84 -16.26 44.31
N TYR B 194 -8.00 -16.43 43.69
CA TYR B 194 -8.14 -17.07 42.38
C TYR B 194 -8.69 -16.09 41.35
N ASP B 195 -7.82 -15.36 40.67
CA ASP B 195 -8.24 -14.37 39.67
C ASP B 195 -8.34 -15.07 38.32
N CYS B 196 -9.41 -15.84 38.13
CA CYS B 196 -9.56 -16.63 36.92
C CYS B 196 -11.03 -16.70 36.49
N SER B 197 -11.23 -17.23 35.28
CA SER B 197 -12.53 -17.20 34.61
C SER B 197 -13.64 -17.96 35.32
N ASN B 198 -13.30 -18.98 36.12
CA ASN B 198 -14.33 -19.80 36.78
C ASN B 198 -13.95 -20.12 38.22
N ALA B 199 -13.47 -19.12 38.95
CA ALA B 199 -12.86 -19.35 40.26
C ALA B 199 -13.81 -20.06 41.23
N GLY B 200 -15.12 -19.76 41.14
CA GLY B 200 -16.05 -20.43 42.03
C GLY B 200 -16.00 -21.94 41.88
N LEU B 201 -15.67 -22.43 40.67
CA LEU B 201 -15.58 -23.86 40.46
C LEU B 201 -14.45 -24.41 41.32
N ILE B 202 -13.39 -23.63 41.46
CA ILE B 202 -12.22 -24.05 42.24
C ILE B 202 -12.61 -24.10 43.70
N VAL B 203 -13.33 -23.08 44.17
CA VAL B 203 -13.76 -23.05 45.58
C VAL B 203 -14.65 -24.25 45.88
N LYS B 204 -15.60 -24.54 44.99
CA LYS B 204 -16.48 -25.69 45.16
C LYS B 204 -15.66 -26.98 45.24
N SER B 205 -14.73 -27.18 44.30
CA SER B 205 -13.94 -28.40 44.30
C SER B 205 -13.10 -28.49 45.57
N PHE B 206 -12.55 -27.36 46.00
CA PHE B 206 -11.74 -27.32 47.21
C PHE B 206 -12.54 -27.84 48.39
N LYS B 207 -13.78 -27.34 48.55
CA LYS B 207 -14.62 -27.80 49.64
C LYS B 207 -14.96 -29.28 49.50
N GLN B 208 -15.16 -29.76 48.27
CA GLN B 208 -15.44 -31.19 48.09
C GLN B 208 -14.25 -32.04 48.48
N PHE B 209 -13.03 -31.57 48.19
CA PHE B 209 -11.85 -32.32 48.62
C PHE B 209 -11.67 -32.22 50.12
N ALA B 210 -12.09 -31.11 50.72
CA ALA B 210 -12.05 -31.00 52.17
C ALA B 210 -12.97 -32.05 52.79
N LEU B 211 -14.14 -32.27 52.16
CA LEU B 211 -15.04 -33.31 52.65
C LEU B 211 -14.42 -34.69 52.50
N GLN B 212 -13.74 -34.93 51.37
CA GLN B 212 -13.04 -36.20 51.18
C GLN B 212 -12.02 -36.43 52.28
N ARG B 213 -11.21 -35.40 52.56
CA ARG B 213 -10.19 -35.53 53.60
C ARG B 213 -10.85 -35.76 54.95
N GLU B 214 -11.96 -35.07 55.22
CA GLU B 214 -12.66 -35.25 56.48
C GLU B 214 -13.09 -36.71 56.64
N GLN B 215 -13.64 -37.29 55.58
CA GLN B 215 -14.07 -38.68 55.64
C GLN B 215 -12.87 -39.61 55.85
N GLU B 216 -11.75 -39.31 55.18
CA GLU B 216 -10.55 -40.13 55.35
C GLU B 216 -10.01 -40.06 56.78
N LEU B 217 -10.06 -38.88 57.39
CA LEU B 217 -9.57 -38.73 58.76
C LEU B 217 -10.41 -39.52 59.75
N GLU B 218 -11.69 -39.72 59.47
CA GLU B 218 -12.57 -40.48 60.35
C GLU B 218 -12.39 -41.99 60.21
N VAL B 219 -11.57 -42.46 59.27
CA VAL B 219 -11.36 -43.88 59.04
C VAL B 219 -9.86 -44.15 59.19
N SER B 236 -4.66 -28.07 58.01
CA SER B 236 -5.42 -26.96 58.59
C SER B 236 -6.71 -26.71 57.81
N MET B 237 -7.41 -27.80 57.49
CA MET B 237 -8.62 -27.72 56.69
C MET B 237 -9.71 -27.01 57.48
N LYS B 238 -10.49 -26.19 56.78
CA LYS B 238 -11.57 -25.37 57.36
C LYS B 238 -11.04 -24.26 58.27
N ASN B 239 -9.72 -24.00 58.25
CA ASN B 239 -9.11 -22.87 58.92
C ASN B 239 -8.52 -21.89 57.90
N CYS B 240 -8.86 -22.04 56.63
CA CYS B 240 -8.36 -21.23 55.52
C CYS B 240 -9.55 -20.55 54.86
N ILE B 241 -9.27 -19.45 54.16
CA ILE B 241 -10.29 -18.67 53.48
C ILE B 241 -9.92 -18.52 52.02
N GLN B 242 -10.93 -18.24 51.20
CA GLN B 242 -10.77 -18.09 49.76
C GLN B 242 -11.54 -16.88 49.28
N LEU B 243 -10.98 -16.21 48.28
CA LEU B 243 -11.66 -15.15 47.53
C LEU B 243 -11.65 -15.56 46.07
N ALA B 244 -12.83 -15.63 45.45
CA ALA B 244 -12.96 -16.04 44.05
C ALA B 244 -13.41 -14.86 43.21
N ALA B 245 -12.81 -14.76 42.01
CA ALA B 245 -13.18 -13.70 41.09
C ALA B 245 -14.64 -13.75 40.65
N CYS B 246 -15.19 -14.95 40.47
CA CYS B 246 -16.56 -15.05 39.99
C CYS B 246 -17.13 -16.43 40.26
N GLU B 247 -18.45 -16.50 40.16
CA GLU B 247 -19.17 -17.77 40.27
C GLU B 247 -18.73 -18.75 39.19
N ALA B 248 -18.86 -20.04 39.51
CA ALA B 248 -18.40 -21.12 38.63
C ALA B 248 -19.01 -21.07 37.24
N THR B 249 -20.23 -20.55 37.09
CA THR B 249 -20.98 -20.61 35.84
C THR B 249 -20.88 -19.35 34.99
N GLU B 250 -19.99 -18.41 35.32
CA GLU B 250 -19.85 -17.15 34.58
C GLU B 250 -18.39 -16.84 34.28
N LEU B 251 -18.20 -16.01 33.26
CA LEU B 251 -16.89 -15.59 32.76
C LEU B 251 -16.61 -14.12 33.09
N LEU B 252 -15.30 -13.80 33.20
CA LEU B 252 -14.88 -12.42 33.43
C LEU B 252 -15.13 -11.56 32.19
N PRO B 253 -15.50 -10.28 32.36
CA PRO B 253 -15.86 -9.46 31.19
C PRO B 253 -14.67 -9.11 30.31
N MET B 254 -14.93 -9.07 29.00
CA MET B 254 -13.99 -8.57 27.99
C MET B 254 -14.43 -7.19 27.53
N ILE B 255 -14.24 -6.18 28.38
CA ILE B 255 -14.75 -4.83 28.16
C ILE B 255 -13.58 -3.88 27.90
N PRO B 256 -13.56 -3.13 26.79
CA PRO B 256 -12.49 -2.15 26.54
C PRO B 256 -12.38 -1.12 27.65
N ASP B 257 -11.16 -0.68 27.91
CA ASP B 257 -10.80 0.35 28.90
C ASP B 257 -10.77 -0.15 30.34
N LEU B 258 -11.07 -1.42 30.61
CA LEU B 258 -10.84 -1.99 31.93
C LEU B 258 -9.56 -2.81 31.94
N PRO B 259 -8.92 -2.99 33.09
CA PRO B 259 -7.79 -3.92 33.16
C PRO B 259 -8.24 -5.37 33.00
N ALA B 260 -7.30 -6.20 32.53
CA ALA B 260 -7.58 -7.62 32.35
C ALA B 260 -7.66 -8.35 33.68
N ASP B 261 -7.14 -7.74 34.75
CA ASP B 261 -7.02 -8.32 36.08
C ASP B 261 -7.82 -7.49 37.08
N LEU B 262 -9.04 -7.12 36.66
CA LEU B 262 -9.92 -6.24 37.43
C LEU B 262 -10.05 -6.67 38.89
N PHE B 263 -10.22 -7.96 39.15
CA PHE B 263 -10.38 -8.43 40.52
C PHE B 263 -9.14 -8.11 41.36
N THR B 264 -7.96 -8.42 40.81
CA THR B 264 -6.70 -8.12 41.48
C THR B 264 -6.57 -6.62 41.71
N SER B 265 -6.88 -5.81 40.70
CA SER B 265 -6.75 -4.36 40.85
C SER B 265 -7.69 -3.84 41.94
N CYS B 266 -8.90 -4.39 42.02
CA CYS B 266 -9.81 -3.97 43.08
C CYS B 266 -9.26 -4.34 44.45
N LEU B 267 -8.65 -5.52 44.57
CA LEU B 267 -8.12 -5.93 45.87
C LEU B 267 -6.84 -5.19 46.25
N THR B 268 -6.06 -4.72 45.29
CA THR B 268 -4.76 -4.09 45.57
C THR B 268 -4.70 -2.59 45.30
N THR B 269 -5.48 -2.04 44.36
CA THR B 269 -5.44 -0.63 44.02
C THR B 269 -6.84 -0.03 43.96
N PRO B 270 -7.56 -0.05 45.10
CA PRO B 270 -8.98 0.32 45.07
C PRO B 270 -9.28 1.74 44.64
N ILE B 271 -8.34 2.68 44.78
CA ILE B 271 -8.62 4.08 44.43
C ILE B 271 -8.50 4.31 42.93
N LYS B 272 -7.47 3.74 42.29
CA LYS B 272 -7.33 3.90 40.85
C LYS B 272 -8.54 3.33 40.12
N ILE B 273 -9.03 2.20 40.59
CA ILE B 273 -10.19 1.55 39.98
C ILE B 273 -11.45 2.33 40.31
N ALA B 274 -11.63 2.72 41.58
CA ALA B 274 -12.85 3.42 41.95
C ALA B 274 -12.99 4.71 41.16
N LEU B 275 -11.90 5.44 40.96
CA LEU B 275 -12.03 6.73 40.28
C LEU B 275 -12.22 6.53 38.79
N ARG B 276 -11.46 5.61 38.18
CA ARG B 276 -11.61 5.37 36.75
C ARG B 276 -13.03 4.88 36.46
N TRP B 277 -13.52 4.00 37.34
CA TRP B 277 -14.86 3.44 37.20
C TRP B 277 -15.90 4.53 37.28
N PHE B 278 -15.81 5.41 38.28
CA PHE B 278 -16.80 6.46 38.39
C PHE B 278 -16.81 7.33 37.13
N CYS B 279 -15.61 7.64 36.62
CA CYS B 279 -15.52 8.48 35.43
C CYS B 279 -16.20 7.85 34.22
N MET B 280 -16.04 6.54 34.02
CA MET B 280 -16.67 5.91 32.85
C MET B 280 -18.09 5.41 33.07
N GLN B 281 -18.51 5.21 34.31
CA GLN B 281 -19.77 4.55 34.62
C GLN B 281 -20.95 5.50 34.77
N LYS B 282 -20.76 6.67 35.38
CA LYS B 282 -21.89 7.54 35.70
C LYS B 282 -22.64 7.93 34.44
N CYS B 283 -23.97 7.79 34.49
CA CYS B 283 -24.81 8.13 33.34
C CYS B 283 -24.72 9.61 33.01
N VAL B 284 -24.74 10.46 34.02
CA VAL B 284 -24.63 11.91 33.88
C VAL B 284 -23.57 12.39 34.86
N SER B 285 -22.58 13.12 34.35
CA SER B 285 -21.57 13.72 35.19
C SER B 285 -22.07 15.07 35.68
N LEU B 286 -21.89 15.33 36.97
CA LEU B 286 -22.27 16.59 37.59
C LEU B 286 -21.09 17.54 37.78
N VAL B 287 -19.93 17.20 37.23
CA VAL B 287 -18.74 18.05 37.34
C VAL B 287 -18.15 18.20 35.94
N PRO B 288 -18.67 19.12 35.12
CA PRO B 288 -18.15 19.29 33.75
C PRO B 288 -16.66 19.63 33.75
N GLY B 289 -15.94 19.13 32.74
CA GLY B 289 -14.53 19.41 32.60
C GLY B 289 -13.60 18.40 33.24
N VAL B 290 -14.12 17.51 34.07
CA VAL B 290 -13.34 16.48 34.74
C VAL B 290 -13.46 15.19 33.95
N THR B 291 -12.32 14.66 33.52
CA THR B 291 -12.24 13.44 32.73
C THR B 291 -10.99 12.66 33.16
N LEU B 292 -10.72 11.54 32.46
CA LEU B 292 -9.64 10.64 32.84
C LEU B 292 -8.28 11.33 32.80
N ASP B 293 -8.08 12.24 31.86
CA ASP B 293 -6.82 12.95 31.76
C ASP B 293 -6.50 13.74 33.04
N LEU B 294 -7.51 14.11 33.82
CA LEU B 294 -7.27 14.86 35.06
C LEU B 294 -7.08 13.90 36.23
N ILE B 295 -7.93 12.88 36.34
CA ILE B 295 -7.83 11.91 37.43
C ILE B 295 -6.49 11.20 37.40
N GLU B 296 -5.97 10.87 36.23
CA GLU B 296 -4.68 10.18 36.23
C GLU B 296 -3.50 11.09 36.58
N LYS B 297 -3.74 12.37 36.84
CA LYS B 297 -2.73 13.35 37.24
C LYS B 297 -2.93 13.87 38.66
N ILE B 298 -3.78 13.24 39.46
CA ILE B 298 -4.08 13.77 40.81
C ILE B 298 -2.82 13.75 41.68
N PRO B 299 -2.40 14.88 42.26
CA PRO B 299 -1.21 14.88 43.12
C PRO B 299 -1.51 14.30 44.50
N GLY B 300 -0.46 13.86 45.17
CA GLY B 300 -0.54 13.45 46.56
C GLY B 300 0.11 12.11 46.84
N ARG B 301 -0.05 11.66 48.08
CA ARG B 301 0.51 10.42 48.58
C ARG B 301 -0.57 9.63 49.31
N LEU B 302 -0.40 8.31 49.33
CA LEU B 302 -1.36 7.40 49.95
C LEU B 302 -1.18 7.28 51.46
N ASN B 303 -0.25 8.04 52.05
CA ASN B 303 0.01 8.02 53.48
C ASN B 303 0.09 9.41 54.10
N ASP B 304 -0.45 10.43 53.43
CA ASP B 304 -0.41 11.82 53.92
C ASP B 304 -1.82 12.39 53.87
N ARG B 305 -2.45 12.49 55.04
CA ARG B 305 -3.84 12.91 55.19
C ARG B 305 -4.12 14.29 54.62
N ARG B 306 -3.09 15.11 54.39
CA ARG B 306 -3.29 16.47 53.92
C ARG B 306 -3.49 16.57 52.40
N THR B 307 -3.22 15.49 51.67
CA THR B 307 -3.27 15.50 50.21
C THR B 307 -4.60 14.91 49.73
N PRO B 308 -5.06 15.27 48.52
CA PRO B 308 -6.27 14.64 47.97
C PRO B 308 -6.34 13.12 48.09
N LEU B 309 -5.29 12.41 47.65
CA LEU B 309 -5.32 10.95 47.72
C LEU B 309 -5.38 10.47 49.17
N GLY B 310 -4.66 11.14 50.07
CA GLY B 310 -4.70 10.71 51.47
C GLY B 310 -6.10 10.86 52.03
N GLU B 311 -6.77 11.96 51.70
CA GLU B 311 -8.12 12.18 52.19
C GLU B 311 -9.06 11.11 51.65
N LEU B 312 -8.89 10.77 50.37
CA LEU B 312 -9.75 9.76 49.76
C LEU B 312 -9.52 8.40 50.40
N ASN B 313 -8.27 8.09 50.76
CA ASN B 313 -8.01 6.79 51.38
C ASN B 313 -8.58 6.73 52.79
N TRP B 314 -8.50 7.86 53.51
CA TRP B 314 -9.09 7.92 54.85
C TRP B 314 -10.59 7.71 54.76
N ILE B 315 -11.26 8.45 53.88
CA ILE B 315 -12.71 8.37 53.76
C ILE B 315 -13.11 6.96 53.35
N PHE B 316 -12.41 6.40 52.35
CA PHE B 316 -12.70 5.05 51.88
C PHE B 316 -12.62 4.04 53.02
N THR B 317 -11.54 4.10 53.82
CA THR B 317 -11.38 3.16 54.91
C THR B 317 -12.50 3.33 55.93
N ALA B 318 -12.82 4.58 56.29
CA ALA B 318 -13.85 4.82 57.29
C ALA B 318 -15.21 4.28 56.83
N ILE B 319 -15.56 4.51 55.56
CA ILE B 319 -16.86 4.05 55.07
C ILE B 319 -16.89 2.53 55.02
N THR B 320 -15.84 1.91 54.50
CA THR B 320 -15.83 0.46 54.38
C THR B 320 -15.96 -0.19 55.76
N ASP B 321 -15.21 0.32 56.74
CA ASP B 321 -15.28 -0.24 58.07
C ASP B 321 -16.66 -0.02 58.68
N THR B 322 -17.26 1.15 58.42
CA THR B 322 -18.60 1.42 58.95
C THR B 322 -19.59 0.41 58.41
N ILE B 323 -19.53 0.12 57.11
CA ILE B 323 -20.46 -0.84 56.51
C ILE B 323 -20.25 -2.20 57.15
N ALA B 324 -18.99 -2.64 57.27
CA ALA B 324 -18.73 -3.94 57.86
C ALA B 324 -19.28 -4.01 59.28
N TRP B 325 -19.07 -2.94 60.06
CA TRP B 325 -19.57 -2.89 61.43
C TRP B 325 -21.09 -3.04 61.47
N ASN B 326 -21.79 -2.35 60.58
CA ASN B 326 -23.24 -2.29 60.61
C ASN B 326 -23.92 -3.41 59.84
N VAL B 327 -23.19 -4.37 59.26
CA VAL B 327 -23.77 -5.48 58.51
C VAL B 327 -23.46 -6.83 59.13
N LEU B 328 -22.19 -7.08 59.44
CA LEU B 328 -21.79 -8.42 59.87
C LEU B 328 -22.08 -8.71 61.34
N PRO B 329 -22.30 -9.98 61.70
CA PRO B 329 -22.22 -10.37 63.12
C PRO B 329 -20.85 -10.03 63.70
N ARG B 330 -20.85 -9.68 64.99
CA ARG B 330 -19.62 -9.24 65.65
C ARG B 330 -18.52 -10.31 65.59
N ASP B 331 -18.91 -11.59 65.65
CA ASP B 331 -17.92 -12.66 65.59
C ASP B 331 -17.13 -12.59 64.29
N LEU B 332 -17.84 -12.57 63.15
CA LEU B 332 -17.17 -12.49 61.87
C LEU B 332 -16.43 -11.16 61.77
N PHE B 333 -17.03 -10.09 62.30
CA PHE B 333 -16.41 -8.78 62.22
C PHE B 333 -15.01 -8.81 62.79
N GLN B 334 -14.88 -9.29 64.02
CA GLN B 334 -13.56 -9.32 64.63
C GLN B 334 -12.64 -10.31 63.93
N LYS B 335 -13.17 -11.49 63.55
CA LYS B 335 -12.33 -12.49 62.90
C LYS B 335 -11.75 -12.00 61.58
N LEU B 336 -12.49 -11.19 60.83
CA LEU B 336 -12.05 -10.71 59.51
C LEU B 336 -11.37 -9.35 59.52
N PHE B 337 -11.81 -8.41 60.37
CA PHE B 337 -11.37 -7.02 60.31
C PHE B 337 -10.54 -6.60 61.51
N ARG B 338 -10.34 -7.46 62.52
CA ARG B 338 -9.58 -7.09 63.71
C ARG B 338 -8.47 -8.05 64.08
N GLN B 339 -8.53 -9.32 63.68
CA GLN B 339 -7.53 -10.30 64.08
C GLN B 339 -6.33 -10.36 63.16
N ASP B 340 -6.32 -9.60 62.06
CA ASP B 340 -5.17 -9.63 61.15
C ASP B 340 -5.23 -8.42 60.23
N LEU B 341 -4.07 -7.80 60.01
CA LEU B 341 -3.99 -6.64 59.12
C LEU B 341 -4.26 -7.02 57.66
N LEU B 342 -3.66 -8.11 57.19
CA LEU B 342 -3.79 -8.49 55.79
C LEU B 342 -5.24 -8.88 55.46
N VAL B 343 -5.82 -9.76 56.25
CA VAL B 343 -7.20 -10.19 55.98
C VAL B 343 -8.14 -9.00 56.01
N ALA B 344 -7.96 -8.12 57.00
CA ALA B 344 -8.84 -6.94 57.08
C ALA B 344 -8.71 -6.09 55.83
N SER B 345 -7.49 -5.91 55.32
CA SER B 345 -7.30 -5.09 54.12
C SER B 345 -7.98 -5.74 52.92
N LEU B 346 -7.81 -7.06 52.80
CA LEU B 346 -8.38 -7.76 51.65
C LEU B 346 -9.89 -7.71 51.66
N PHE B 347 -10.53 -7.90 52.83
CA PHE B 347 -11.99 -7.87 52.86
C PHE B 347 -12.53 -6.46 52.65
N ARG B 348 -11.82 -5.45 53.17
CA ARG B 348 -12.26 -4.07 52.93
C ARG B 348 -12.28 -3.79 51.44
N ASN B 349 -11.26 -4.27 50.72
CA ASN B 349 -11.25 -4.02 49.28
C ASN B 349 -12.24 -4.93 48.56
N PHE B 350 -12.46 -6.14 49.11
CA PHE B 350 -13.41 -7.09 48.55
C PHE B 350 -14.79 -6.46 48.42
N LEU B 351 -15.23 -5.71 49.43
CA LEU B 351 -16.57 -5.12 49.34
C LEU B 351 -16.67 -4.19 48.13
N LEU B 352 -15.57 -3.51 47.80
CA LEU B 352 -15.56 -2.65 46.62
C LEU B 352 -15.66 -3.50 45.38
N ALA B 353 -14.88 -4.58 45.35
CA ALA B 353 -14.89 -5.43 44.17
C ALA B 353 -16.29 -5.96 43.92
N GLU B 354 -17.01 -6.32 44.99
CA GLU B 354 -18.39 -6.77 44.88
C GLU B 354 -19.26 -5.70 44.21
N ARG B 355 -19.15 -4.46 44.71
CA ARG B 355 -20.00 -3.39 44.20
C ARG B 355 -19.72 -3.09 42.74
N ILE B 356 -18.45 -3.11 42.34
CA ILE B 356 -18.12 -2.79 40.95
C ILE B 356 -18.49 -3.95 40.04
N MET B 357 -18.09 -5.17 40.41
CA MET B 357 -18.26 -6.31 39.53
C MET B 357 -19.72 -6.70 39.33
N ARG B 358 -20.63 -6.37 40.28
CA ARG B 358 -22.02 -6.75 40.03
C ARG B 358 -22.63 -6.03 38.83
N SER B 359 -22.03 -4.94 38.36
CA SER B 359 -22.57 -4.21 37.22
C SER B 359 -22.23 -4.87 35.88
N TYR B 360 -21.37 -5.89 35.88
CA TYR B 360 -20.93 -6.58 34.67
C TYR B 360 -21.56 -7.96 34.51
N ASN B 361 -22.60 -8.26 35.29
CA ASN B 361 -23.07 -9.61 35.56
C ASN B 361 -22.01 -10.57 36.13
N CYS B 362 -21.19 -10.10 37.07
CA CYS B 362 -20.26 -10.97 37.77
C CYS B 362 -20.56 -10.92 39.26
N THR B 363 -20.46 -12.07 39.93
CA THR B 363 -20.68 -12.17 41.37
C THR B 363 -19.43 -12.72 42.07
N PRO B 364 -18.62 -11.91 42.74
CA PRO B 364 -17.50 -12.47 43.51
C PRO B 364 -18.02 -13.42 44.59
N VAL B 365 -17.23 -14.46 44.88
CA VAL B 365 -17.60 -15.48 45.87
C VAL B 365 -16.47 -15.61 46.87
N SER B 366 -16.82 -15.61 48.15
CA SER B 366 -15.88 -15.78 49.26
C SER B 366 -16.19 -17.10 49.97
N SER B 367 -15.16 -17.71 50.57
CA SER B 367 -15.38 -18.96 51.30
C SER B 367 -16.43 -18.83 52.39
N PRO B 368 -16.27 -17.98 53.40
CA PRO B 368 -17.43 -17.63 54.23
C PRO B 368 -18.36 -16.72 53.45
N ARG B 369 -19.66 -16.94 53.60
CA ARG B 369 -20.65 -16.13 52.90
C ARG B 369 -21.01 -14.92 53.76
N LEU B 370 -21.08 -13.75 53.10
CA LEU B 370 -21.44 -12.51 53.76
C LEU B 370 -22.81 -12.03 53.27
N PRO B 371 -23.58 -11.30 54.07
CA PRO B 371 -24.76 -10.64 53.55
C PRO B 371 -24.39 -9.65 52.45
N PRO B 372 -25.29 -9.40 51.50
CA PRO B 372 -24.98 -8.42 50.45
C PRO B 372 -24.84 -7.03 51.05
N THR B 373 -23.91 -6.24 50.49
CA THR B 373 -23.61 -4.90 50.97
C THR B 373 -23.79 -3.81 49.92
N TYR B 374 -23.87 -4.16 48.63
CA TYR B 374 -24.03 -3.15 47.58
C TYR B 374 -25.28 -2.30 47.77
N MET B 375 -26.26 -2.80 48.53
CA MET B 375 -27.52 -2.12 48.79
C MET B 375 -27.44 -1.09 49.89
N HIS B 376 -26.34 -1.04 50.65
CA HIS B 376 -26.27 -0.21 51.84
C HIS B 376 -26.21 1.27 51.48
N ALA B 377 -26.96 2.08 52.23
CA ALA B 377 -27.05 3.52 51.99
C ALA B 377 -25.70 4.25 52.04
N MET B 378 -24.75 3.76 52.85
CA MET B 378 -23.49 4.47 53.01
C MET B 378 -22.72 4.65 51.70
N TRP B 379 -22.97 3.82 50.69
CA TRP B 379 -22.23 3.98 49.44
C TRP B 379 -22.52 5.32 48.79
N GLN B 380 -23.72 5.86 49.05
CA GLN B 380 -24.06 7.14 48.44
C GLN B 380 -23.15 8.24 48.98
N ALA B 381 -22.79 8.13 50.26
CA ALA B 381 -21.92 9.14 50.86
C ALA B 381 -20.60 9.17 50.15
N TRP B 382 -20.09 7.98 49.79
CA TRP B 382 -18.81 7.90 49.10
C TRP B 382 -18.90 8.64 47.78
N ASP B 383 -19.97 8.39 47.03
CA ASP B 383 -20.10 9.01 45.72
C ASP B 383 -20.06 10.52 45.84
N LEU B 384 -20.73 11.05 46.86
CA LEU B 384 -20.76 12.50 47.02
C LEU B 384 -19.36 13.02 47.31
N ALA B 385 -18.68 12.38 48.26
CA ALA B 385 -17.35 12.83 48.65
C ALA B 385 -16.43 12.85 47.44
N VAL B 386 -16.56 11.84 46.57
CA VAL B 386 -15.67 11.77 45.41
C VAL B 386 -15.89 12.98 44.52
N ASP B 387 -17.15 13.31 44.23
CA ASP B 387 -17.43 14.43 43.36
C ASP B 387 -16.88 15.72 43.96
N ILE B 388 -16.97 15.87 45.28
CA ILE B 388 -16.47 17.08 45.92
C ILE B 388 -14.98 17.18 45.70
N CYS B 389 -14.26 16.08 45.95
CA CYS B 389 -12.82 16.13 45.78
C CYS B 389 -12.48 16.37 44.33
N LEU B 390 -13.20 15.71 43.43
CA LEU B 390 -12.87 15.85 42.01
C LEU B 390 -13.18 17.27 41.56
N SER B 391 -14.16 17.93 42.18
CA SER B 391 -14.48 19.28 41.73
C SER B 391 -13.34 20.26 42.02
N GLN B 392 -12.39 19.90 42.90
CA GLN B 392 -11.29 20.80 43.21
C GLN B 392 -10.08 20.62 42.30
N LEU B 393 -10.04 19.58 41.48
CA LEU B 393 -8.87 19.31 40.65
C LEU B 393 -8.60 20.35 39.57
N PRO B 394 -9.64 20.89 38.87
CA PRO B 394 -9.30 21.83 37.79
C PRO B 394 -9.27 23.28 38.29
N GLU C 111 1.54 -3.24 65.96
CA GLU C 111 1.01 -4.44 65.24
C GLU C 111 -0.51 -4.48 65.29
N SER C 112 -1.12 -3.32 65.17
CA SER C 112 -2.58 -3.20 65.15
C SER C 112 -3.12 -3.42 63.74
N GLN C 113 -4.40 -3.77 63.67
CA GLN C 113 -5.07 -3.87 62.38
C GLN C 113 -5.18 -2.53 61.66
N PHE C 114 -4.98 -1.42 62.37
CA PHE C 114 -5.02 -0.10 61.77
C PHE C 114 -4.23 0.84 62.66
N GLU C 115 -3.30 1.58 62.06
CA GLU C 115 -2.44 2.52 62.76
C GLU C 115 -2.54 3.88 62.08
N MET C 116 -2.42 4.93 62.88
CA MET C 116 -2.54 6.28 62.39
C MET C 116 -1.85 7.24 63.35
N ASP C 117 -1.71 8.49 62.92
CA ASP C 117 -1.13 9.55 63.74
C ASP C 117 -1.88 10.84 63.42
N ILE C 118 -2.78 11.24 64.31
CA ILE C 118 -3.67 12.38 64.09
C ILE C 118 -3.44 13.35 65.25
#